data_6CDA
# 
_entry.id   6CDA 
# 
_audit_conform.dict_name       mmcif_pdbx.dic 
_audit_conform.dict_version    5.379 
_audit_conform.dict_location   http://mmcif.pdb.org/dictionaries/ascii/mmcif_pdbx.dic 
# 
loop_
_database_2.database_id 
_database_2.database_code 
_database_2.pdbx_database_accession 
_database_2.pdbx_DOI 
PDB   6CDA         pdb_00006cda 10.2210/pdb6cda/pdb 
WWPDB D_1000232519 ?            ?                   
# 
_pdbx_database_status.status_code                     REL 
_pdbx_database_status.status_code_sf                  REL 
_pdbx_database_status.status_code_mr                  ? 
_pdbx_database_status.entry_id                        6CDA 
_pdbx_database_status.recvd_initial_deposition_date   2018-02-08 
_pdbx_database_status.SG_entry                        N 
_pdbx_database_status.deposit_site                    RCSB 
_pdbx_database_status.process_site                    RCSB 
_pdbx_database_status.status_code_cs                  ? 
_pdbx_database_status.methods_development_category    ? 
_pdbx_database_status.pdb_format_compatible           Y 
_pdbx_database_status.status_code_nmr_data            ? 
# 
loop_
_audit_author.name 
_audit_author.pdbx_ordinal 
_audit_author.identifier_ORCID 
'Capdevila, D.A.'        1 ? 
'Gonzalez-Gutierrez, G.' 2 ? 
'Giedroc, D.P.'          3 ? 
# 
_citation.abstract                  ? 
_citation.abstract_id_CAS           ? 
_citation.book_id_ISBN              ? 
_citation.book_publisher            ? 
_citation.book_publisher_city       ? 
_citation.book_title                ? 
_citation.coordinate_linkage        ? 
_citation.country                   US 
_citation.database_id_Medline       ? 
_citation.details                   ? 
_citation.id                        primary 
_citation.journal_abbrev            'J. Am. Chem. Soc.' 
_citation.journal_id_ASTM           JACSAT 
_citation.journal_id_CSD            ? 
_citation.journal_id_ISSN           1520-5126 
_citation.journal_full              ? 
_citation.journal_issue             ? 
_citation.journal_volume            140 
_citation.language                  ? 
_citation.page_first                9108 
_citation.page_last                 9119 
_citation.title                     
'Functional Role of Solvent Entropy and Conformational Entropy of Metal Binding in a Dynamically Driven Allosteric System.' 
_citation.year                      2018 
_citation.database_id_CSD           ? 
_citation.pdbx_database_id_DOI      10.1021/jacs.8b02129 
_citation.pdbx_database_id_PubMed   29953213 
_citation.unpublished_flag          ? 
# 
loop_
_citation_author.citation_id 
_citation_author.name 
_citation_author.ordinal 
_citation_author.identifier_ORCID 
primary 'Capdevila, D.A.'        1 0000-0002-0500-1016 
primary 'Edmonds, K.A.'          2 ?                   
primary 'Campanello, G.C.'       3 ?                   
primary 'Wu, H.'                 4 ?                   
primary 'Gonzalez-Gutierrez, G.' 5 ?                   
primary 'Giedroc, D.P.'          6 0000-0002-2342-1620 
# 
_cell.angle_alpha                  90.000 
_cell.angle_alpha_esd              ? 
_cell.angle_beta                   90.000 
_cell.angle_beta_esd               ? 
_cell.angle_gamma                  90.000 
_cell.angle_gamma_esd              ? 
_cell.entry_id                     6CDA 
_cell.details                      ? 
_cell.formula_units_Z              ? 
_cell.length_a                     31.987 
_cell.length_a_esd                 ? 
_cell.length_b                     31.987 
_cell.length_b_esd                 ? 
_cell.length_c                     183.392 
_cell.length_c_esd                 ? 
_cell.volume                       ? 
_cell.volume_esd                   ? 
_cell.Z_PDB                        8 
_cell.reciprocal_angle_alpha       ? 
_cell.reciprocal_angle_beta        ? 
_cell.reciprocal_angle_gamma       ? 
_cell.reciprocal_angle_alpha_esd   ? 
_cell.reciprocal_angle_beta_esd    ? 
_cell.reciprocal_angle_gamma_esd   ? 
_cell.reciprocal_length_a          ? 
_cell.reciprocal_length_b          ? 
_cell.reciprocal_length_c          ? 
_cell.reciprocal_length_a_esd      ? 
_cell.reciprocal_length_b_esd      ? 
_cell.reciprocal_length_c_esd      ? 
_cell.pdbx_unique_axis             ? 
# 
_symmetry.entry_id                         6CDA 
_symmetry.cell_setting                     ? 
_symmetry.Int_Tables_number                92 
_symmetry.space_group_name_Hall            ? 
_symmetry.space_group_name_H-M             'P 41 21 2' 
_symmetry.pdbx_full_space_group_name_H-M   ? 
# 
loop_
_entity.id 
_entity.type 
_entity.src_method 
_entity.pdbx_description 
_entity.formula_weight 
_entity.pdbx_number_of_molecules 
_entity.pdbx_ec 
_entity.pdbx_mutation 
_entity.pdbx_fragment 
_entity.details 
1 polymer     man 'ArsR family transcriptional regulator' 11965.628 1  ? ? ? ? 
2 non-polymer syn 'ZINC ION'                              65.409    1  ? ? ? ? 
3 non-polymer syn 'CHLORIDE ION'                          35.453    2  ? ? ? ? 
4 non-polymer nat 'TETRAETHYLENE GLYCOL'                  194.226   1  ? ? ? ? 
5 non-polymer syn GLYCEROL                                92.094    2  ? ? ? ? 
6 water       nat water                                   18.015    37 ? ? ? ? 
# 
_entity_name_com.entity_id   1 
_entity_name_com.name        
;CzrA protein,HTH-type transcriptional repressor CzrA,Putative HTH-type transcriptional repressor CzrA,Repressor protein,Transcriptional regulator,Zn(II) or Co(II)-specific transcriptional repressor protein
;
# 
_entity_poly.entity_id                      1 
_entity_poly.type                           'polypeptide(L)' 
_entity_poly.nstd_linkage                   no 
_entity_poly.nstd_monomer                   no 
_entity_poly.pdbx_seq_one_letter_code       
;MSEQYSEINTDTLERVTEIFKALGDYNRIRIMEALSVSEASVGHISHQLNLSQSNVSHQLKLLKSVHLVKAKRQGQSMIY
SLDDIHVATMLKQAIHHANHPKESGL
;
_entity_poly.pdbx_seq_one_letter_code_can   
;MSEQYSEINTDTLERVTEIFKALGDYNRIRIMEALSVSEASVGHISHQLNLSQSNVSHQLKLLKSVHLVKAKRQGQSMIY
SLDDIHVATMLKQAIHHANHPKESGL
;
_entity_poly.pdbx_strand_id                 A 
_entity_poly.pdbx_target_identifier         ? 
# 
loop_
_entity_poly_seq.entity_id 
_entity_poly_seq.num 
_entity_poly_seq.mon_id 
_entity_poly_seq.hetero 
1 1   MET n 
1 2   SER n 
1 3   GLU n 
1 4   GLN n 
1 5   TYR n 
1 6   SER n 
1 7   GLU n 
1 8   ILE n 
1 9   ASN n 
1 10  THR n 
1 11  ASP n 
1 12  THR n 
1 13  LEU n 
1 14  GLU n 
1 15  ARG n 
1 16  VAL n 
1 17  THR n 
1 18  GLU n 
1 19  ILE n 
1 20  PHE n 
1 21  LYS n 
1 22  ALA n 
1 23  LEU n 
1 24  GLY n 
1 25  ASP n 
1 26  TYR n 
1 27  ASN n 
1 28  ARG n 
1 29  ILE n 
1 30  ARG n 
1 31  ILE n 
1 32  MET n 
1 33  GLU n 
1 34  ALA n 
1 35  LEU n 
1 36  SER n 
1 37  VAL n 
1 38  SER n 
1 39  GLU n 
1 40  ALA n 
1 41  SER n 
1 42  VAL n 
1 43  GLY n 
1 44  HIS n 
1 45  ILE n 
1 46  SER n 
1 47  HIS n 
1 48  GLN n 
1 49  LEU n 
1 50  ASN n 
1 51  LEU n 
1 52  SER n 
1 53  GLN n 
1 54  SER n 
1 55  ASN n 
1 56  VAL n 
1 57  SER n 
1 58  HIS n 
1 59  GLN n 
1 60  LEU n 
1 61  LYS n 
1 62  LEU n 
1 63  LEU n 
1 64  LYS n 
1 65  SER n 
1 66  VAL n 
1 67  HIS n 
1 68  LEU n 
1 69  VAL n 
1 70  LYS n 
1 71  ALA n 
1 72  LYS n 
1 73  ARG n 
1 74  GLN n 
1 75  GLY n 
1 76  GLN n 
1 77  SER n 
1 78  MET n 
1 79  ILE n 
1 80  TYR n 
1 81  SER n 
1 82  LEU n 
1 83  ASP n 
1 84  ASP n 
1 85  ILE n 
1 86  HIS n 
1 87  VAL n 
1 88  ALA n 
1 89  THR n 
1 90  MET n 
1 91  LEU n 
1 92  LYS n 
1 93  GLN n 
1 94  ALA n 
1 95  ILE n 
1 96  HIS n 
1 97  HIS n 
1 98  ALA n 
1 99  ASN n 
1 100 HIS n 
1 101 PRO n 
1 102 LYS n 
1 103 GLU n 
1 104 SER n 
1 105 GLY n 
1 106 LEU n 
# 
_entity_src_gen.entity_id                          1 
_entity_src_gen.pdbx_src_id                        1 
_entity_src_gen.pdbx_alt_source_flag               sample 
_entity_src_gen.pdbx_seq_type                      'Biological sequence' 
_entity_src_gen.pdbx_beg_seq_num                   1 
_entity_src_gen.pdbx_end_seq_num                   106 
_entity_src_gen.gene_src_common_name               ? 
_entity_src_gen.gene_src_genus                     ? 
_entity_src_gen.pdbx_gene_src_gene                 
;rzcA, CzrA, czrA, AFO97_05125, B9Z04_11610, B9Z08_13310, BJI53_13345, BN1321_350009, EP54_06885, EQ90_13065, ERS072738_01903, ERS072840_01825, HMPREF3211_00009
;
_entity_src_gen.gene_src_species                   ? 
_entity_src_gen.gene_src_strain                    ? 
_entity_src_gen.gene_src_tissue                    ? 
_entity_src_gen.gene_src_tissue_fraction           ? 
_entity_src_gen.gene_src_details                   ? 
_entity_src_gen.pdbx_gene_src_fragment             ? 
_entity_src_gen.pdbx_gene_src_scientific_name      'Staphylococcus aureus' 
_entity_src_gen.pdbx_gene_src_ncbi_taxonomy_id     1280 
_entity_src_gen.pdbx_gene_src_variant              ? 
_entity_src_gen.pdbx_gene_src_cell_line            ? 
_entity_src_gen.pdbx_gene_src_atcc                 ? 
_entity_src_gen.pdbx_gene_src_organ                ? 
_entity_src_gen.pdbx_gene_src_organelle            ? 
_entity_src_gen.pdbx_gene_src_cell                 ? 
_entity_src_gen.pdbx_gene_src_cellular_location    ? 
_entity_src_gen.host_org_common_name               ? 
_entity_src_gen.pdbx_host_org_scientific_name      'Escherichia coli' 
_entity_src_gen.pdbx_host_org_ncbi_taxonomy_id     562 
_entity_src_gen.host_org_genus                     ? 
_entity_src_gen.pdbx_host_org_gene                 ? 
_entity_src_gen.pdbx_host_org_organ                ? 
_entity_src_gen.host_org_species                   ? 
_entity_src_gen.pdbx_host_org_tissue               ? 
_entity_src_gen.pdbx_host_org_tissue_fraction      ? 
_entity_src_gen.pdbx_host_org_strain               ? 
_entity_src_gen.pdbx_host_org_variant              ? 
_entity_src_gen.pdbx_host_org_cell_line            ? 
_entity_src_gen.pdbx_host_org_atcc                 ? 
_entity_src_gen.pdbx_host_org_culture_collection   ? 
_entity_src_gen.pdbx_host_org_cell                 ? 
_entity_src_gen.pdbx_host_org_organelle            ? 
_entity_src_gen.pdbx_host_org_cellular_location    ? 
_entity_src_gen.pdbx_host_org_vector_type          ? 
_entity_src_gen.pdbx_host_org_vector               ? 
_entity_src_gen.host_org_details                   ? 
_entity_src_gen.expression_system_id               ? 
_entity_src_gen.plasmid_name                       ? 
_entity_src_gen.plasmid_details                    ? 
_entity_src_gen.pdbx_description                   ? 
# 
_struct_ref.id                         1 
_struct_ref.db_name                    UNP 
_struct_ref.db_code                    O85142_STAAU 
_struct_ref.pdbx_db_accession          O85142 
_struct_ref.pdbx_db_isoform            ? 
_struct_ref.entity_id                  1 
_struct_ref.pdbx_seq_one_letter_code   
;MSEQYSEINTDTLERVTEIFKALGDYNRIRIMELLSVSEASVGHISHQLNLSQSNVSHQLKLLKSVHLVKAKRQGQSMIY
SLDDIHVATMLKQAIHHANHPKESGL
;
_struct_ref.pdbx_align_begin           1 
# 
_struct_ref_seq.align_id                      1 
_struct_ref_seq.ref_id                        1 
_struct_ref_seq.pdbx_PDB_id_code              6CDA 
_struct_ref_seq.pdbx_strand_id                A 
_struct_ref_seq.seq_align_beg                 1 
_struct_ref_seq.pdbx_seq_align_beg_ins_code   ? 
_struct_ref_seq.seq_align_end                 106 
_struct_ref_seq.pdbx_seq_align_end_ins_code   ? 
_struct_ref_seq.pdbx_db_accession             O85142 
_struct_ref_seq.db_align_beg                  1 
_struct_ref_seq.pdbx_db_align_beg_ins_code    ? 
_struct_ref_seq.db_align_end                  106 
_struct_ref_seq.pdbx_db_align_end_ins_code    ? 
_struct_ref_seq.pdbx_auth_seq_align_beg       1 
_struct_ref_seq.pdbx_auth_seq_align_end       106 
# 
_struct_ref_seq_dif.align_id                     1 
_struct_ref_seq_dif.pdbx_pdb_id_code             6CDA 
_struct_ref_seq_dif.mon_id                       ALA 
_struct_ref_seq_dif.pdbx_pdb_strand_id           A 
_struct_ref_seq_dif.seq_num                      34 
_struct_ref_seq_dif.pdbx_pdb_ins_code            ? 
_struct_ref_seq_dif.pdbx_seq_db_name             UNP 
_struct_ref_seq_dif.pdbx_seq_db_accession_code   O85142 
_struct_ref_seq_dif.db_mon_id                    LEU 
_struct_ref_seq_dif.pdbx_seq_db_seq_num          34 
_struct_ref_seq_dif.details                      'engineered mutation' 
_struct_ref_seq_dif.pdbx_auth_seq_num            34 
_struct_ref_seq_dif.pdbx_ordinal                 1 
# 
loop_
_chem_comp.id 
_chem_comp.type 
_chem_comp.mon_nstd_flag 
_chem_comp.name 
_chem_comp.pdbx_synonyms 
_chem_comp.formula 
_chem_comp.formula_weight 
ALA 'L-peptide linking' y ALANINE                ?                               'C3 H7 N O2'     89.093  
ARG 'L-peptide linking' y ARGININE               ?                               'C6 H15 N4 O2 1' 175.209 
ASN 'L-peptide linking' y ASPARAGINE             ?                               'C4 H8 N2 O3'    132.118 
ASP 'L-peptide linking' y 'ASPARTIC ACID'        ?                               'C4 H7 N O4'     133.103 
CL  non-polymer         . 'CHLORIDE ION'         ?                               'Cl -1'          35.453  
GLN 'L-peptide linking' y GLUTAMINE              ?                               'C5 H10 N2 O3'   146.144 
GLU 'L-peptide linking' y 'GLUTAMIC ACID'        ?                               'C5 H9 N O4'     147.129 
GLY 'peptide linking'   y GLYCINE                ?                               'C2 H5 N O2'     75.067  
GOL non-polymer         . GLYCEROL               'GLYCERIN; PROPANE-1,2,3-TRIOL' 'C3 H8 O3'       92.094  
HIS 'L-peptide linking' y HISTIDINE              ?                               'C6 H10 N3 O2 1' 156.162 
HOH non-polymer         . WATER                  ?                               'H2 O'           18.015  
ILE 'L-peptide linking' y ISOLEUCINE             ?                               'C6 H13 N O2'    131.173 
LEU 'L-peptide linking' y LEUCINE                ?                               'C6 H13 N O2'    131.173 
LYS 'L-peptide linking' y LYSINE                 ?                               'C6 H15 N2 O2 1' 147.195 
MET 'L-peptide linking' y METHIONINE             ?                               'C5 H11 N O2 S'  149.211 
PG4 non-polymer         . 'TETRAETHYLENE GLYCOL' ?                               'C8 H18 O5'      194.226 
PHE 'L-peptide linking' y PHENYLALANINE          ?                               'C9 H11 N O2'    165.189 
PRO 'L-peptide linking' y PROLINE                ?                               'C5 H9 N O2'     115.130 
SER 'L-peptide linking' y SERINE                 ?                               'C3 H7 N O3'     105.093 
THR 'L-peptide linking' y THREONINE              ?                               'C4 H9 N O3'     119.119 
TYR 'L-peptide linking' y TYROSINE               ?                               'C9 H11 N O3'    181.189 
VAL 'L-peptide linking' y VALINE                 ?                               'C5 H11 N O2'    117.146 
ZN  non-polymer         . 'ZINC ION'             ?                               'Zn 2'           65.409  
# 
_exptl.absorpt_coefficient_mu     ? 
_exptl.absorpt_correction_T_max   ? 
_exptl.absorpt_correction_T_min   ? 
_exptl.absorpt_correction_type    ? 
_exptl.absorpt_process_details    ? 
_exptl.entry_id                   6CDA 
_exptl.crystals_number            1 
_exptl.details                    ? 
_exptl.method                     'X-RAY DIFFRACTION' 
_exptl.method_details             ? 
# 
_exptl_crystal.colour                      ? 
_exptl_crystal.density_diffrn              ? 
_exptl_crystal.density_Matthews            1.96 
_exptl_crystal.density_method              ? 
_exptl_crystal.density_percent_sol         37.25 
_exptl_crystal.description                 ? 
_exptl_crystal.F_000                       ? 
_exptl_crystal.id                          1 
_exptl_crystal.preparation                 ? 
_exptl_crystal.size_max                    ? 
_exptl_crystal.size_mid                    ? 
_exptl_crystal.size_min                    ? 
_exptl_crystal.size_rad                    ? 
_exptl_crystal.colour_lustre               ? 
_exptl_crystal.colour_modifier             ? 
_exptl_crystal.colour_primary              ? 
_exptl_crystal.density_meas                ? 
_exptl_crystal.density_meas_esd            ? 
_exptl_crystal.density_meas_gt             ? 
_exptl_crystal.density_meas_lt             ? 
_exptl_crystal.density_meas_temp           ? 
_exptl_crystal.density_meas_temp_esd       ? 
_exptl_crystal.density_meas_temp_gt        ? 
_exptl_crystal.density_meas_temp_lt        ? 
_exptl_crystal.pdbx_crystal_image_url      ? 
_exptl_crystal.pdbx_crystal_image_format   ? 
_exptl_crystal.pdbx_mosaicity              ? 
_exptl_crystal.pdbx_mosaicity_esd          ? 
# 
_exptl_crystal_grow.apparatus       ? 
_exptl_crystal_grow.atmosphere      ? 
_exptl_crystal_grow.crystal_id      1 
_exptl_crystal_grow.details         ? 
_exptl_crystal_grow.method          'VAPOR DIFFUSION, HANGING DROP' 
_exptl_crystal_grow.method_ref      ? 
_exptl_crystal_grow.pH              9 
_exptl_crystal_grow.pressure        ? 
_exptl_crystal_grow.pressure_esd    ? 
_exptl_crystal_grow.seeding         ? 
_exptl_crystal_grow.seeding_ref     ? 
_exptl_crystal_grow.temp            293 
_exptl_crystal_grow.temp_details    ? 
_exptl_crystal_grow.temp_esd        ? 
_exptl_crystal_grow.time            ? 
_exptl_crystal_grow.pdbx_details    '0.1 M bis-tris propane (pH 9) and polyethylene glycol 550 20-22%' 
_exptl_crystal_grow.pdbx_pH_range   ? 
# 
_diffrn.ambient_environment    ? 
_diffrn.ambient_temp           100 
_diffrn.ambient_temp_details   ? 
_diffrn.ambient_temp_esd       ? 
_diffrn.crystal_id             1 
_diffrn.crystal_support        ? 
_diffrn.crystal_treatment      ? 
_diffrn.details                ? 
_diffrn.id                     1 
_diffrn.ambient_pressure       ? 
_diffrn.ambient_pressure_esd   ? 
_diffrn.ambient_pressure_gt    ? 
_diffrn.ambient_pressure_lt    ? 
_diffrn.ambient_temp_gt        ? 
_diffrn.ambient_temp_lt        ? 
# 
_diffrn_detector.details                      ? 
_diffrn_detector.detector                     CMOS 
_diffrn_detector.diffrn_id                    1 
_diffrn_detector.type                         'RDI CMOS_8M' 
_diffrn_detector.area_resol_mean              ? 
_diffrn_detector.dtime                        ? 
_diffrn_detector.pdbx_frames_total            ? 
_diffrn_detector.pdbx_collection_time_total   ? 
_diffrn_detector.pdbx_collection_date         2017-05-17 
# 
_diffrn_radiation.collimation                      ? 
_diffrn_radiation.diffrn_id                        1 
_diffrn_radiation.filter_edge                      ? 
_diffrn_radiation.inhomogeneity                    ? 
_diffrn_radiation.monochromator                    ? 
_diffrn_radiation.polarisn_norm                    ? 
_diffrn_radiation.polarisn_ratio                   ? 
_diffrn_radiation.probe                            ? 
_diffrn_radiation.type                             ? 
_diffrn_radiation.xray_symbol                      ? 
_diffrn_radiation.wavelength_id                    1 
_diffrn_radiation.pdbx_monochromatic_or_laue_m_l   M 
_diffrn_radiation.pdbx_wavelength_list             ? 
_diffrn_radiation.pdbx_wavelength                  ? 
_diffrn_radiation.pdbx_diffrn_protocol             'SINGLE WAVELENGTH' 
_diffrn_radiation.pdbx_analyzer                    ? 
_diffrn_radiation.pdbx_scattering_type             x-ray 
# 
_diffrn_radiation_wavelength.id           1 
_diffrn_radiation_wavelength.wavelength   1.00003 
_diffrn_radiation_wavelength.wt           1.0 
# 
_diffrn_source.current                     ? 
_diffrn_source.details                     ? 
_diffrn_source.diffrn_id                   1 
_diffrn_source.power                       ? 
_diffrn_source.size                        ? 
_diffrn_source.source                      SYNCHROTRON 
_diffrn_source.target                      ? 
_diffrn_source.type                        'ALS BEAMLINE 4.2.2' 
_diffrn_source.voltage                     ? 
_diffrn_source.take-off_angle              ? 
_diffrn_source.pdbx_wavelength_list        1.00003 
_diffrn_source.pdbx_wavelength             ? 
_diffrn_source.pdbx_synchrotron_beamline   4.2.2 
_diffrn_source.pdbx_synchrotron_site       ALS 
# 
_reflns.B_iso_Wilson_estimate            ? 
_reflns.entry_id                         6CDA 
_reflns.data_reduction_details           ? 
_reflns.data_reduction_method            ? 
_reflns.d_resolution_high                2.00 
_reflns.d_resolution_low                 45.85 
_reflns.details                          ? 
_reflns.limit_h_max                      ? 
_reflns.limit_h_min                      ? 
_reflns.limit_k_max                      ? 
_reflns.limit_k_min                      ? 
_reflns.limit_l_max                      ? 
_reflns.limit_l_min                      ? 
_reflns.number_all                       ? 
_reflns.number_obs                       6867 
_reflns.observed_criterion               ? 
_reflns.observed_criterion_F_max         ? 
_reflns.observed_criterion_F_min         ? 
_reflns.observed_criterion_I_max         ? 
_reflns.observed_criterion_I_min         ? 
_reflns.observed_criterion_sigma_F       ? 
_reflns.observed_criterion_sigma_I       ? 
_reflns.percent_possible_obs             96.4 
_reflns.R_free_details                   ? 
_reflns.Rmerge_F_all                     ? 
_reflns.Rmerge_F_obs                     ? 
_reflns.Friedel_coverage                 ? 
_reflns.number_gt                        ? 
_reflns.threshold_expression             ? 
_reflns.pdbx_redundancy                  12.4 
_reflns.pdbx_Rmerge_I_obs                ? 
_reflns.pdbx_Rmerge_I_all                ? 
_reflns.pdbx_Rsym_value                  0.097 
_reflns.pdbx_netI_over_av_sigmaI         ? 
_reflns.pdbx_netI_over_sigmaI            17.6 
_reflns.pdbx_res_netI_over_av_sigmaI_2   ? 
_reflns.pdbx_res_netI_over_sigmaI_2      ? 
_reflns.pdbx_chi_squared                 ? 
_reflns.pdbx_scaling_rejects             ? 
_reflns.pdbx_d_res_high_opt              ? 
_reflns.pdbx_d_res_low_opt               ? 
_reflns.pdbx_d_res_opt_method            ? 
_reflns.phase_calculation_details        ? 
_reflns.pdbx_Rrim_I_all                  0.101 
_reflns.pdbx_Rpim_I_all                  0.028 
_reflns.pdbx_d_opt                       ? 
_reflns.pdbx_number_measured_all         ? 
_reflns.pdbx_diffrn_id                   1 
_reflns.pdbx_ordinal                     1 
_reflns.pdbx_CC_half                     0.999 
_reflns.pdbx_R_split                     ? 
# 
_reflns_shell.d_res_high                  2.000 
_reflns_shell.d_res_low                   2.072 
_reflns_shell.meanI_over_sigI_all         ? 
_reflns_shell.meanI_over_sigI_obs         2.5 
_reflns_shell.number_measured_all         ? 
_reflns_shell.number_measured_obs         ? 
_reflns_shell.number_possible             ? 
_reflns_shell.number_unique_all           ? 
_reflns_shell.number_unique_obs           ? 
_reflns_shell.percent_possible_all        100 
_reflns_shell.percent_possible_obs        ? 
_reflns_shell.Rmerge_F_all                ? 
_reflns_shell.Rmerge_F_obs                ? 
_reflns_shell.Rmerge_I_all                ? 
_reflns_shell.Rmerge_I_obs                ? 
_reflns_shell.meanI_over_sigI_gt          ? 
_reflns_shell.meanI_over_uI_all           ? 
_reflns_shell.meanI_over_uI_gt            ? 
_reflns_shell.number_measured_gt          ? 
_reflns_shell.number_unique_gt            ? 
_reflns_shell.percent_possible_gt         ? 
_reflns_shell.Rmerge_F_gt                 ? 
_reflns_shell.Rmerge_I_gt                 ? 
_reflns_shell.pdbx_redundancy             13 
_reflns_shell.pdbx_Rsym_value             1.069 
_reflns_shell.pdbx_chi_squared            ? 
_reflns_shell.pdbx_netI_over_sigmaI_all   ? 
_reflns_shell.pdbx_netI_over_sigmaI_obs   ? 
_reflns_shell.pdbx_Rrim_I_all             1.112 
_reflns_shell.pdbx_Rpim_I_all             0.304 
_reflns_shell.pdbx_rejects                ? 
_reflns_shell.pdbx_ordinal                1 
_reflns_shell.pdbx_diffrn_id              1 
_reflns_shell.pdbx_CC_half                0.878 
_reflns_shell.pdbx_R_split                ? 
# 
_refine.aniso_B[1][1]                            ? 
_refine.aniso_B[1][2]                            ? 
_refine.aniso_B[1][3]                            ? 
_refine.aniso_B[2][2]                            ? 
_refine.aniso_B[2][3]                            ? 
_refine.aniso_B[3][3]                            ? 
_refine.B_iso_max                                114.680 
_refine.B_iso_mean                               40.7409 
_refine.B_iso_min                                19.450 
_refine.correlation_coeff_Fo_to_Fc               ? 
_refine.correlation_coeff_Fo_to_Fc_free          ? 
_refine.details                                  ? 
_refine.diff_density_max                         ? 
_refine.diff_density_max_esd                     ? 
_refine.diff_density_min                         ? 
_refine.diff_density_min_esd                     ? 
_refine.diff_density_rms                         ? 
_refine.diff_density_rms_esd                     ? 
_refine.entry_id                                 6CDA 
_refine.pdbx_refine_id                           'X-RAY DIFFRACTION' 
_refine.ls_abs_structure_details                 ? 
_refine.ls_abs_structure_Flack                   ? 
_refine.ls_abs_structure_Flack_esd               ? 
_refine.ls_abs_structure_Rogers                  ? 
_refine.ls_abs_structure_Rogers_esd              ? 
_refine.ls_d_res_high                            2.0000 
_refine.ls_d_res_low                             45.8480 
_refine.ls_extinction_coef                       ? 
_refine.ls_extinction_coef_esd                   ? 
_refine.ls_extinction_expression                 ? 
_refine.ls_extinction_method                     ? 
_refine.ls_goodness_of_fit_all                   ? 
_refine.ls_goodness_of_fit_all_esd               ? 
_refine.ls_goodness_of_fit_obs                   ? 
_refine.ls_goodness_of_fit_obs_esd               ? 
_refine.ls_hydrogen_treatment                    ? 
_refine.ls_matrix_type                           ? 
_refine.ls_number_constraints                    ? 
_refine.ls_number_parameters                     ? 
_refine.ls_number_reflns_all                     ? 
_refine.ls_number_reflns_obs                     6867 
_refine.ls_number_reflns_R_free                  335 
_refine.ls_number_reflns_R_work                  ? 
_refine.ls_number_restraints                     ? 
_refine.ls_percent_reflns_obs                    96.3500 
_refine.ls_percent_reflns_R_free                 4.8800 
_refine.ls_R_factor_all                          ? 
_refine.ls_R_factor_obs                          0.2008 
_refine.ls_R_factor_R_free                       0.2424 
_refine.ls_R_factor_R_free_error                 ? 
_refine.ls_R_factor_R_free_error_details         ? 
_refine.ls_R_factor_R_work                       0.1986 
_refine.ls_R_Fsqd_factor_obs                     ? 
_refine.ls_R_I_factor_obs                        ? 
_refine.ls_redundancy_reflns_all                 ? 
_refine.ls_redundancy_reflns_obs                 ? 
_refine.ls_restrained_S_all                      ? 
_refine.ls_restrained_S_obs                      ? 
_refine.ls_shift_over_esd_max                    ? 
_refine.ls_shift_over_esd_mean                   ? 
_refine.ls_structure_factor_coef                 ? 
_refine.ls_weighting_details                     ? 
_refine.ls_weighting_scheme                      ? 
_refine.ls_wR_factor_all                         ? 
_refine.ls_wR_factor_obs                         ? 
_refine.ls_wR_factor_R_free                      ? 
_refine.ls_wR_factor_R_work                      ? 
_refine.occupancy_max                            ? 
_refine.occupancy_min                            ? 
_refine.solvent_model_details                    ? 
_refine.solvent_model_param_bsol                 ? 
_refine.solvent_model_param_ksol                 ? 
_refine.ls_R_factor_gt                           ? 
_refine.ls_goodness_of_fit_gt                    ? 
_refine.ls_goodness_of_fit_ref                   ? 
_refine.ls_shift_over_su_max                     ? 
_refine.ls_shift_over_su_max_lt                  ? 
_refine.ls_shift_over_su_mean                    ? 
_refine.ls_shift_over_su_mean_lt                 ? 
_refine.pdbx_ls_sigma_I                          ? 
_refine.pdbx_ls_sigma_F                          0.000 
_refine.pdbx_ls_sigma_Fsqd                       ? 
_refine.pdbx_data_cutoff_high_absF               ? 
_refine.pdbx_data_cutoff_high_rms_absF           ? 
_refine.pdbx_data_cutoff_low_absF                ? 
_refine.pdbx_isotropic_thermal_model             ? 
_refine.pdbx_ls_cross_valid_method               THROUGHOUT 
_refine.pdbx_method_to_determine_struct          'MOLECULAR REPLACEMENT' 
_refine.pdbx_starting_model                      1r1u 
_refine.pdbx_stereochemistry_target_values       ? 
_refine.pdbx_R_Free_selection_details            ? 
_refine.pdbx_stereochem_target_val_spec_case     ? 
_refine.pdbx_overall_ESU_R                       ? 
_refine.pdbx_overall_ESU_R_Free                  ? 
_refine.pdbx_solvent_vdw_probe_radii             1.1100 
_refine.pdbx_solvent_ion_probe_radii             ? 
_refine.pdbx_solvent_shrinkage_radii             0.9000 
_refine.pdbx_real_space_R                        ? 
_refine.pdbx_density_correlation                 ? 
_refine.pdbx_pd_number_of_powder_patterns        ? 
_refine.pdbx_pd_number_of_points                 ? 
_refine.pdbx_pd_meas_number_of_points            ? 
_refine.pdbx_pd_proc_ls_prof_R_factor            ? 
_refine.pdbx_pd_proc_ls_prof_wR_factor           ? 
_refine.pdbx_pd_Marquardt_correlation_coeff      ? 
_refine.pdbx_pd_Fsqrd_R_factor                   ? 
_refine.pdbx_pd_ls_matrix_band_width             ? 
_refine.pdbx_overall_phase_error                 25.5800 
_refine.pdbx_overall_SU_R_free_Cruickshank_DPI   ? 
_refine.pdbx_overall_SU_R_free_Blow_DPI          ? 
_refine.pdbx_overall_SU_R_Blow_DPI               ? 
_refine.pdbx_TLS_residual_ADP_flag               ? 
_refine.pdbx_diffrn_id                           1 
_refine.overall_SU_B                             ? 
_refine.overall_SU_ML                            0.2000 
_refine.overall_SU_R_Cruickshank_DPI             ? 
_refine.overall_SU_R_free                        ? 
_refine.overall_FOM_free_R_set                   ? 
_refine.overall_FOM_work_R_set                   ? 
_refine.pdbx_average_fsc_overall                 ? 
_refine.pdbx_average_fsc_work                    ? 
_refine.pdbx_average_fsc_free                    ? 
# 
_refine_hist.cycle_id                         final 
_refine_hist.pdbx_refine_id                   'X-RAY DIFFRACTION' 
_refine_hist.d_res_high                       2.0000 
_refine_hist.d_res_low                        45.8480 
_refine_hist.pdbx_number_atoms_ligand         62 
_refine_hist.number_atoms_solvent             37 
_refine_hist.number_atoms_total               850 
_refine_hist.pdbx_number_residues_total       95 
_refine_hist.pdbx_B_iso_mean_ligand           60.54 
_refine_hist.pdbx_B_iso_mean_solvent          40.16 
_refine_hist.pdbx_number_atoms_protein        751 
_refine_hist.pdbx_number_atoms_nucleic_acid   0 
# 
_struct.entry_id                     6CDA 
_struct.title                        'Crystal structure of L34A CzrA in the Zn(II)bound state' 
_struct.pdbx_model_details           ? 
_struct.pdbx_formula_weight          ? 
_struct.pdbx_formula_weight_method   ? 
_struct.pdbx_model_type_details      ? 
_struct.pdbx_CASP_flag               N 
# 
_struct_keywords.entry_id        6CDA 
_struct_keywords.text            'Transcription regulator, Zn-binding protein, DNA Binding protein, ArsR, TRANSCRIPTION' 
_struct_keywords.pdbx_keywords   TRANSCRIPTION 
# 
loop_
_struct_asym.id 
_struct_asym.pdbx_blank_PDB_chainid_flag 
_struct_asym.pdbx_modified 
_struct_asym.entity_id 
_struct_asym.details 
A N N 1 ? 
B N N 2 ? 
C N N 3 ? 
D N N 3 ? 
E N N 4 ? 
F N N 5 ? 
G N N 5 ? 
H N N 6 ? 
# 
loop_
_struct_conf.conf_type_id 
_struct_conf.id 
_struct_conf.pdbx_PDB_helix_id 
_struct_conf.beg_label_comp_id 
_struct_conf.beg_label_asym_id 
_struct_conf.beg_label_seq_id 
_struct_conf.pdbx_beg_PDB_ins_code 
_struct_conf.end_label_comp_id 
_struct_conf.end_label_asym_id 
_struct_conf.end_label_seq_id 
_struct_conf.pdbx_end_PDB_ins_code 
_struct_conf.beg_auth_comp_id 
_struct_conf.beg_auth_asym_id 
_struct_conf.beg_auth_seq_id 
_struct_conf.end_auth_comp_id 
_struct_conf.end_auth_asym_id 
_struct_conf.end_auth_seq_id 
_struct_conf.pdbx_PDB_helix_class 
_struct_conf.details 
_struct_conf.pdbx_PDB_helix_length 
HELX_P HELX_P1 AA1 ASN A 9  ? GLY A 24 ? ASN A 9  GLY A 24 1 ? 16 
HELX_P HELX_P2 AA2 ASP A 25 ? SER A 38 ? ASP A 25 SER A 38 1 ? 14 
HELX_P HELX_P3 AA3 SER A 41 ? ASN A 50 ? SER A 41 ASN A 50 1 ? 10 
HELX_P HELX_P4 AA4 SER A 52 ? VAL A 66 ? SER A 52 VAL A 66 1 ? 15 
HELX_P HELX_P5 AA5 ASP A 84 ? ASN A 99 ? ASP A 84 ASN A 99 1 ? 16 
# 
_struct_conf_type.id          HELX_P 
_struct_conf_type.criteria    ? 
_struct_conf_type.reference   ? 
# 
loop_
_struct_conn.id 
_struct_conn.conn_type_id 
_struct_conn.pdbx_leaving_atom_flag 
_struct_conn.pdbx_PDB_id 
_struct_conn.ptnr1_label_asym_id 
_struct_conn.ptnr1_label_comp_id 
_struct_conn.ptnr1_label_seq_id 
_struct_conn.ptnr1_label_atom_id 
_struct_conn.pdbx_ptnr1_label_alt_id 
_struct_conn.pdbx_ptnr1_PDB_ins_code 
_struct_conn.pdbx_ptnr1_standard_comp_id 
_struct_conn.ptnr1_symmetry 
_struct_conn.ptnr2_label_asym_id 
_struct_conn.ptnr2_label_comp_id 
_struct_conn.ptnr2_label_seq_id 
_struct_conn.ptnr2_label_atom_id 
_struct_conn.pdbx_ptnr2_label_alt_id 
_struct_conn.pdbx_ptnr2_PDB_ins_code 
_struct_conn.ptnr1_auth_asym_id 
_struct_conn.ptnr1_auth_comp_id 
_struct_conn.ptnr1_auth_seq_id 
_struct_conn.ptnr2_auth_asym_id 
_struct_conn.ptnr2_auth_comp_id 
_struct_conn.ptnr2_auth_seq_id 
_struct_conn.ptnr2_symmetry 
_struct_conn.pdbx_ptnr3_label_atom_id 
_struct_conn.pdbx_ptnr3_label_seq_id 
_struct_conn.pdbx_ptnr3_label_comp_id 
_struct_conn.pdbx_ptnr3_label_asym_id 
_struct_conn.pdbx_ptnr3_label_alt_id 
_struct_conn.pdbx_ptnr3_PDB_ins_code 
_struct_conn.details 
_struct_conn.pdbx_dist_value 
_struct_conn.pdbx_value_order 
_struct_conn.pdbx_role 
metalc1 metalc ? ? A ASP 84  OD1 ? ? ? 1_555 B ZN . ZN ? ? A ASP 84  A ZN 201 1_555 ? ? ? ? ? ? ? 1.999 ? ? 
metalc2 metalc ? ? A HIS 86  ND1 ? ? ? 1_555 B ZN . ZN ? ? A HIS 86  A ZN 201 1_555 ? ? ? ? ? ? ? 2.069 ? ? 
metalc3 metalc ? ? A HIS 97  ND1 ? ? ? 1_555 B ZN . ZN ? ? A HIS 97  A ZN 201 7_555 ? ? ? ? ? ? ? 2.174 ? ? 
metalc4 metalc ? ? A HIS 100 NE2 ? ? ? 1_555 B ZN . ZN ? ? A HIS 100 A ZN 201 7_555 ? ? ? ? ? ? ? 1.935 ? ? 
# 
_struct_conn_type.id          metalc 
_struct_conn_type.criteria    ? 
_struct_conn_type.reference   ? 
# 
_struct_sheet.id               AA1 
_struct_sheet.type             ? 
_struct_sheet.number_strands   2 
_struct_sheet.details          ? 
# 
_struct_sheet_order.sheet_id     AA1 
_struct_sheet_order.range_id_1   1 
_struct_sheet_order.range_id_2   2 
_struct_sheet_order.offset       ? 
_struct_sheet_order.sense        anti-parallel 
# 
loop_
_struct_sheet_range.sheet_id 
_struct_sheet_range.id 
_struct_sheet_range.beg_label_comp_id 
_struct_sheet_range.beg_label_asym_id 
_struct_sheet_range.beg_label_seq_id 
_struct_sheet_range.pdbx_beg_PDB_ins_code 
_struct_sheet_range.end_label_comp_id 
_struct_sheet_range.end_label_asym_id 
_struct_sheet_range.end_label_seq_id 
_struct_sheet_range.pdbx_end_PDB_ins_code 
_struct_sheet_range.beg_auth_comp_id 
_struct_sheet_range.beg_auth_asym_id 
_struct_sheet_range.beg_auth_seq_id 
_struct_sheet_range.end_auth_comp_id 
_struct_sheet_range.end_auth_asym_id 
_struct_sheet_range.end_auth_seq_id 
AA1 1 VAL A 69 ? GLN A 74 ? VAL A 69 GLN A 74 
AA1 2 SER A 77 ? LEU A 82 ? SER A 77 LEU A 82 
# 
_pdbx_struct_sheet_hbond.sheet_id                AA1 
_pdbx_struct_sheet_hbond.range_id_1              1 
_pdbx_struct_sheet_hbond.range_id_2              2 
_pdbx_struct_sheet_hbond.range_1_label_atom_id   N 
_pdbx_struct_sheet_hbond.range_1_label_comp_id   LYS 
_pdbx_struct_sheet_hbond.range_1_label_asym_id   A 
_pdbx_struct_sheet_hbond.range_1_label_seq_id    72 
_pdbx_struct_sheet_hbond.range_1_PDB_ins_code    ? 
_pdbx_struct_sheet_hbond.range_1_auth_atom_id    N 
_pdbx_struct_sheet_hbond.range_1_auth_comp_id    LYS 
_pdbx_struct_sheet_hbond.range_1_auth_asym_id    A 
_pdbx_struct_sheet_hbond.range_1_auth_seq_id     72 
_pdbx_struct_sheet_hbond.range_2_label_atom_id   O 
_pdbx_struct_sheet_hbond.range_2_label_comp_id   ILE 
_pdbx_struct_sheet_hbond.range_2_label_asym_id   A 
_pdbx_struct_sheet_hbond.range_2_label_seq_id    79 
_pdbx_struct_sheet_hbond.range_2_PDB_ins_code    ? 
_pdbx_struct_sheet_hbond.range_2_auth_atom_id    O 
_pdbx_struct_sheet_hbond.range_2_auth_comp_id    ILE 
_pdbx_struct_sheet_hbond.range_2_auth_asym_id    A 
_pdbx_struct_sheet_hbond.range_2_auth_seq_id     79 
# 
loop_
_struct_site.id 
_struct_site.pdbx_evidence_code 
_struct_site.pdbx_auth_asym_id 
_struct_site.pdbx_auth_comp_id 
_struct_site.pdbx_auth_seq_id 
_struct_site.pdbx_auth_ins_code 
_struct_site.pdbx_num_residues 
_struct_site.details 
AC1 Software A ZN  201 ? 4  'binding site for residue ZN A 201'  
AC2 Software A CL  202 ? 5  'binding site for residue CL A 202'  
AC3 Software A CL  203 ? 2  'binding site for residue CL A 203'  
AC4 Software A PG4 204 ? 13 'binding site for residue PG4 A 204' 
AC5 Software A GOL 205 ? 6  'binding site for residue GOL A 205' 
AC6 Software A GOL 206 ? 3  'binding site for residue GOL A 206' 
# 
loop_
_struct_site_gen.id 
_struct_site_gen.site_id 
_struct_site_gen.pdbx_num_res 
_struct_site_gen.label_comp_id 
_struct_site_gen.label_asym_id 
_struct_site_gen.label_seq_id 
_struct_site_gen.pdbx_auth_ins_code 
_struct_site_gen.auth_comp_id 
_struct_site_gen.auth_asym_id 
_struct_site_gen.auth_seq_id 
_struct_site_gen.label_atom_id 
_struct_site_gen.label_alt_id 
_struct_site_gen.symmetry 
_struct_site_gen.details 
1  AC1 4  ASP A 84  ? ASP A 84  . ? 1_555 ? 
2  AC1 4  HIS A 86  ? HIS A 86  . ? 1_555 ? 
3  AC1 4  HIS A 97  ? HIS A 97  . ? 7_555 ? 
4  AC1 4  HIS A 100 ? HIS A 100 . ? 7_555 ? 
5  AC2 5  ALA A 40  ? ALA A 40  . ? 6_554 ? 
6  AC2 5  SER A 41  ? SER A 41  . ? 6_554 ? 
7  AC2 5  HIS A 44  ? HIS A 44  . ? 6_554 ? 
8  AC2 5  LYS A 61  ? LYS A 61  . ? 1_555 ? 
9  AC2 5  LYS A 64  ? LYS A 64  . ? 1_555 ? 
10 AC3 2  GLU A 39  ? GLU A 39  . ? 1_555 ? 
11 AC3 2  GOL G .   ? GOL A 206 . ? 1_555 ? 
12 AC4 13 GLU A 14  ? GLU A 14  . ? 7_545 ? 
13 AC4 13 ASP A 25  ? ASP A 25  . ? 1_545 ? 
14 AC4 13 TYR A 26  ? TYR A 26  . ? 1_545 ? 
15 AC4 13 ASN A 27  ? ASN A 27  . ? 1_545 ? 
16 AC4 13 ASP A 84  ? ASP A 84  . ? 1_555 ? 
17 AC4 13 ILE A 85  ? ILE A 85  . ? 1_555 ? 
18 AC4 13 HIS A 86  ? HIS A 86  . ? 1_555 ? 
19 AC4 13 HIS A 100 ? HIS A 100 . ? 7_555 ? 
20 AC4 13 PRO A 101 ? PRO A 101 . ? 7_555 ? 
21 AC4 13 GOL F .   ? GOL A 205 . ? 1_555 ? 
22 AC4 13 HOH H .   ? HOH A 314 . ? 1_555 ? 
23 AC4 13 HOH H .   ? HOH A 320 . ? 1_545 ? 
24 AC4 13 HOH H .   ? HOH A 327 . ? 1_545 ? 
25 AC5 6  GLU A 14  ? GLU A 14  . ? 7_545 ? 
26 AC5 6  THR A 17  ? THR A 17  . ? 7_545 ? 
27 AC5 6  TYR A 26  ? TYR A 26  . ? 1_545 ? 
28 AC5 6  HIS A 86  ? HIS A 86  . ? 1_555 ? 
29 AC5 6  HIS A 100 ? HIS A 100 . ? 7_555 ? 
30 AC5 6  PG4 E .   ? PG4 A 204 . ? 1_555 ? 
31 AC6 3  GLU A 39  ? GLU A 39  . ? 1_555 ? 
32 AC6 3  SER A 57  ? SER A 57  . ? 6_454 ? 
33 AC6 3  CL  D .   ? CL  A 203 . ? 1_555 ? 
# 
_atom_sites.entry_id                    6CDA 
_atom_sites.fract_transf_matrix[1][1]   0.02633099 
_atom_sites.fract_transf_matrix[1][2]   -0.00426491 
_atom_sites.fract_transf_matrix[1][3]   -0.01630536 
_atom_sites.fract_transf_matrix[2][1]   0.00806796 
_atom_sites.fract_transf_matrix[2][2]   -0.02336527 
_atom_sites.fract_transf_matrix[2][3]   0.01914021 
_atom_sites.fract_transf_matrix[3][1]   -0.00258101 
_atom_sites.fract_transf_matrix[3][2]   -0.00354578 
_atom_sites.fract_transf_matrix[3][3]   -0.00324054 
_atom_sites.fract_transf_vector[1]      0.318939 
_atom_sites.fract_transf_vector[2]      0.316266 
_atom_sites.fract_transf_vector[3]      -0.059618 
# 
loop_
_atom_type.symbol 
C  
CL 
H  
N  
O  
S  
ZN 
# 
loop_
_atom_site.group_PDB 
_atom_site.id 
_atom_site.type_symbol 
_atom_site.label_atom_id 
_atom_site.label_alt_id 
_atom_site.label_comp_id 
_atom_site.label_asym_id 
_atom_site.label_entity_id 
_atom_site.label_seq_id 
_atom_site.pdbx_PDB_ins_code 
_atom_site.Cartn_x 
_atom_site.Cartn_y 
_atom_site.Cartn_z 
_atom_site.occupancy 
_atom_site.B_iso_or_equiv 
_atom_site.pdbx_formal_charge 
_atom_site.auth_seq_id 
_atom_site.auth_comp_id 
_atom_site.auth_asym_id 
_atom_site.auth_atom_id 
_atom_site.pdbx_PDB_model_num 
ATOM   1    N  N    . ILE A 1 8   ? -5.954  -6.658  -24.058 1.00 58.03  ?  8   ILE A N    1 
ATOM   2    C  CA   . ILE A 1 8   ? -5.402  -5.324  -23.852 1.00 67.83  ?  8   ILE A CA   1 
ATOM   3    C  C    . ILE A 1 8   ? -3.876  -5.489  -23.733 1.00 59.37  ?  8   ILE A C    1 
ATOM   4    O  O    . ILE A 1 8   ? -3.351  -6.607  -23.669 1.00 57.48  ?  8   ILE A O    1 
ATOM   5    C  CB   . ILE A 1 8   ? -6.078  -4.585  -22.609 1.00 66.97  ?  8   ILE A CB   1 
ATOM   6    C  CG1  . ILE A 1 8   ? -5.556  -3.139  -22.430 1.00 65.62  ?  8   ILE A CG1  1 
ATOM   7    C  CG2  . ILE A 1 8   ? -5.889  -5.390  -21.330 1.00 67.19  ?  8   ILE A CG2  1 
ATOM   8    C  CD1  . ILE A 1 8   ? -6.337  -2.256  -21.405 1.00 57.57  ?  8   ILE A CD1  1 
ATOM   9    H  HA   . ILE A 1 8   ? -5.580  -4.789  -24.642 1.00 81.39  ?  8   ILE A HA   1 
ATOM   10   H  HB   . ILE A 1 8   ? -7.031  -4.532  -22.783 1.00 80.36  ?  8   ILE A HB   1 
ATOM   11   H  HG12 . ILE A 1 8   ? -4.634  -3.181  -22.132 1.00 78.74  ?  8   ILE A HG12 1 
ATOM   12   H  HG13 . ILE A 1 8   ? -5.598  -2.690  -23.289 1.00 78.74  ?  8   ILE A HG13 1 
ATOM   13   H  HG21 . ILE A 1 8   ? -6.308  -4.917  -20.595 1.00 80.63  ?  8   ILE A HG21 1 
ATOM   14   H  HG22 . ILE A 1 8   ? -6.301  -6.261  -21.442 1.00 80.63  ?  8   ILE A HG22 1 
ATOM   15   H  HG23 . ILE A 1 8   ? -4.939  -5.493  -21.160 1.00 80.63  ?  8   ILE A HG23 1 
ATOM   16   H  HD11 . ILE A 1 8   ? -5.931  -1.377  -21.372 1.00 69.08  ?  8   ILE A HD11 1 
ATOM   17   H  HD12 . ILE A 1 8   ? -7.261  -2.183  -21.693 1.00 69.08  ?  8   ILE A HD12 1 
ATOM   18   H  HD13 . ILE A 1 8   ? -6.295  -2.675  -20.531 1.00 69.08  ?  8   ILE A HD13 1 
ATOM   19   N  N    . ASN A 1 9   ? -3.181  -4.359  -23.753 1.00 52.09  ?  9   ASN A N    1 
ATOM   20   C  CA   . ASN A 1 9   ? -1.753  -4.287  -24.026 1.00 55.20  ?  9   ASN A CA   1 
ATOM   21   C  C    . ASN A 1 9   ? -0.923  -5.182  -23.124 1.00 58.10  ?  9   ASN A C    1 
ATOM   22   O  O    . ASN A 1 9   ? -1.326  -5.478  -21.997 1.00 53.66  ?  9   ASN A O    1 
ATOM   23   C  CB   . ASN A 1 9   ? -1.291  -2.837  -23.882 1.00 43.93  ?  9   ASN A CB   1 
ATOM   24   C  CG   . ASN A 1 9   ? 0.157   -2.678  -24.160 1.00 53.14  ?  9   ASN A CG   1 
ATOM   25   O  OD1  . ASN A 1 9   ? 0.980   -2.789  -23.258 1.00 59.97  ?  9   ASN A OD1  1 
ATOM   26   N  ND2  . ASN A 1 9   ? 0.499   -2.434  -25.419 1.00 61.25  ?  9   ASN A ND2  1 
ATOM   27   H  H    . ASN A 1 9   ? -3.532  -3.589  -23.603 1.00 62.50  ?  9   ASN A H    1 
ATOM   28   H  HA   . ASN A 1 9   ? -1.596  -4.560  -24.943 1.00 66.24  ?  9   ASN A HA   1 
ATOM   29   H  HB2  . ASN A 1 9   ? -1.781  -2.284  -24.509 1.00 52.72  ?  9   ASN A HB2  1 
ATOM   30   H  HB3  . ASN A 1 9   ? -1.458  -2.540  -22.973 1.00 52.72  ?  9   ASN A HB3  1 
ATOM   31   H  HD21 . ASN A 1 9   ? 1.327   -2.335  -25.627 1.00 73.50  ?  9   ASN A HD21 1 
ATOM   32   H  HD22 . ASN A 1 9   ? -0.107  -2.375  -26.025 1.00 73.50  ?  9   ASN A HD22 1 
ATOM   33   N  N    . THR A 1 10  ? 0.256   -5.584  -23.609 1.00 51.52  ?  10  THR A N    1 
ATOM   34   C  CA   . THR A 1 10  ? 1.147   -6.423  -22.814 1.00 58.55  ?  10  THR A CA   1 
ATOM   35   C  C    . THR A 1 10  ? 1.954   -5.601  -21.805 1.00 59.62  ?  10  THR A C    1 
ATOM   36   O  O    . THR A 1 10  ? 2.208   -6.064  -20.685 1.00 55.34  ?  10  THR A O    1 
ATOM   37   C  CB   . THR A 1 10  ? 2.077   -7.219  -23.735 1.00 51.35  ?  10  THR A CB   1 
ATOM   38   O  OG1  . THR A 1 10  ? 3.066   -6.349  -24.293 1.00 63.91  ?  10  THR A OG1  1 
ATOM   39   C  CG2  . THR A 1 10  ? 1.286   -7.863  -24.879 1.00 51.44  ?  10  THR A CG2  1 
ATOM   40   H  H    . THR A 1 10  ? 0.557   -5.386  -24.389 1.00 61.83  ?  10  THR A H    1 
ATOM   41   H  HA   . THR A 1 10  ? 0.612   -7.059  -22.314 1.00 70.26  ?  10  THR A HA   1 
ATOM   42   H  HB   . THR A 1 10  ? 2.512   -7.922  -23.227 1.00 61.62  ?  10  THR A HB   1 
ATOM   43   H  HG1  . THR A 1 10  ? 3.578   -6.783  -24.798 1.00 76.69  ?  10  THR A HG1  1 
ATOM   44   H  HG21 . THR A 1 10  ? 1.885   -8.363  -25.455 1.00 61.73  ?  10  THR A HG21 1 
ATOM   45   H  HG22 . THR A 1 10  ? 0.616   -8.466  -24.520 1.00 61.73  ?  10  THR A HG22 1 
ATOM   46   H  HG23 . THR A 1 10  ? 0.845   -7.177  -25.404 1.00 61.73  ?  10  THR A HG23 1 
ATOM   47   N  N    . ASP A 1 11  ? 2.373   -4.383  -22.166 1.00 55.76  ?  11  ASP A N    1 
ATOM   48   C  CA   . ASP A 1 11  ? 2.947   -3.517  -21.144 1.00 52.62  ?  11  ASP A CA   1 
ATOM   49   C  C    . ASP A 1 11  ? 1.923   -3.247  -20.048 1.00 52.63  ?  11  ASP A C    1 
ATOM   50   O  O    . ASP A 1 11  ? 2.293   -3.123  -18.878 1.00 44.95  ?  11  ASP A O    1 
ATOM   51   C  CB   . ASP A 1 11  ? 3.472   -2.197  -21.744 1.00 54.66  ?  11  ASP A CB   1 
ATOM   52   C  CG   . ASP A 1 11  ? 4.795   -2.370  -22.526 1.00 62.13  ?  11  ASP A CG   1 
ATOM   53   O  OD1  . ASP A 1 11  ? 5.402   -3.465  -22.476 1.00 66.21  ?  11  ASP A OD1  1 
ATOM   54   O  OD2  . ASP A 1 11  ? 5.240   -1.400  -23.189 1.00 64.71  ?  11  ASP A OD2  1 
ATOM   55   H  H    . ASP A 1 11  ? 2.339   -4.051  -22.958 1.00 66.91  ?  11  ASP A H    1 
ATOM   56   H  HA   . ASP A 1 11  ? 3.700   -3.974  -20.737 1.00 63.14  ?  11  ASP A HA   1 
ATOM   57   H  HB2  . ASP A 1 11  ? 2.808   -1.844  -22.356 1.00 65.60  ?  11  ASP A HB2  1 
ATOM   58   H  HB3  . ASP A 1 11  ? 3.631   -1.565  -21.025 1.00 65.60  ?  11  ASP A HB3  1 
ATOM   59   N  N    . THR A 1 12  ? 0.634   -3.198  -20.399 1.00 49.84  ?  12  THR A N    1 
ATOM   60   C  CA   . THR A 1 12  ? -0.408  -2.945  -19.407 1.00 46.92  ?  12  THR A CA   1 
ATOM   61   C  C    . THR A 1 12  ? -0.631  -4.169  -18.535 1.00 47.51  ?  12  THR A C    1 
ATOM   62   O  O    . THR A 1 12  ? -0.578  -4.098  -17.302 1.00 38.09  ?  12  THR A O    1 
ATOM   63   C  CB   . THR A 1 12  ? -1.720  -2.553  -20.092 1.00 50.51  ?  12  THR A CB   1 
ATOM   64   O  OG1  . THR A 1 12  ? -1.605  -1.248  -20.677 1.00 52.63  ?  12  THR A OG1  1 
ATOM   65   C  CG2  . THR A 1 12  ? -2.868  -2.552  -19.103 1.00 47.56  ?  12  THR A CG2  1 
ATOM   66   H  H    . THR A 1 12  ? 0.341   -3.308  -21.199 1.00 59.80  ?  12  THR A H    1 
ATOM   67   H  HA   . THR A 1 12  ? -0.133  -2.211  -18.835 1.00 56.30  ?  12  THR A HA   1 
ATOM   68   H  HB   . THR A 1 12  ? -1.921  -3.197  -20.789 1.00 60.61  ?  12  THR A HB   1 
ATOM   69   H  HG1  . THR A 1 12  ? -2.326  -1.037  -21.052 1.00 63.16  ?  12  THR A HG1  1 
ATOM   70   H  HG21 . THR A 1 12  ? -3.691  -2.301  -19.551 1.00 57.07  ?  12  THR A HG21 1 
ATOM   71   H  HG22 . THR A 1 12  ? -2.974  -3.437  -18.719 1.00 57.07  ?  12  THR A HG22 1 
ATOM   72   H  HG23 . THR A 1 12  ? -2.690  -1.918  -18.390 1.00 57.07  ?  12  THR A HG23 1 
ATOM   73   N  N    . LEU A 1 13  ? -0.905  -5.307  -19.151 1.00 48.33  ?  13  LEU A N    1 
ATOM   74   C  CA   . LEU A 1 13  ? -1.225  -6.458  -18.332 1.00 56.25  ?  13  LEU A CA   1 
ATOM   75   C  C    . LEU A 1 13  ? -0.001  -6.932  -17.560 1.00 41.97  ?  13  LEU A C    1 
ATOM   76   O  O    . LEU A 1 13  ? -0.162  -7.573  -16.526 1.00 52.36  ?  13  LEU A O    1 
ATOM   77   C  CB   . LEU A 1 13  ? -1.878  -7.560  -19.200 1.00 57.09  ?  13  LEU A CB   1 
ATOM   78   C  CG   . LEU A 1 13  ? -3.278  -7.176  -19.812 1.00 64.61  ?  13  LEU A CG   1 
ATOM   79   C  CD1  . LEU A 1 13  ? -3.997  -8.249  -20.700 1.00 51.85  ?  13  LEU A CD1  1 
ATOM   80   C  CD2  . LEU A 1 13  ? -4.291  -6.726  -18.747 1.00 55.65  ?  13  LEU A CD2  1 
ATOM   81   H  H    . LEU A 1 13  ? -0.912  -5.435  -20.002 1.00 57.99  ?  13  LEU A H    1 
ATOM   82   H  HA   . LEU A 1 13  ? -1.886  -6.186  -17.676 1.00 67.50  ?  13  LEU A HA   1 
ATOM   83   H  HB2  . LEU A 1 13  ? -1.282  -7.767  -19.937 1.00 68.50  ?  13  LEU A HB2  1 
ATOM   84   H  HB3  . LEU A 1 13  ? -2.004  -8.351  -18.652 1.00 68.50  ?  13  LEU A HB3  1 
ATOM   85   H  HG   . LEU A 1 13  ? -3.132  -6.408  -20.386 1.00 77.53  ?  13  LEU A HG   1 
ATOM   86   H  HD11 . LEU A 1 13  ? -4.841  -7.888  -21.010 1.00 62.22  ?  13  LEU A HD11 1 
ATOM   87   H  HD12 . LEU A 1 13  ? -3.430  -8.464  -21.457 1.00 62.22  ?  13  LEU A HD12 1 
ATOM   88   H  HD13 . LEU A 1 13  ? -4.152  -9.046  -20.167 1.00 62.22  ?  13  LEU A HD13 1 
ATOM   89   H  HD21 . LEU A 1 13  ? -5.129  -6.504  -19.183 1.00 66.78  ?  13  LEU A HD21 1 
ATOM   90   H  HD22 . LEU A 1 13  ? -4.428  -7.450  -18.116 1.00 66.78  ?  13  LEU A HD22 1 
ATOM   91   H  HD23 . LEU A 1 13  ? -3.941  -5.947  -18.287 1.00 66.78  ?  13  LEU A HD23 1 
ATOM   92   N  N    . GLU A 1 14  ? 1.207   -6.534  -17.959 1.00 45.57  ?  14  GLU A N    1 
ATOM   93   C  CA   . GLU A 1 14  ? 2.370   -6.782  -17.112 1.00 46.17  ?  14  GLU A CA   1 
ATOM   94   C  C    . GLU A 1 14  ? 2.435   -5.838  -15.902 1.00 49.85  ?  14  GLU A C    1 
ATOM   95   O  O    . GLU A 1 14  ? 2.877   -6.241  -14.817 1.00 43.34  ?  14  GLU A O    1 
ATOM   96   C  CB   . GLU A 1 14  ? 3.668   -6.656  -17.912 1.00 49.53  ?  14  GLU A CB   1 
ATOM   97   C  CG   . GLU A 1 14  ? 4.966   -6.685  -17.000 1.00 55.59  ?  14  GLU A CG   1 
ATOM   98   C  CD   . GLU A 1 14  ? 6.098   -7.618  -17.493 1.00 60.93  ?  14  GLU A CD   1 
ATOM   99   O  OE1  . GLU A 1 14  ? 6.405   -7.648  -18.712 1.00 60.38  ?  14  GLU A OE1  1 
ATOM   100  O  OE2  . GLU A 1 14  ? 6.679   -8.332  -16.637 1.00 58.87  ?  14  GLU A OE2  1 
ATOM   101  H  H    . GLU A 1 14  ? 1.376   -6.130  -18.698 1.00 54.69  ?  14  GLU A H    1 
ATOM   102  H  HA   . GLU A 1 14  ? 2.320   -7.690  -16.773 1.00 55.40  ?  14  GLU A HA   1 
ATOM   103  H  HB2  . GLU A 1 14  ? 3.725   -7.394  -18.537 1.00 59.44  ?  14  GLU A HB2  1 
ATOM   104  H  HB3  . GLU A 1 14  ? 3.660   -5.814  -18.394 1.00 59.44  ?  14  GLU A HB3  1 
ATOM   105  H  HG2  . GLU A 1 14  ? 5.328   -5.786  -16.952 1.00 66.71  ?  14  GLU A HG2  1 
ATOM   106  H  HG3  . GLU A 1 14  ? 4.711   -6.979  -16.112 1.00 66.71  ?  14  GLU A HG3  1 
ATOM   107  N  N    . ARG A 1 15  ? 2.077   -4.565  -16.072 1.00 39.52  ?  15  ARG A N    1 
ATOM   108  C  CA   . ARG A 1 15  ? 2.045   -3.659  -14.925 1.00 42.92  ?  15  ARG A CA   1 
ATOM   109  C  C    . ARG A 1 15  ? 0.990   -4.106  -13.933 1.00 28.92  ?  15  ARG A C    1 
ATOM   110  O  O    . ARG A 1 15  ? 1.179   -3.985  -12.719 1.00 33.74  ?  15  ARG A O    1 
ATOM   111  C  CB   . ARG A 1 15  ? 1.765   -2.223  -15.375 1.00 43.09  ?  15  ARG A CB   1 
ATOM   112  C  CG   . ARG A 1 15  ? 2.945   -1.547  -16.078 1.00 49.80  ?  15  ARG A CG   1 
ATOM   113  C  CD   . ARG A 1 15  ? 2.633   -0.125  -16.620 1.00 56.91  ?  15  ARG A CD   1 
ATOM   114  N  NE   . ARG A 1 15  ? 1.701   -0.147  -17.756 1.00 63.40  ?  15  ARG A NE   1 
ATOM   115  C  CZ   . ARG A 1 15  ? 1.578   0.807   -18.688 1.00 66.56  ?  15  ARG A CZ   1 
ATOM   116  N  NH1  . ARG A 1 15  ? 2.339   1.901   -18.652 1.00 75.92  ?  15  ARG A NH1  1 
ATOM   117  N  NH2  . ARG A 1 15  ? 0.683   0.663   -19.672 1.00 55.14  ?  15  ARG A NH2  1 
ATOM   118  H  H    . ARG A 1 15  ? 1.854   -4.207  -16.822 1.00 47.42  ?  15  ARG A H    1 
ATOM   119  H  HA   . ARG A 1 15  ? 2.907   -3.676  -14.481 1.00 51.51  ?  15  ARG A HA   1 
ATOM   120  H  HB2  . ARG A 1 15  ? 1.018   -2.230  -15.994 1.00 51.71  ?  15  ARG A HB2  1 
ATOM   121  H  HB3  . ARG A 1 15  ? 1.541   -1.690  -14.596 1.00 51.71  ?  15  ARG A HB3  1 
ATOM   122  H  HG2  . ARG A 1 15  ? 3.679   -1.468  -15.447 1.00 59.76  ?  15  ARG A HG2  1 
ATOM   123  H  HG3  . ARG A 1 15  ? 3.217   -2.097  -16.830 1.00 59.76  ?  15  ARG A HG3  1 
ATOM   124  H  HD2  . ARG A 1 15  ? 2.233   0.403   -15.913 1.00 68.29  ?  15  ARG A HD2  1 
ATOM   125  H  HD3  . ARG A 1 15  ? 3.459   0.288   -16.918 1.00 68.29  ?  15  ARG A HD3  1 
ATOM   126  H  HE   . ARG A 1 15  ? 1.187   -0.833  -17.829 1.00 76.07  ?  15  ARG A HE   1 
ATOM   127  H  HH11 . ARG A 1 15  ? 2.916   2.002   -18.023 1.00 91.10  ?  15  ARG A HH11 1 
ATOM   128  H  HH12 . ARG A 1 15  ? 2.252   2.505   -19.257 1.00 91.10  ?  15  ARG A HH12 1 
ATOM   129  H  HH21 . ARG A 1 15  ? 0.188   -0.039  -19.704 1.00 66.17  ?  15  ARG A HH21 1 
ATOM   130  H  HH22 . ARG A 1 15  ? 0.603   1.274   -20.273 1.00 66.17  ?  15  ARG A HH22 1 
ATOM   131  N  N    . VAL A 1 16  ? -0.129  -4.630  -14.435 1.00 33.68  ?  16  VAL A N    1 
ATOM   132  C  CA   . VAL A 1 16  ? -1.175  -5.132  -13.559 1.00 38.58  ?  16  VAL A CA   1 
ATOM   133  C  C    . VAL A 1 16  ? -0.664  -6.333  -12.773 1.00 36.62  ?  16  VAL A C    1 
ATOM   134  O  O    . VAL A 1 16  ? -0.979  -6.493  -11.588 1.00 30.03  ?  16  VAL A O    1 
ATOM   135  C  CB   . VAL A 1 16  ? -2.444  -5.479  -14.361 1.00 31.73  ?  16  VAL A CB   1 
ATOM   136  C  CG1  . VAL A 1 16  ? -3.409  -6.221  -13.493 1.00 37.39  ?  16  VAL A CG1  1 
ATOM   137  C  CG2  . VAL A 1 16  ? -3.169  -4.229  -14.869 1.00 35.13  ?  16  VAL A CG2  1 
ATOM   138  H  H    . VAL A 1 16  ? -0.300  -4.704  -15.274 1.00 40.41  ?  16  VAL A H    1 
ATOM   139  H  HA   . VAL A 1 16  ? -1.408  -4.438  -12.923 1.00 46.30  ?  16  VAL A HA   1 
ATOM   140  H  HB   . VAL A 1 16  ? -2.212  -6.037  -15.120 1.00 38.07  ?  16  VAL A HB   1 
ATOM   141  H  HG11 . VAL A 1 16  ? -4.201  -6.432  -14.011 1.00 44.87  ?  16  VAL A HG11 1 
ATOM   142  H  HG12 . VAL A 1 16  ? -2.989  -7.039  -13.182 1.00 44.87  ?  16  VAL A HG12 1 
ATOM   143  H  HG13 . VAL A 1 16  ? -3.647  -5.662  -12.737 1.00 44.87  ?  16  VAL A HG13 1 
ATOM   144  H  HG21 . VAL A 1 16  ? -3.957  -4.502  -15.365 1.00 42.15  ?  16  VAL A HG21 1 
ATOM   145  H  HG22 . VAL A 1 16  ? -3.428  -3.685  -14.109 1.00 42.15  ?  16  VAL A HG22 1 
ATOM   146  H  HG23 . VAL A 1 16  ? -2.570  -3.730  -15.446 1.00 42.15  ?  16  VAL A HG23 1 
ATOM   147  N  N    . THR A 1 17  ? 0.124   -7.206  -13.402 1.00 37.23  ?  17  THR A N    1 
ATOM   148  C  CA   . THR A 1 17  ? 0.573   -8.369  -12.643 1.00 36.95  ?  17  THR A CA   1 
ATOM   149  C  C    . THR A 1 17  ? 1.595   -7.967  -11.589 1.00 32.36  ?  17  THR A C    1 
ATOM   150  O  O    . THR A 1 17  ? 1.607   -8.539  -10.497 1.00 33.68  ?  17  THR A O    1 
ATOM   151  C  CB   . THR A 1 17  ? 1.130   -9.464  -13.549 1.00 39.03  ?  17  THR A CB   1 
ATOM   152  O  OG1  . THR A 1 17  ? 2.284   -8.993  -14.238 1.00 53.00  ?  17  THR A OG1  1 
ATOM   153  C  CG2  . THR A 1 17  ? 0.096   -9.877  -14.529 1.00 35.69  ?  17  THR A CG2  1 
ATOM   154  H  H    . THR A 1 17  ? 0.398   -7.154  -14.215 1.00 44.68  ?  17  THR A H    1 
ATOM   155  H  HA   . THR A 1 17  ? -0.192  -8.741  -12.176 1.00 44.34  ?  17  THR A HA   1 
ATOM   156  H  HB   . THR A 1 17  ? 1.368   -10.237 -13.013 1.00 46.83  ?  17  THR A HB   1 
ATOM   157  H  HG1  . THR A 1 17  ? 2.086   -8.326  -14.709 1.00 63.60  ?  17  THR A HG1  1 
ATOM   158  H  HG21 . THR A 1 17  ? 0.446   -10.573 -15.106 1.00 42.83  ?  17  THR A HG21 1 
ATOM   159  H  HG22 . THR A 1 17  ? -0.685  -10.216 -14.064 1.00 42.83  ?  17  THR A HG22 1 
ATOM   160  H  HG23 . THR A 1 17  ? -0.166  -9.118  -15.073 1.00 42.83  ?  17  THR A HG23 1 
ATOM   161  N  N    . GLU A 1 18  ? 2.445   -6.972  -11.865 1.00 35.44  ?  18  GLU A N    1 
ATOM   162  C  CA   . GLU A 1 18  ? 3.383   -6.566  -10.815 1.00 36.93  ?  18  GLU A CA   1 
ATOM   163  C  C    . GLU A 1 18  ? 2.651   -5.884  -9.660  1.00 28.53  ?  18  GLU A C    1 
ATOM   164  O  O    . GLU A 1 18  ? 3.092   -5.980  -8.511  1.00 32.90  ?  18  GLU A O    1 
ATOM   165  C  CB   . GLU A 1 18  ? 4.486   -5.662  -11.382 1.00 36.94  ?  18  GLU A CB   1 
ATOM   166  C  CG   . GLU A 1 18  ? 5.426   -6.315  -12.481 1.00 57.33  ?  18  GLU A CG   1 
ATOM   167  C  CD   . GLU A 1 18  ? 6.056   -7.717  -12.142 1.00 60.05  ?  18  GLU A CD   1 
ATOM   168  O  OE1  . GLU A 1 18  ? 5.594   -8.753  -12.705 1.00 51.84  ?  18  GLU A OE1  1 
ATOM   169  O  OE2  . GLU A 1 18  ? 7.045   -7.779  -11.361 1.00 60.76  ?  18  GLU A OE2  1 
ATOM   170  H  H    . GLU A 1 18  ? 2.498   -6.540  -12.605 1.00 42.52  ?  18  GLU A H    1 
ATOM   171  H  HA   . GLU A 1 18  ? 3.812   -7.360  -10.461 1.00 44.32  ?  18  GLU A HA   1 
ATOM   172  H  HB2  . GLU A 1 18  ? 4.068   -4.885  -11.785 1.00 44.32  ?  18  GLU A HB2  1 
ATOM   173  H  HB3  . GLU A 1 18  ? 5.054   -5.377  -10.648 1.00 44.32  ?  18  GLU A HB3  1 
ATOM   174  H  HG2  . GLU A 1 18  ? 4.909   -6.424  -13.294 1.00 68.80  ?  18  GLU A HG2  1 
ATOM   175  H  HG3  . GLU A 1 18  ? 6.161   -5.705  -12.650 1.00 68.80  ?  18  GLU A HG3  1 
ATOM   176  N  N    . ILE A 1 19  ? 1.530   -5.200  -9.943  1.00 32.01  ?  19  ILE A N    1 
ATOM   177  C  CA   . ILE A 1 19  ? 0.697   -4.621  -8.884  1.00 29.83  ?  19  ILE A CA   1 
ATOM   178  C  C    . ILE A 1 19  ? 0.163   -5.718  -7.979  1.00 29.49  ?  19  ILE A C    1 
ATOM   179  O  O    . ILE A 1 19  ? 0.291   -5.666  -6.751  1.00 26.35  ?  19  ILE A O    1 
ATOM   180  C  CB   . ILE A 1 19  ? -0.456  -3.790  -9.489  1.00 28.07  ?  19  ILE A CB   1 
ATOM   181  C  CG1  . ILE A 1 19  ? 0.047   -2.418  -9.977  1.00 30.67  ?  19  ILE A CG1  1 
ATOM   182  C  CG2  . ILE A 1 19  ? -1.574  -3.611  -8.480  1.00 30.27  ?  19  ILE A CG2  1 
ATOM   183  C  CD1  . ILE A 1 19  ? -0.957  -1.636  -10.845 1.00 35.28  ?  19  ILE A CD1  1 
ATOM   184  H  H    . ILE A 1 19  ? 1.234   -5.060  -10.739 1.00 38.41  ?  19  ILE A H    1 
ATOM   185  H  HA   . ILE A 1 19  ? 1.242   -4.028  -8.343  1.00 35.79  ?  19  ILE A HA   1 
ATOM   186  H  HB   . ILE A 1 19  ? -0.810  -4.273  -10.251 1.00 33.69  ?  19  ILE A HB   1 
ATOM   187  H  HG12 . ILE A 1 19  ? 0.256   -1.871  -9.204  1.00 36.81  ?  19  ILE A HG12 1 
ATOM   188  H  HG13 . ILE A 1 19  ? 0.849   -2.553  -10.507 1.00 36.81  ?  19  ILE A HG13 1 
ATOM   189  H  HG21 . ILE A 1 19  ? -2.283  -3.087  -8.884  1.00 36.32  ?  19  ILE A HG21 1 
ATOM   190  H  HG22 . ILE A 1 19  ? -1.911  -4.483  -8.224  1.00 36.32  ?  19  ILE A HG22 1 
ATOM   191  H  HG23 . ILE A 1 19  ? -1.225  -3.149  -7.701  1.00 36.32  ?  19  ILE A HG23 1 
ATOM   192  H  HD11 . ILE A 1 19  ? -0.559  -0.791  -11.106 1.00 42.33  ?  19  ILE A HD11 1 
ATOM   193  H  HD12 . ILE A 1 19  ? -1.168  -2.160  -11.633 1.00 42.33  ?  19  ILE A HD12 1 
ATOM   194  H  HD13 . ILE A 1 19  ? -1.764  -1.477  -10.329 1.00 42.33  ?  19  ILE A HD13 1 
ATOM   195  N  N    . PHE A 1 20  ? -0.488  -6.710  -8.573  1.00 24.20  ?  20  PHE A N    1 
ATOM   196  C  CA   . PHE A 1 20  ? -1.058  -7.773  -7.766  1.00 31.56  ?  20  PHE A CA   1 
ATOM   197  C  C    . PHE A 1 20  ? 0.044   -8.583  -7.106  1.00 30.40  ?  20  PHE A C    1 
ATOM   198  O  O    . PHE A 1 20  ? -0.065  -8.938  -5.924  1.00 27.09  ?  20  PHE A O    1 
ATOM   199  C  CB   . PHE A 1 20  ? -1.986  -8.646  -8.639  1.00 28.49  ?  20  PHE A CB   1 
ATOM   200  C  CG   . PHE A 1 20  ? -3.279  -7.961  -9.026  1.00 29.22  ?  20  PHE A CG   1 
ATOM   201  C  CD1  . PHE A 1 20  ? -3.733  -7.994  -10.324 1.00 33.66  ?  20  PHE A CD1  1 
ATOM   202  C  CD2  . PHE A 1 20  ? -4.056  -7.335  -8.085  1.00 32.38  ?  20  PHE A CD2  1 
ATOM   203  C  CE1  . PHE A 1 20  ? -4.912  -7.383  -10.659 1.00 31.04  ?  20  PHE A CE1  1 
ATOM   204  C  CE2  . PHE A 1 20  ? -5.224  -6.709  -8.432  1.00 32.42  ?  20  PHE A CE2  1 
ATOM   205  C  CZ   . PHE A 1 20  ? -5.656  -6.742  -9.701  1.00 27.85  ?  20  PHE A CZ   1 
ATOM   206  H  H    . PHE A 1 20  ? -0.612  -6.790  -9.420  1.00 29.04  ?  20  PHE A H    1 
ATOM   207  H  HA   . PHE A 1 20  ? -1.598  -7.378  -7.063  1.00 37.87  ?  20  PHE A HA   1 
ATOM   208  H  HB2  . PHE A 1 20  ? -1.517  -8.881  -9.456  1.00 34.19  ?  20  PHE A HB2  1 
ATOM   209  H  HB3  . PHE A 1 20  ? -2.212  -9.451  -8.147  1.00 34.19  ?  20  PHE A HB3  1 
ATOM   210  H  HD1  . PHE A 1 20  ? -3.231  -8.423  -10.979 1.00 40.39  ?  20  PHE A HD1  1 
ATOM   211  H  HD2  . PHE A 1 20  ? -3.765  -7.300  -7.202  1.00 38.86  ?  20  PHE A HD2  1 
ATOM   212  H  HE1  . PHE A 1 20  ? -5.208  -7.400  -11.541 1.00 37.25  ?  20  PHE A HE1  1 
ATOM   213  H  HE2  . PHE A 1 20  ? -5.733  -6.283  -7.781  1.00 38.90  ?  20  PHE A HE2  1 
ATOM   214  H  HZ   . PHE A 1 20  ? -6.454  -6.328  -9.932  1.00 33.42  ?  20  PHE A HZ   1 
ATOM   215  N  N    . LYS A 1 21  ? 1.122   -8.867  -7.842  1.00 28.18  ?  21  LYS A N    1 
ATOM   216  C  CA   . LYS A 1 21  ? 2.292   -9.503  -7.241  1.00 32.00  ?  21  LYS A CA   1 
ATOM   217  C  C    . LYS A 1 21  ? 2.721   -8.761  -5.999  1.00 36.80  ?  21  LYS A C    1 
ATOM   218  O  O    . LYS A 1 21  ? 3.018   -9.370  -4.967  1.00 35.22  ?  21  LYS A O    1 
ATOM   219  C  CB   . LYS A 1 21  ? 3.466   -9.537  -8.221  1.00 41.02  ?  21  LYS A CB   1 
ATOM   220  C  CG   . LYS A 1 21  ? 3.912   -10.903 -8.626  1.00 36.89  ?  21  LYS A CG   1 
ATOM   221  C  CD   . LYS A 1 21  ? 4.828   -10.816 -9.865  1.00 45.57  ?  21  LYS A CD   1 
ATOM   222  C  CE   . LYS A 1 21  ? 5.040   -12.173 -10.548 1.00 54.59  ?  21  LYS A CE   1 
ATOM   223  N  NZ   . LYS A 1 21  ? 5.585   -12.074 -11.944 1.00 47.74  ?  21  LYS A NZ   1 
ATOM   224  H  H    . LYS A 1 21  ? 1.199   -8.702  -8.682  1.00 33.81  ?  21  LYS A H    1 
ATOM   225  H  HA   . LYS A 1 21  ? 2.072   -10.414 -6.993  1.00 38.40  ?  21  LYS A HA   1 
ATOM   226  H  HB2  . LYS A 1 21  ? 3.209   -9.062  -9.027  1.00 49.22  ?  21  LYS A HB2  1 
ATOM   227  H  HB3  . LYS A 1 21  ? 4.224   -9.092  -7.810  1.00 49.22  ?  21  LYS A HB3  1 
ATOM   228  H  HG2  . LYS A 1 21  ? 4.412   -11.310 -7.901  1.00 44.27  ?  21  LYS A HG2  1 
ATOM   229  H  HG3  . LYS A 1 21  ? 3.139   -11.443 -8.852  1.00 44.27  ?  21  LYS A HG3  1 
ATOM   230  H  HD2  . LYS A 1 21  ? 4.427   -10.214 -10.512 1.00 54.69  ?  21  LYS A HD2  1 
ATOM   231  H  HD3  . LYS A 1 21  ? 5.696   -10.478 -9.593  1.00 54.69  ?  21  LYS A HD3  1 
ATOM   232  H  HE2  . LYS A 1 21  ? 5.668   -12.693 -10.021 1.00 65.51  ?  21  LYS A HE2  1 
ATOM   233  H  HE3  . LYS A 1 21  ? 4.188   -12.635 -10.595 1.00 65.51  ?  21  LYS A HE3  1 
ATOM   234  H  HZ1  . LYS A 1 21  ? 5.687   -12.887 -12.288 1.00 57.28  ?  21  LYS A HZ1  1 
ATOM   235  H  HZ2  . LYS A 1 21  ? 5.025   -11.610 -12.456 1.00 57.28  ?  21  LYS A HZ2  1 
ATOM   236  H  HZ3  . LYS A 1 21  ? 6.375   -11.662 -11.932 1.00 57.28  ?  21  LYS A HZ3  1 
ATOM   237  N  N    . ALA A 1 22  ? 2.782   -7.434  -6.088  1.00 31.41  ?  22  ALA A N    1 
ATOM   238  C  CA   . ALA A 1 22  ? 3.248   -6.659  -4.956  1.00 30.43  ?  22  ALA A CA   1 
ATOM   239  C  C    . ALA A 1 22  ? 2.295   -6.801  -3.792  1.00 31.59  ?  22  ALA A C    1 
ATOM   240  O  O    . ALA A 1 22  ? 2.723   -6.753  -2.637  1.00 30.39  ?  22  ALA A O    1 
ATOM   241  C  CB   . ALA A 1 22  ? 3.384   -5.183  -5.335  1.00 32.08  ?  22  ALA A CB   1 
ATOM   242  H  H    . ALA A 1 22  ? 2.564   -6.972  -6.780  1.00 37.69  ?  22  ALA A H    1 
ATOM   243  H  HA   . ALA A 1 22  ? 4.119   -6.985  -4.681  1.00 36.52  ?  22  ALA A HA   1 
ATOM   244  H  HB1  . ALA A 1 22  ? 3.697   -4.688  -4.562  1.00 38.50  ?  22  ALA A HB1  1 
ATOM   245  H  HB2  . ALA A 1 22  ? 4.021   -5.100  -6.061  1.00 38.50  ?  22  ALA A HB2  1 
ATOM   246  H  HB3  . ALA A 1 22  ? 2.517   -4.848  -5.614  1.00 38.50  ?  22  ALA A HB3  1 
ATOM   247  N  N    . LEU A 1 23  ? 0.998   -6.985  -4.070  1.00 24.49  ?  23  LEU A N    1 
ATOM   248  C  CA   . LEU A 1 23  ? 0.009   -7.073  -3.005  1.00 27.65  ?  23  LEU A CA   1 
ATOM   249  C  C    . LEU A 1 23  ? -0.113  -8.452  -2.378  1.00 28.78  ?  23  LEU A C    1 
ATOM   250  O  O    . LEU A 1 23  ? -0.828  -8.596  -1.388  1.00 33.23  ?  23  LEU A O    1 
ATOM   251  C  CB   . LEU A 1 23  ? -1.349  -6.653  -3.533  1.00 32.42  ?  23  LEU A CB   1 
ATOM   252  C  CG   . LEU A 1 23  ? -1.338  -5.174  -3.920  1.00 27.90  ?  23  LEU A CG   1 
ATOM   253  C  CD1  . LEU A 1 23  ? -2.584  -4.891  -4.681  1.00 32.04  ?  23  LEU A CD1  1 
ATOM   254  C  CD2  . LEU A 1 23  ? -1.261  -4.294  -2.718  1.00 32.10  ?  23  LEU A CD2  1 
ATOM   255  H  H    . LEU A 1 23  ? 0.674   -7.061  -4.862  1.00 29.38  ?  23  LEU A H    1 
ATOM   256  H  HA   . LEU A 1 23  ? 0.257   -6.453  -2.302  1.00 33.18  ?  23  LEU A HA   1 
ATOM   257  H  HB2  . LEU A 1 23  ? -1.565  -7.176  -4.321  1.00 38.90  ?  23  LEU A HB2  1 
ATOM   258  H  HB3  . LEU A 1 23  ? -2.018  -6.786  -2.844  1.00 38.90  ?  23  LEU A HB3  1 
ATOM   259  H  HG   . LEU A 1 23  ? -0.575  -4.990  -4.490  1.00 33.48  ?  23  LEU A HG   1 
ATOM   260  H  HD11 . LEU A 1 23  ? -2.593  -3.955  -4.935  1.00 38.45  ?  23  LEU A HD11 1 
ATOM   261  H  HD12 . LEU A 1 23  ? -2.603  -5.449  -5.474  1.00 38.45  ?  23  LEU A HD12 1 
ATOM   262  H  HD13 . LEU A 1 23  ? -3.349  -5.090  -4.118  1.00 38.45  ?  23  LEU A HD13 1 
ATOM   263  H  HD21 . LEU A 1 23  ? -1.256  -3.368  -3.004  1.00 38.52  ?  23  LEU A HD21 1 
ATOM   264  H  HD22 . LEU A 1 23  ? -2.033  -4.462  -2.154  1.00 38.52  ?  23  LEU A HD22 1 
ATOM   265  H  HD23 . LEU A 1 23  ? -0.445  -4.495  -2.232  1.00 38.52  ?  23  LEU A HD23 1 
ATOM   266  N  N    . GLY A 1 24  ? 0.545   -9.468  -2.916  1.00 28.85  ?  24  GLY A N    1 
ATOM   267  C  CA   . GLY A 1 24  ? 0.438   -10.807 -2.362  1.00 30.65  ?  24  GLY A CA   1 
ATOM   268  C  C    . GLY A 1 24  ? 1.353   -11.081 -1.197  1.00 29.99  ?  24  GLY A C    1 
ATOM   269  O  O    . GLY A 1 24  ? 2.081   -12.073 -1.203  1.00 38.97  ?  24  GLY A O    1 
ATOM   270  H  H    . GLY A 1 24  ? 1.059   -9.409  -3.603  1.00 34.62  ?  24  GLY A H    1 
ATOM   271  H  HA2  . GLY A 1 24  ? -0.473  -10.954 -2.068  1.00 36.78  ?  24  GLY A HA2  1 
ATOM   272  H  HA3  . GLY A 1 24  ? 0.639   -11.452 -3.058  1.00 36.78  ?  24  GLY A HA3  1 
ATOM   273  N  N    . ASP A 1 25  ? 1.328   -10.214 -0.190  1.00 31.47  ?  25  ASP A N    1 
ATOM   274  C  CA   . ASP A 1 25  ? 2.242   -10.314 0.946   1.00 29.36  ?  25  ASP A CA   1 
ATOM   275  C  C    . ASP A 1 25  ? 1.529   -9.740  2.157   1.00 31.11  ?  25  ASP A C    1 
ATOM   276  O  O    . ASP A 1 25  ? 0.963   -8.641  2.094   1.00 23.79  ?  25  ASP A O    1 
ATOM   277  C  CB   . ASP A 1 25  ? 3.555   -9.573  0.698   1.00 30.10  ?  25  ASP A CB   1 
ATOM   278  C  CG   . ASP A 1 25  ? 4.484   -9.621  1.901   1.00 33.14  ?  25  ASP A CG   1 
ATOM   279  O  OD1  . ASP A 1 25  ? 4.383   -8.754  2.772   1.00 28.90  ?  25  ASP A OD1  1 
ATOM   280  O  OD2  . ASP A 1 25  ? 5.315   -10.530 1.979   1.00 33.27  ?  25  ASP A OD2  1 
ATOM   281  H  H    . ASP A 1 25  ? 0.784   -9.550  -0.140  1.00 37.77  ?  25  ASP A H    1 
ATOM   282  H  HA   . ASP A 1 25  ? 2.443   -11.247 1.119   1.00 35.23  ?  25  ASP A HA   1 
ATOM   283  H  HB2  . ASP A 1 25  ? 4.015   -9.981  -0.052  1.00 36.12  ?  25  ASP A HB2  1 
ATOM   284  H  HB3  . ASP A 1 25  ? 3.363   -8.642  0.504   1.00 36.12  ?  25  ASP A HB3  1 
ATOM   285  N  N    . TYR A 1 26  ? 1.559   -10.488 3.255   1.00 29.75  ?  26  TYR A N    1 
ATOM   286  C  CA   . TYR A 1 26  ? 0.699   -10.168 4.385   1.00 34.49  ?  26  TYR A CA   1 
ATOM   287  C  C    . TYR A 1 26  ? 1.016   -8.797  4.982   1.00 28.53  ?  26  TYR A C    1 
ATOM   288  O  O    . TYR A 1 26  ? 0.105   -8.008  5.259   1.00 29.39  ?  26  TYR A O    1 
ATOM   289  C  CB   . TYR A 1 26  ? 0.813   -11.234 5.459   1.00 41.27  ?  26  TYR A CB   1 
ATOM   290  C  CG   . TYR A 1 26  ? -0.213  -11.033 6.532   1.00 52.36  ?  26  TYR A CG   1 
ATOM   291  C  CD1  . TYR A 1 26  ? 0.154   -10.827 7.857   1.00 55.86  ?  26  TYR A CD1  1 
ATOM   292  C  CD2  . TYR A 1 26  ? -1.572  -11.011 6.207   1.00 62.39  ?  26  TYR A CD2  1 
ATOM   293  C  CE1  . TYR A 1 26  ? -0.809  -10.633 8.837   1.00 61.24  ?  26  TYR A CE1  1 
ATOM   294  C  CE2  . TYR A 1 26  ? -2.544  -10.809 7.170   1.00 56.82  ?  26  TYR A CE2  1 
ATOM   295  C  CZ   . TYR A 1 26  ? -2.156  -10.620 8.481   1.00 58.48  ?  26  TYR A CZ   1 
ATOM   296  O  OH   . TYR A 1 26  ? -3.125  -10.430 9.432   1.00 67.55  ?  26  TYR A OH   1 
ATOM   297  H  H    . TYR A 1 26  ? 2.063   -11.176 3.370   1.00 35.70  ?  26  TYR A H    1 
ATOM   298  H  HA   . TYR A 1 26  ? -0.222  -10.153 4.080   1.00 41.38  ?  26  TYR A HA   1 
ATOM   299  H  HB2  . TYR A 1 26  ? 0.671   -12.106 5.061   1.00 49.52  ?  26  TYR A HB2  1 
ATOM   300  H  HB3  . TYR A 1 26  ? 1.693   -11.187 5.865   1.00 49.52  ?  26  TYR A HB3  1 
ATOM   301  H  HD1  . TYR A 1 26  ? 1.053   -10.836 8.092   1.00 67.03  ?  26  TYR A HD1  1 
ATOM   302  H  HD2  . TYR A 1 26  ? -1.830  -11.138 5.323   1.00 74.87  ?  26  TYR A HD2  1 
ATOM   303  H  HE1  . TYR A 1 26  ? -0.557  -10.502 9.722   1.00 73.49  ?  26  TYR A HE1  1 
ATOM   304  H  HE2  . TYR A 1 26  ? -3.445  -10.805 6.937   1.00 68.18  ?  26  TYR A HE2  1 
ATOM   305  H  HH   . TYR A 1 26  ? -3.885  -10.446 9.074   1.00 81.06  ?  26  TYR A HH   1 
ATOM   306  N  N    . ASN A 1 27  ? 2.285   -8.518  5.259   1.00 28.79  ?  27  ASN A N    1 
ATOM   307  C  CA   . ASN A 1 27  ? 2.614   -7.224  5.854   1.00 31.13  ?  27  ASN A CA   1 
ATOM   308  C  C    . ASN A 1 27  ? 2.392   -6.075  4.871   1.00 27.30  ?  27  ASN A C    1 
ATOM   309  O  O    . ASN A 1 27  ? 2.040   -4.971  5.280   1.00 26.33  ?  27  ASN A O    1 
ATOM   310  C  CB   . ASN A 1 27  ? 4.057   -7.228  6.355   1.00 33.07  ?  27  ASN A CB   1 
ATOM   311  C  CG   . ASN A 1 27  ? 4.226   -7.959  7.699   1.00 38.18  ?  27  ASN A CG   1 
ATOM   312  O  OD1  . ASN A 1 27  ? 3.265   -8.225  8.422   1.00 37.35  ?  27  ASN A OD1  1 
ATOM   313  N  ND2  . ASN A 1 27  ? 5.467   -8.254  8.040   1.00 45.38  ?  27  ASN A ND2  1 
ATOM   314  H  H    . ASN A 1 27  ? 2.955   -9.040  5.119   1.00 34.54  ?  27  ASN A H    1 
ATOM   315  H  HA   . ASN A 1 27  ? 2.036   -7.076  6.618   1.00 37.36  ?  27  ASN A HA   1 
ATOM   316  H  HB2  . ASN A 1 27  ? 4.617   -7.673  5.700   1.00 39.68  ?  27  ASN A HB2  1 
ATOM   317  H  HB3  . ASN A 1 27  ? 4.351   -6.311  6.474   1.00 39.68  ?  27  ASN A HB3  1 
ATOM   318  H  HD21 . ASN A 1 27  ? 5.623   -8.663  8.779   1.00 54.46  ?  27  ASN A HD21 1 
ATOM   319  H  HD22 . ASN A 1 27  ? 6.117   -8.037  7.520   1.00 54.46  ?  27  ASN A HD22 1 
ATOM   320  N  N    . ARG A 1 28  ? 2.611   -6.289  3.578   1.00 29.26  ?  28  ARG A N    1 
ATOM   321  C  CA   . ARG A 1 28  ? 2.306   -5.221  2.634   1.00 24.49  ?  28  ARG A CA   1 
ATOM   322  C  C    . ARG A 1 28  ? 0.821   -4.901  2.659   1.00 26.50  ?  28  ARG A C    1 
ATOM   323  O  O    . ARG A 1 28  ? 0.426   -3.725  2.683   1.00 25.06  ?  28  ARG A O    1 
ATOM   324  C  CB   . ARG A 1 28  ? 2.806   -5.602  1.252   1.00 27.80  ?  28  ARG A CB   1 
ATOM   325  C  CG   . ARG A 1 28  ? 4.348   -5.614  1.246   1.00 32.42  ?  28  ARG A CG   1 
ATOM   326  C  CD   . ARG A 1 28  ? 4.915   -5.337  -0.094  1.00 32.15  ?  28  ARG A CD   1 
ATOM   327  N  NE   . ARG A 1 28  ? 4.808   -6.518  -0.935  1.00 33.31  ?  28  ARG A NE   1 
ATOM   328  C  CZ   . ARG A 1 28  ? 5.691   -7.497  -0.949  1.00 32.36  ?  28  ARG A CZ   1 
ATOM   329  N  NH1  . ARG A 1 28  ? 6.755   -7.459  -0.172  1.00 35.31  ?  28  ARG A NH1  1 
ATOM   330  N  NH2  . ARG A 1 28  ? 5.506   -8.513  -1.760  1.00 34.86  ?  28  ARG A NH2  1 
ATOM   331  H  H    . ARG A 1 28  ? 2.922   -7.013  3.233   1.00 35.12  ?  28  ARG A H    1 
ATOM   332  H  HA   . ARG A 1 28  ? 2.782   -4.421  2.906   1.00 29.38  ?  28  ARG A HA   1 
ATOM   333  H  HB2  . ARG A 1 28  ? 2.488   -6.490  1.024   1.00 33.36  ?  28  ARG A HB2  1 
ATOM   334  H  HB3  . ARG A 1 28  ? 2.498   -4.951  0.602   1.00 33.36  ?  28  ARG A HB3  1 
ATOM   335  H  HG2  . ARG A 1 28  ? 4.671   -4.933  1.856   1.00 38.90  ?  28  ARG A HG2  1 
ATOM   336  H  HG3  . ARG A 1 28  ? 4.658   -6.489  1.529   1.00 38.90  ?  28  ARG A HG3  1 
ATOM   337  H  HD2  . ARG A 1 28  ? 4.421   -4.615  -0.513  1.00 38.58  ?  28  ARG A HD2  1 
ATOM   338  H  HD3  . ARG A 1 28  ? 5.853   -5.103  -0.008  1.00 38.58  ?  28  ARG A HD3  1 
ATOM   339  H  HE   . ARG A 1 28  ? 4.096   -6.612  -1.409  1.00 39.98  ?  28  ARG A HE   1 
ATOM   340  H  HH11 . ARG A 1 28  ? 6.879   -6.792  0.355   1.00 42.38  ?  28  ARG A HH11 1 
ATOM   341  H  HH12 . ARG A 1 28  ? 7.323   -8.105  -0.191  1.00 42.38  ?  28  ARG A HH12 1 
ATOM   342  H  HH21 . ARG A 1 28  ? 4.811   -8.538  -2.265  1.00 41.83  ?  28  ARG A HH21 1 
ATOM   343  H  HH22 . ARG A 1 28  ? 6.072   -9.159  -1.775  1.00 41.83  ?  28  ARG A HH22 1 
ATOM   344  N  N    . ILE A 1 29  ? -0.015  -5.926  2.762   1.00 22.42  ?  29  ILE A N    1 
ATOM   345  C  CA   . ILE A 1 29  ? -1.444  -5.677  2.897   1.00 23.11  ?  29  ILE A CA   1 
ATOM   346  C  C    . ILE A 1 29  ? -1.744  -4.928  4.190   1.00 25.95  ?  29  ILE A C    1 
ATOM   347  O  O    . ILE A 1 29  ? -2.612  -4.046  4.209   1.00 27.07  ?  29  ILE A O    1 
ATOM   348  C  CB   . ILE A 1 29  ? -2.229  -6.993  2.814   1.00 22.04  ?  29  ILE A CB   1 
ATOM   349  C  CG1  . ILE A 1 29  ? -2.147  -7.583  1.397   1.00 30.80  ?  29  ILE A CG1  1 
ATOM   350  C  CG2  . ILE A 1 29  ? -3.693  -6.753  3.217   1.00 31.21  ?  29  ILE A CG2  1 
ATOM   351  C  CD1  . ILE A 1 29  ? -2.609  -6.652  0.324   1.00 32.85  ?  29  ILE A CD1  1 
ATOM   352  H  H    . ILE A 1 29  ? 0.210   -6.755  2.756   1.00 26.90  ?  29  ILE A H    1 
ATOM   353  H  HA   . ILE A 1 29  ? -1.733  -5.116  2.159   1.00 27.73  ?  29  ILE A HA   1 
ATOM   354  H  HB   . ILE A 1 29  ? -1.836  -7.626  3.435   1.00 26.45  ?  29  ILE A HB   1 
ATOM   355  H  HG12 . ILE A 1 29  ? -1.225  -7.817  1.209   1.00 36.97  ?  29  ILE A HG12 1 
ATOM   356  H  HG13 . ILE A 1 29  ? -2.702  -8.378  1.358   1.00 36.97  ?  29  ILE A HG13 1 
ATOM   357  H  HG21 . ILE A 1 29  ? -4.177  -7.591  3.161   1.00 37.45  ?  29  ILE A HG21 1 
ATOM   358  H  HG22 . ILE A 1 29  ? -3.718  -6.417  4.127   1.00 37.45  ?  29  ILE A HG22 1 
ATOM   359  H  HG23 . ILE A 1 29  ? -4.084  -6.103  2.612   1.00 37.45  ?  29  ILE A HG23 1 
ATOM   360  H  HD11 . ILE A 1 29  ? -2.527  -7.096  -0.535  1.00 39.43  ?  29  ILE A HD11 1 
ATOM   361  H  HD12 . ILE A 1 29  ? -3.536  -6.417  0.488   1.00 39.43  ?  29  ILE A HD12 1 
ATOM   362  H  HD13 . ILE A 1 29  ? -2.057  -5.856  0.338   1.00 39.43  ?  29  ILE A HD13 1 
ATOM   363  N  N    . ARG A 1 30  ? -1.043  -5.260  5.291   1.00 23.84  ?  30  ARG A N    1 
ATOM   364  C  CA   . ARG A 1 30  ? -1.295  -4.553  6.552   1.00 27.81  ?  30  ARG A CA   1 
ATOM   365  C  C    . ARG A 1 30  ? -0.921  -3.079  6.431   1.00 24.40  ?  30  ARG A C    1 
ATOM   366  O  O    . ARG A 1 30  ? -1.646  -2.190  6.897   1.00 24.77  ?  30  ARG A O    1 
ATOM   367  C  CB   . ARG A 1 30  ? -0.512  -5.224  7.687   1.00 27.28  ?  30  ARG A CB   1 
ATOM   368  C  CG   . ARG A 1 30  ? -1.031  -6.585  8.116   1.00 28.70  ?  30  ARG A CG   1 
ATOM   369  C  CD   . ARG A 1 30  ? -0.106  -7.229  9.175   1.00 40.63  ?  30  ARG A CD   1 
ATOM   370  N  NE   . ARG A 1 30  ? -0.184  -6.553  10.460  1.00 52.36  ?  30  ARG A NE   1 
ATOM   371  C  CZ   . ARG A 1 30  ? 0.832   -6.384  11.306  1.00 46.56  ?  30  ARG A CZ   1 
ATOM   372  N  NH1  . ARG A 1 30  ? 2.056   -6.831  11.027  1.00 43.18  ?  30  ARG A NH1  1 
ATOM   373  N  NH2  . ARG A 1 30  ? 0.613   -5.753  12.445  1.00 38.49  ?  30  ARG A NH2  1 
ATOM   374  H  H    . ARG A 1 30  ? -0.439  -5.870  5.331   1.00 28.60  ?  30  ARG A H    1 
ATOM   375  H  HA   . ARG A 1 30  ? -2.240  -4.608  6.764   1.00 33.37  ?  30  ARG A HA   1 
ATOM   376  H  HB2  . ARG A 1 30  ? 0.407   -5.340  7.400   1.00 32.74  ?  30  ARG A HB2  1 
ATOM   377  H  HB3  . ARG A 1 30  ? -0.538  -4.644  8.464   1.00 32.74  ?  30  ARG A HB3  1 
ATOM   378  H  HG2  . ARG A 1 30  ? -1.914  -6.485  8.504   1.00 34.44  ?  30  ARG A HG2  1 
ATOM   379  H  HG3  . ARG A 1 30  ? -1.066  -7.173  7.345   1.00 34.44  ?  30  ARG A HG3  1 
ATOM   380  H  HD2  . ARG A 1 30  ? -0.368  -8.153  9.305   1.00 48.76  ?  30  ARG A HD2  1 
ATOM   381  H  HD3  . ARG A 1 30  ? 0.812   -7.182  8.866   1.00 48.76  ?  30  ARG A HD3  1 
ATOM   382  H  HE   . ARG A 1 30  ? -0.949  -6.236  10.694  1.00 62.83  ?  30  ARG A HE   1 
ATOM   383  H  HH11 . ARG A 1 30  ? 2.204   -7.244  10.287  1.00 51.81  ?  30  ARG A HH11 1 
ATOM   384  H  HH12 . ARG A 1 30  ? 2.695   -6.709  11.587  1.00 51.81  ?  30  ARG A HH12 1 
ATOM   385  H  HH21 . ARG A 1 30  ? -0.175  -5.460  12.630  1.00 46.18  ?  30  ARG A HH21 1 
ATOM   386  H  HH22 . ARG A 1 30  ? 1.257   -5.631  13.001  1.00 46.18  ?  30  ARG A HH22 1 
ATOM   387  N  N    . ILE A 1 31  ? 0.208   -2.804  5.797   1.00 22.49  ?  31  ILE A N    1 
ATOM   388  C  CA   . ILE A 1 31  ? 0.616   -1.434  5.513   1.00 25.75  ?  31  ILE A CA   1 
ATOM   389  C  C    . ILE A 1 31  ? -0.425  -0.730  4.646   1.00 23.82  ?  31  ILE A C    1 
ATOM   390  O  O    . ILE A 1 31  ? -0.844  0.389   4.943   1.00 24.70  ?  31  ILE A O    1 
ATOM   391  C  CB   . ILE A 1 31  ? 2.000   -1.439  4.838   1.00 19.45  ?  31  ILE A CB   1 
ATOM   392  C  CG1  . ILE A 1 31  ? 3.051   -1.953  5.808   1.00 26.31  ?  31  ILE A CG1  1 
ATOM   393  C  CG2  . ILE A 1 31  ? 2.366   -0.054  4.310   1.00 24.52  ?  31  ILE A CG2  1 
ATOM   394  C  CD1  . ILE A 1 31  ? 4.397   -2.160  5.161   1.00 23.67  ?  31  ILE A CD1  1 
ATOM   395  H  H    . ILE A 1 31  ? 0.763   -3.398  5.517   1.00 26.98  ?  31  ILE A H    1 
ATOM   396  H  HA   . ILE A 1 31  ? 0.691   -0.946  6.348   1.00 30.90  ?  31  ILE A HA   1 
ATOM   397  H  HB   . ILE A 1 31  ? 1.963   -2.047  4.084   1.00 23.34  ?  31  ILE A HB   1 
ATOM   398  H  HG12 . ILE A 1 31  ? 3.160   -1.309  6.525   1.00 31.57  ?  31  ILE A HG12 1 
ATOM   399  H  HG13 . ILE A 1 31  ? 2.759   -2.805  6.169   1.00 31.57  ?  31  ILE A HG13 1 
ATOM   400  H  HG21 . ILE A 1 31  ? 3.241   -0.096  3.893   1.00 29.42  ?  31  ILE A HG21 1 
ATOM   401  H  HG22 . ILE A 1 31  ? 1.702   0.221   3.658   1.00 29.42  ?  31  ILE A HG22 1 
ATOM   402  H  HG23 . ILE A 1 31  ? 2.381   0.573   5.051   1.00 29.42  ?  31  ILE A HG23 1 
ATOM   403  H  HD11 . ILE A 1 31  ? 5.020   -2.488  5.828   1.00 28.40  ?  31  ILE A HD11 1 
ATOM   404  H  HD12 . ILE A 1 31  ? 4.306   -2.810  4.446   1.00 28.40  ?  31  ILE A HD12 1 
ATOM   405  H  HD13 . ILE A 1 31  ? 4.708   -1.314  4.803   1.00 28.40  ?  31  ILE A HD13 1 
ATOM   406  N  N    . MET A 1 32  ? -0.858  -1.371  3.550   1.00 28.77  ?  32  MET A N    1 
ATOM   407  C  CA   . MET A 1 32  ? -1.832  -0.725  2.660   1.00 26.76  ?  32  MET A CA   1 
ATOM   408  C  C    . MET A 1 32  ? -3.132  -0.423  3.388   1.00 24.63  ?  32  MET A C    1 
ATOM   409  O  O    . MET A 1 32  ? -3.749  0.629   3.182   1.00 23.73  ?  32  MET A O    1 
ATOM   410  C  CB   . MET A 1 32  ? -2.105  -1.622  1.454   1.00 24.24  ?  32  MET A CB   1 
ATOM   411  C  CG   . MET A 1 32  ? -0.925  -1.827  0.529   1.00 19.65  ?  32  MET A CG   1 
ATOM   412  S  SD   . MET A 1 32  ? -0.447  -0.346  -0.416  1.00 27.60  ?  32  MET A SD   1 
ATOM   413  C  CE   . MET A 1 32  ? -1.714  -0.359  -1.647  1.00 27.04  ?  32  MET A CE   1 
ATOM   414  H  H    . MET A 1 32  ? -0.612  -2.158  3.306   1.00 34.52  ?  32  MET A H    1 
ATOM   415  H  HA   . MET A 1 32  ? -1.454  0.107   2.334   1.00 32.12  ?  32  MET A HA   1 
ATOM   416  H  HB2  . MET A 1 32  ? -2.382  -2.494  1.774   1.00 29.09  ?  32  MET A HB2  1 
ATOM   417  H  HB3  . MET A 1 32  ? -2.820  -1.225  0.931   1.00 29.09  ?  32  MET A HB3  1 
ATOM   418  H  HG2  . MET A 1 32  ? -0.159  -2.099  1.059   1.00 23.58  ?  32  MET A HG2  1 
ATOM   419  H  HG3  . MET A 1 32  ? -1.146  -2.525  -0.107  1.00 23.58  ?  32  MET A HG3  1 
ATOM   420  H  HE1  . MET A 1 32  ? -1.585  0.396   -2.241  1.00 32.45  ?  32  MET A HE1  1 
ATOM   421  H  HE2  . MET A 1 32  ? -1.659  -1.188  -2.148  1.00 32.45  ?  32  MET A HE2  1 
ATOM   422  H  HE3  . MET A 1 32  ? -2.578  -0.294  -1.211  1.00 32.45  ?  32  MET A HE3  1 
ATOM   423  N  N    . GLU A 1 33  ? -3.581  -1.350  4.222   1.00 22.36  ?  33  GLU A N    1 
ATOM   424  C  CA   . GLU A 1 33  ? -4.871  -1.183  4.875   1.00 19.92  ?  33  GLU A CA   1 
ATOM   425  C  C    . GLU A 1 33  ? -4.796  -0.104  5.950   1.00 22.17  ?  33  GLU A C    1 
ATOM   426  O  O    . GLU A 1 33  ? -5.759  0.637   6.166   1.00 23.99  ?  33  GLU A O    1 
ATOM   427  C  CB   . GLU A 1 33  ? -5.329  -2.524  5.444   1.00 23.47  ?  33  GLU A CB   1 
ATOM   428  C  CG   . GLU A 1 33  ? -6.747  -2.539  5.976   1.00 25.10  ?  33  GLU A CG   1 
ATOM   429  C  CD   . GLU A 1 33  ? -6.828  -2.135  7.441   1.00 31.94  ?  33  GLU A CD   1 
ATOM   430  O  OE1  . GLU A 1 33  ? -5.773  -1.875  8.074   1.00 28.25  ?  33  GLU A OE1  1 
ATOM   431  O  OE2  . GLU A 1 33  ? -7.953  -2.111  7.966   1.00 29.26  ?  33  GLU A OE2  1 
ATOM   432  H  H    . GLU A 1 33  ? -3.165  -2.074  4.425   1.00 26.83  ?  33  GLU A H    1 
ATOM   433  H  HA   . GLU A 1 33  ? -5.522  -0.900  4.215   1.00 23.90  ?  33  GLU A HA   1 
ATOM   434  H  HB2  . GLU A 1 33  ? -5.272  -3.191  4.742   1.00 28.17  ?  33  GLU A HB2  1 
ATOM   435  H  HB3  . GLU A 1 33  ? -4.739  -2.767  6.173   1.00 28.17  ?  33  GLU A HB3  1 
ATOM   436  H  HG2  . GLU A 1 33  ? -7.284  -1.915  5.462   1.00 30.12  ?  33  GLU A HG2  1 
ATOM   437  H  HG3  . GLU A 1 33  ? -7.107  -3.435  5.891   1.00 30.12  ?  33  GLU A HG3  1 
ATOM   438  N  N    . ALA A 1 34  ? -3.662  0.017   6.614   1.00 23.07  ?  34  ALA A N    1 
ATOM   439  C  CA   . ALA A 1 34  ? -3.459  1.138   7.518   1.00 24.68  ?  34  ALA A CA   1 
ATOM   440  C  C    . ALA A 1 34  ? -3.516  2.457   6.757   1.00 27.69  ?  34  ALA A C    1 
ATOM   441  O  O    . ALA A 1 34  ? -4.170  3.419   7.187   1.00 24.79  ?  34  ALA A O    1 
ATOM   442  C  CB   . ALA A 1 34  ? -2.108  0.982   8.211   1.00 24.87  ?  34  ALA A CB   1 
ATOM   443  H  H    . ALA A 1 34  ? -2.998  -0.528  6.561   1.00 27.68  ?  34  ALA A H    1 
ATOM   444  H  HA   . ALA A 1 34  ? -4.155  1.141   8.194   1.00 29.61  ?  34  ALA A HA   1 
ATOM   445  H  HB1  . ALA A 1 34  ? -1.975  1.731   8.813   1.00 29.84  ?  34  ALA A HB1  1 
ATOM   446  H  HB2  . ALA A 1 34  ? -2.104  0.151   8.709   1.00 29.84  ?  34  ALA A HB2  1 
ATOM   447  H  HB3  . ALA A 1 34  ? -1.409  0.970   7.539   1.00 29.84  ?  34  ALA A HB3  1 
ATOM   448  N  N    . LEU A 1 35  ? -2.827  2.515   5.615   1.00 26.17  ?  35  LEU A N    1 
ATOM   449  C  CA   . LEU A 1 35  ? -2.846  3.735   4.819   1.00 23.14  ?  35  LEU A CA   1 
ATOM   450  C  C    . LEU A 1 35  ? -4.245  4.026   4.305   1.00 23.19  ?  35  LEU A C    1 
ATOM   451  O  O    . LEU A 1 35  ? -4.587  5.191   4.055   1.00 23.15  ?  35  LEU A O    1 
ATOM   452  C  CB   . LEU A 1 35  ? -1.848  3.617   3.678   1.00 19.91  ?  35  LEU A CB   1 
ATOM   453  C  CG   . LEU A 1 35  ? -0.367  3.663   4.033   1.00 21.26  ?  35  LEU A CG   1 
ATOM   454  C  CD1  . LEU A 1 35  ? 0.510   3.391   2.852   1.00 22.62  ?  35  LEU A CD1  1 
ATOM   455  C  CD2  . LEU A 1 35  ? 0.020   4.995   4.591   1.00 23.58  ?  35  LEU A CD2  1 
ATOM   456  H  H    . LEU A 1 35  ? -2.353  1.876   5.289   1.00 31.41  ?  35  LEU A H    1 
ATOM   457  H  HA   . LEU A 1 35  ? -2.572  4.479   5.379   1.00 27.77  ?  35  LEU A HA   1 
ATOM   458  H  HB2  . LEU A 1 35  ? -2.008  2.773   3.228   1.00 23.89  ?  35  LEU A HB2  1 
ATOM   459  H  HB3  . LEU A 1 35  ? -2.015  4.344   3.058   1.00 23.89  ?  35  LEU A HB3  1 
ATOM   460  H  HG   . LEU A 1 35  ? -0.181  2.990   4.708   1.00 25.51  ?  35  LEU A HG   1 
ATOM   461  H  HD11 . LEU A 1 35  ? 1.438   3.432   3.132   1.00 27.15  ?  35  LEU A HD11 1 
ATOM   462  H  HD12 . LEU A 1 35  ? 0.307   2.508   2.507   1.00 27.15  ?  35  LEU A HD12 1 
ATOM   463  H  HD13 . LEU A 1 35  ? 0.340   4.061   2.172   1.00 27.15  ?  35  LEU A HD13 1 
ATOM   464  H  HD21 . LEU A 1 35  ? 0.966   4.985   4.804   1.00 28.30  ?  35  LEU A HD21 1 
ATOM   465  H  HD22 . LEU A 1 35  ? -0.163  5.680   3.929   1.00 28.30  ?  35  LEU A HD22 1 
ATOM   466  H  HD23 . LEU A 1 35  ? -0.498  5.163   5.394   1.00 28.30  ?  35  LEU A HD23 1 
ATOM   467  N  N    . SER A 1 36  ? -5.083  2.998   4.139   1.00 24.11  ?  36  SER A N    1 
ATOM   468  C  CA   . SER A 1 36  ? -6.424  3.291   3.674   1.00 22.31  ?  36  SER A CA   1 
ATOM   469  C  C    . SER A 1 36  ? -7.204  4.016   4.748   1.00 25.77  ?  36  SER A C    1 
ATOM   470  O  O    . SER A 1 36  ? -8.173  4.717   4.429   1.00 26.21  ?  36  SER A O    1 
ATOM   471  C  CB   . SER A 1 36  ? -7.192  2.022   3.239   1.00 25.74  ?  36  SER A CB   1 
ATOM   472  O  OG   . SER A 1 36  ? -7.538  1.189   4.323   1.00 20.40  ?  36  SER A OG   1 
ATOM   473  H  H    . SER A 1 36  ? -4.907  2.168   4.282   1.00 28.93  ?  36  SER A H    1 
ATOM   474  H  HA   . SER A 1 36  ? -6.366  3.878   2.904   1.00 26.77  ?  36  SER A HA   1 
ATOM   475  H  HB2  . SER A 1 36  ? -8.007  2.293   2.786   1.00 30.89  ?  36  SER A HB2  1 
ATOM   476  H  HB3  . SER A 1 36  ? -6.634  1.516   2.628   1.00 30.89  ?  36  SER A HB3  1 
ATOM   477  H  HG   . SER A 1 36  ? -6.844  0.938   4.725   1.00 24.49  ?  36  SER A HG   1 
ATOM   478  N  N    . VAL A 1 37  ? -6.761  3.913   6.005   1.00 25.81  ?  37  VAL A N    1 
ATOM   479  C  CA   . VAL A 1 37  ? -7.418  4.621   7.097   1.00 27.75  ?  37  VAL A CA   1 
ATOM   480  C  C    . VAL A 1 37  ? -6.876  6.036   7.179   1.00 28.89  ?  37  VAL A C    1 
ATOM   481  O  O    . VAL A 1 37  ? -7.640  6.992   7.319   1.00 27.50  ?  37  VAL A O    1 
ATOM   482  C  CB   . VAL A 1 37  ? -7.232  3.865   8.442   1.00 28.61  ?  37  VAL A CB   1 
ATOM   483  C  CG1  . VAL A 1 37  ? -7.713  4.710   9.637   1.00 35.43  ?  37  VAL A CG1  1 
ATOM   484  C  CG2  . VAL A 1 37  ? -7.947  2.508   8.472   1.00 30.82  ?  37  VAL A CG2  1 
ATOM   485  H  H    . VAL A 1 37  ? -6.084  3.440   6.246   1.00 30.97  ?  37  VAL A H    1 
ATOM   486  H  HA   . VAL A 1 37  ? -8.368  4.674   6.912   1.00 33.30  ?  37  VAL A HA   1 
ATOM   487  H  HB   . VAL A 1 37  ? -6.285  3.696   8.569   1.00 34.34  ?  37  VAL A HB   1 
ATOM   488  H  HG11 . VAL A 1 37  ? -7.580  4.205   10.455  1.00 42.52  ?  37  VAL A HG11 1 
ATOM   489  H  HG12 . VAL A 1 37  ? -7.198  5.532   9.669   1.00 42.52  ?  37  VAL A HG12 1 
ATOM   490  H  HG13 . VAL A 1 37  ? -8.654  4.912   9.521   1.00 42.52  ?  37  VAL A HG13 1 
ATOM   491  H  HG21 . VAL A 1 37  ? -7.793  2.089   9.333   1.00 36.99  ?  37  VAL A HG21 1 
ATOM   492  H  HG22 . VAL A 1 37  ? -8.897  2.649   8.337   1.00 36.99  ?  37  VAL A HG22 1 
ATOM   493  H  HG23 . VAL A 1 37  ? -7.591  1.948   7.763   1.00 36.99  ?  37  VAL A HG23 1 
ATOM   494  N  N    . SER A 1 38  ? -5.556  6.189   7.067   1.00 23.98  ?  38  SER A N    1 
ATOM   495  C  CA   . SER A 1 38  ? -4.931  7.492   7.169   1.00 26.67  ?  38  SER A CA   1 
ATOM   496  C  C    . SER A 1 38  ? -3.546  7.428   6.549   1.00 26.75  ?  38  SER A C    1 
ATOM   497  O  O    . SER A 1 38  ? -2.816  6.458   6.749   1.00 27.11  ?  38  SER A O    1 
ATOM   498  C  CB   . SER A 1 38  ? -4.838  7.935   8.631   1.00 27.78  ?  38  SER A CB   1 
ATOM   499  O  OG   . SER A 1 38  ? -4.226  9.191   8.717   1.00 33.33  ?  38  SER A OG   1 
ATOM   500  H  H    . SER A 1 38  ? -5.004  5.545   6.929   1.00 28.78  ?  38  SER A H    1 
ATOM   501  H  HA   . SER A 1 38  ? -5.457  8.145   6.682   1.00 32.01  ?  38  SER A HA   1 
ATOM   502  H  HB2  . SER A 1 38  ? -5.732  7.990   9.004   1.00 33.33  ?  38  SER A HB2  1 
ATOM   503  H  HB3  . SER A 1 38  ? -4.309  7.289   9.127   1.00 33.33  ?  38  SER A HB3  1 
ATOM   504  H  HG   . SER A 1 38  ? -3.452  9.156   8.394   1.00 39.99  ?  38  SER A HG   1 
ATOM   505  N  N    . GLU A 1 39  ? -3.197  8.455   5.786   1.00 24.40  ?  39  GLU A N    1 
ATOM   506  C  CA   . GLU A 1 39  ? -1.807  8.644   5.414   1.00 27.01  ?  39  GLU A CA   1 
ATOM   507  C  C    . GLU A 1 39  ? -0.965  8.743   6.683   1.00 24.70  ?  39  GLU A C    1 
ATOM   508  O  O    . GLU A 1 39  ? -1.458  9.103   7.751   1.00 25.58  ?  39  GLU A O    1 
ATOM   509  C  CB   . GLU A 1 39  ? -1.654  9.892   4.550   1.00 29.59  ?  39  GLU A CB   1 
ATOM   510  C  CG   . GLU A 1 39  ? -2.036  11.178  5.265   1.00 34.48  ?  39  GLU A CG   1 
ATOM   511  C  CD   . GLU A 1 39  ? -1.907  12.441  4.400   1.00 35.59  ?  39  GLU A CD   1 
ATOM   512  O  OE1  . GLU A 1 39  ? -1.746  12.358  3.162   1.00 42.04  ?  39  GLU A OE1  1 
ATOM   513  O  OE2  . GLU A 1 39  ? -1.959  13.530  4.990   1.00 44.83  ?  39  GLU A OE2  1 
ATOM   514  H  H    . GLU A 1 39  ? -3.738  9.046   5.474   1.00 29.27  ?  39  GLU A H    1 
ATOM   515  H  HA   . GLU A 1 39  ? -1.502  7.878   4.902   1.00 32.42  ?  39  GLU A HA   1 
ATOM   516  H  HB2  . GLU A 1 39  ? -0.728  9.970   4.272   1.00 35.51  ?  39  GLU A HB2  1 
ATOM   517  H  HB3  . GLU A 1 39  ? -2.225  9.805   3.770   1.00 35.51  ?  39  GLU A HB3  1 
ATOM   518  H  HG2  . GLU A 1 39  ? -2.961  11.111  5.553   1.00 41.37  ?  39  GLU A HG2  1 
ATOM   519  H  HG3  . GLU A 1 39  ? -1.460  11.287  6.037   1.00 41.37  ?  39  GLU A HG3  1 
ATOM   520  N  N    . ALA A 1 40  ? 0.319   8.418   6.572   1.00 27.75  ?  40  ALA A N    1 
ATOM   521  C  CA   . ALA A 1 40  ? 1.114   8.344   7.787   1.00 30.90  ?  40  ALA A CA   1 
ATOM   522  C  C    . ALA A 1 40  ? 2.603   8.243   7.463   1.00 28.54  ?  40  ALA A C    1 
ATOM   523  O  O    . ALA A 1 40  ? 2.993   7.908   6.346   1.00 22.87  ?  40  ALA A O    1 
ATOM   524  C  CB   . ALA A 1 40  ? 0.649   7.155   8.633   1.00 30.03  ?  40  ALA A CB   1 
ATOM   525  H  H    . ALA A 1 40  ? 0.737   8.243   5.840   1.00 33.30  ?  40  ALA A H    1 
ATOM   526  H  HA   . ALA A 1 40  ? 0.975   9.152   8.305   1.00 37.08  ?  40  ALA A HA   1 
ATOM   527  H  HB1  . ALA A 1 40  ? 1.185   7.114   9.441   1.00 36.04  ?  40  ALA A HB1  1 
ATOM   528  H  HB2  . ALA A 1 40  ? -0.286  7.277   8.861   1.00 36.04  ?  40  ALA A HB2  1 
ATOM   529  H  HB3  . ALA A 1 40  ? 0.762   6.340   8.119   1.00 36.04  ?  40  ALA A HB3  1 
ATOM   530  N  N    . SER A 1 41  ? 3.433   8.576   8.462   1.00 30.58  ?  41  SER A N    1 
ATOM   531  C  CA   . SER A 1 41  ? 4.876   8.488   8.333   1.00 28.58  ?  41  SER A CA   1 
ATOM   532  C  C    . SER A 1 41  ? 5.322   7.052   8.566   1.00 26.95  ?  41  SER A C    1 
ATOM   533  O  O    . SER A 1 41  ? 4.575   6.231   9.086   1.00 27.51  ?  41  SER A O    1 
ATOM   534  C  CB   . SER A 1 41  ? 5.575   9.398   9.352   1.00 30.04  ?  41  SER A CB   1 
ATOM   535  O  OG   . SER A 1 41  ? 5.302   8.908   10.638  1.00 27.42  ?  41  SER A OG   1 
ATOM   536  H  H    . SER A 1 41  ? 3.172   8.858   9.231   1.00 36.70  ?  41  SER A H    1 
ATOM   537  H  HA   . SER A 1 41  ? 5.142   8.756   7.439   1.00 34.30  ?  41  SER A HA   1 
ATOM   538  H  HB2  . SER A 1 41  ? 6.533   9.383   9.195   1.00 36.05  ?  41  SER A HB2  1 
ATOM   539  H  HB3  . SER A 1 41  ? 5.231   10.301  9.269   1.00 36.05  ?  41  SER A HB3  1 
ATOM   540  H  HG   . SER A 1 41  ? 5.675   9.391   11.214  1.00 32.90  ?  41  SER A HG   1 
ATOM   541  N  N    . VAL A 1 42  ? 6.567   6.753   8.191   1.00 30.52  ?  42  VAL A N    1 
ATOM   542  C  CA   . VAL A 1 42  ? 7.116   5.418   8.417   1.00 30.50  ?  42  VAL A CA   1 
ATOM   543  C  C    . VAL A 1 42  ? 7.074   5.086   9.901   1.00 31.35  ?  42  VAL A C    1 
ATOM   544  O  O    . VAL A 1 42  ? 6.740   3.962   10.302  1.00 29.68  ?  42  VAL A O    1 
ATOM   545  C  CB   . VAL A 1 42  ? 8.550   5.326   7.868   1.00 33.28  ?  42  VAL A CB   1 
ATOM   546  C  CG1  . VAL A 1 42  ? 9.175   3.953   8.186   1.00 38.54  ?  42  VAL A CG1  1 
ATOM   547  C  CG2  . VAL A 1 42  ? 8.563   5.545   6.411   1.00 31.77  ?  42  VAL A CG2  1 
ATOM   548  H  H    . VAL A 1 42  ? 7.108   7.299   7.807   1.00 36.62  ?  42  VAL A H    1 
ATOM   549  H  HA   . VAL A 1 42  ? 6.571   4.767   7.947   1.00 36.60  ?  42  VAL A HA   1 
ATOM   550  H  HB   . VAL A 1 42  ? 9.097   6.011   8.284   1.00 39.94  ?  42  VAL A HB   1 
ATOM   551  H  HG11 . VAL A 1 42  ? 10.076  3.927   7.827   1.00 46.25  ?  42  VAL A HG11 1 
ATOM   552  H  HG12 . VAL A 1 42  ? 9.197   3.831   9.148   1.00 46.25  ?  42  VAL A HG12 1 
ATOM   553  H  HG13 . VAL A 1 42  ? 8.636   3.259   7.776   1.00 46.25  ?  42  VAL A HG13 1 
ATOM   554  H  HG21 . VAL A 1 42  ? 9.476   5.481   6.090   1.00 38.12  ?  42  VAL A HG21 1 
ATOM   555  H  HG22 . VAL A 1 42  ? 8.015   4.867   5.985   1.00 38.12  ?  42  VAL A HG22 1 
ATOM   556  H  HG23 . VAL A 1 42  ? 8.206   6.426   6.221   1.00 38.12  ?  42  VAL A HG23 1 
ATOM   557  N  N    . GLY A 1 43  ? 7.382   6.070   10.738  1.00 32.44  ?  43  GLY A N    1 
ATOM   558  C  CA   . GLY A 1 43  ? 7.409   5.813   12.161  1.00 31.93  ?  43  GLY A CA   1 
ATOM   559  C  C    . GLY A 1 43  ? 6.039   5.476   12.695  1.00 34.84  ?  43  GLY A C    1 
ATOM   560  O  O    . GLY A 1 43  ? 5.875   4.534   13.479  1.00 29.14  ?  43  GLY A O    1 
ATOM   561  H  H    . GLY A 1 43  ? 7.575   6.876   10.510  1.00 38.93  ?  43  GLY A H    1 
ATOM   562  H  HA2  . GLY A 1 43  ? 8.005   5.071   12.346  1.00 38.31  ?  43  GLY A HA2  1 
ATOM   563  H  HA3  . GLY A 1 43  ? 7.737   6.598   12.626  1.00 38.31  ?  43  GLY A HA3  1 
ATOM   564  N  N    . HIS A 1 44  ? 5.030   6.242   12.263  1.00 31.96  ?  44  HIS A N    1 
ATOM   565  C  CA   . HIS A 1 44  ? 3.657   6.022   12.702  1.00 32.56  ?  44  HIS A CA   1 
ATOM   566  C  C    . HIS A 1 44  ? 3.146   4.657   12.257  1.00 26.10  ?  44  HIS A C    1 
ATOM   567  O  O    . HIS A 1 44  ? 2.420   3.988   12.998  1.00 33.08  ?  44  HIS A O    1 
ATOM   568  C  CB   . HIS A 1 44  ? 2.758   7.125   12.140  1.00 34.40  ?  44  HIS A CB   1 
ATOM   569  C  CG   . HIS A 1 44  ? 1.400   7.191   12.766  1.00 39.54  ?  44  HIS A CG   1 
ATOM   570  N  ND1  . HIS A 1 44  ? 1.040   6.437   13.865  1.00 51.53  ?  44  HIS A ND1  1 
ATOM   571  C  CD2  . HIS A 1 44  ? 0.319   7.946   12.464  1.00 47.05  ?  44  HIS A CD2  1 
ATOM   572  C  CE1  . HIS A 1 44  ? -0.207  6.713   14.203  1.00 42.61  ?  44  HIS A CE1  1 
ATOM   573  N  NE2  . HIS A 1 44  ? -0.666  7.628   13.368  1.00 46.94  ?  44  HIS A NE2  1 
ATOM   574  H  H    . HIS A 1 44  ? 5.120   6.897   11.713  1.00 38.36  ?  44  HIS A H    1 
ATOM   575  H  HA   . HIS A 1 44  ? 3.620   6.061   13.670  1.00 39.07  ?  44  HIS A HA   1 
ATOM   576  H  HB2  . HIS A 1 44  ? 3.190   7.981   12.285  1.00 41.28  ?  44  HIS A HB2  1 
ATOM   577  H  HB3  . HIS A 1 44  ? 2.638   6.974   11.190  1.00 41.28  ?  44  HIS A HB3  1 
ATOM   578  H  HD2  . HIS A 1 44  ? 0.253   8.562   11.771  1.00 56.46  ?  44  HIS A HD2  1 
ATOM   579  H  HE1  . HIS A 1 44  ? -0.679  6.331   14.907  1.00 51.13  ?  44  HIS A HE1  1 
ATOM   580  H  HE2  . HIS A 1 44  ? -1.456  7.968   13.386  1.00 56.33  ?  44  HIS A HE2  1 
ATOM   581  N  N    . ILE A 1 45  ? 3.491   4.245   11.041  1.00 27.17  ?  45  ILE A N    1 
ATOM   582  C  CA   . ILE A 1 45  ? 3.083   2.932   10.534  1.00 26.89  ?  45  ILE A CA   1 
ATOM   583  C  C    . ILE A 1 45  ? 3.754   1.825   11.334  1.00 27.00  ?  45  ILE A C    1 
ATOM   584  O  O    . ILE A 1 45  ? 3.102   0.874   11.779  1.00 28.39  ?  45  ILE A O    1 
ATOM   585  C  CB   . ILE A 1 45  ? 3.429   2.810   9.043   1.00 24.29  ?  45  ILE A CB   1 
ATOM   586  C  CG1  . ILE A 1 45  ? 2.586   3.780   8.185   1.00 28.91  ?  45  ILE A CG1  1 
ATOM   587  C  CG2  . ILE A 1 45  ? 3.262   1.364   8.552   1.00 27.34  ?  45  ILE A CG2  1 
ATOM   588  C  CD1  . ILE A 1 45  ? 3.147   3.994   6.708   1.00 31.46  ?  45  ILE A CD1  1 
ATOM   589  H  H    . ILE A 1 45  ? 3.962   4.705   10.486  1.00 32.60  ?  45  ILE A H    1 
ATOM   590  H  HA   . ILE A 1 45  ? 2.123   2.838   10.631  1.00 32.27  ?  45  ILE A HA   1 
ATOM   591  H  HB   . ILE A 1 45  ? 4.362   3.054   8.934   1.00 29.15  ?  45  ILE A HB   1 
ATOM   592  H  HG12 . ILE A 1 45  ? 1.685   3.428   8.111   1.00 34.69  ?  45  ILE A HG12 1 
ATOM   593  H  HG13 . ILE A 1 45  ? 2.565   4.646   8.623   1.00 34.69  ?  45  ILE A HG13 1 
ATOM   594  H  HG21 . ILE A 1 45  ? 3.489   1.322   7.609   1.00 32.81  ?  45  ILE A HG21 1 
ATOM   595  H  HG22 . ILE A 1 45  ? 3.856   0.788   9.060   1.00 32.81  ?  45  ILE A HG22 1 
ATOM   596  H  HG23 . ILE A 1 45  ? 2.342   1.090   8.684   1.00 32.81  ?  45  ILE A HG23 1 
ATOM   597  H  HD11 . ILE A 1 45  ? 2.567   4.612   6.236   1.00 37.75  ?  45  ILE A HD11 1 
ATOM   598  H  HD12 . ILE A 1 45  ? 4.045   4.359   6.762   1.00 37.75  ?  45  ILE A HD12 1 
ATOM   599  H  HD13 . ILE A 1 45  ? 3.164   3.139   6.250   1.00 37.75  ?  45  ILE A HD13 1 
ATOM   600  N  N    . SER A 1 46  ? 5.073   1.912   11.495  1.00 25.94  ?  46  SER A N    1 
ATOM   601  C  CA   . SER A 1 46  ? 5.790   0.869   12.227  1.00 31.19  ?  46  SER A CA   1 
ATOM   602  C  C    . SER A 1 46  ? 5.285   0.736   13.668  1.00 32.87  ?  46  SER A C    1 
ATOM   603  O  O    . SER A 1 46  ? 5.286   -0.359  14.232  1.00 34.34  ?  46  SER A O    1 
ATOM   604  C  CB   . SER A 1 46  ? 7.286   1.174   12.156  1.00 36.56  ?  46  SER A CB   1 
ATOM   605  O  OG   . SER A 1 46  ? 7.681   1.975   13.237  1.00 45.76  ?  46  SER A OG   1 
ATOM   606  H  H    . SER A 1 46  ? 5.567   2.551   11.199  1.00 31.13  ?  46  SER A H    1 
ATOM   607  H  HA   . SER A 1 46  ? 5.641   0.020   11.783  1.00 37.43  ?  46  SER A HA   1 
ATOM   608  H  HB2  . SER A 1 46  ? 7.781   0.339   12.184  1.00 43.87  ?  46  SER A HB2  1 
ATOM   609  H  HB3  . SER A 1 46  ? 7.474   1.643   11.329  1.00 43.87  ?  46  SER A HB3  1 
ATOM   610  H  HG   . SER A 1 46  ? 7.260   2.701   13.225  1.00 54.91  ?  46  SER A HG   1 
ATOM   611  N  N    . HIS A 1 47  ? 4.789   1.825   14.254  1.00 31.38  ?  47  HIS A N    1 
ATOM   612  C  CA   . HIS A 1 47  ? 4.198   1.783   15.589  1.00 31.40  ?  47  HIS A CA   1 
ATOM   613  C  C    . HIS A 1 47  ? 2.836   1.117   15.576  1.00 37.27  ?  47  HIS A C    1 
ATOM   614  O  O    . HIS A 1 47  ? 2.546   0.264   16.424  1.00 36.35  ?  47  HIS A O    1 
ATOM   615  C  CB   . HIS A 1 47  ? 4.063   3.209   16.124  1.00 41.97  ?  47  HIS A CB   1 
ATOM   616  C  CG   . HIS A 1 47  ? 3.470   3.310   17.495  1.00 55.93  ?  47  HIS A CG   1 
ATOM   617  N  ND1  . HIS A 1 47  ? 4.103   2.822   18.622  1.00 56.75  ?  47  HIS A ND1  1 
ATOM   618  C  CD2  . HIS A 1 47  ? 2.327   3.896   17.927  1.00 52.11  ?  47  HIS A CD2  1 
ATOM   619  C  CE1  . HIS A 1 47  ? 3.364   3.082   19.686  1.00 56.65  ?  47  HIS A CE1  1 
ATOM   620  N  NE2  . HIS A 1 47  ? 2.281   3.733   19.290  1.00 59.66  ?  47  HIS A NE2  1 
ATOM   621  H  H    . HIS A 1 47  ? 4.783   2.605   13.894  1.00 37.65  ?  47  HIS A H    1 
ATOM   622  H  HA   . HIS A 1 47  ? 4.778   1.285   16.185  1.00 37.68  ?  47  HIS A HA   1 
ATOM   623  H  HB2  . HIS A 1 47  ? 4.944   3.613   16.156  1.00 50.36  ?  47  HIS A HB2  1 
ATOM   624  H  HB3  . HIS A 1 47  ? 3.494   3.714   15.521  1.00 50.36  ?  47  HIS A HB3  1 
ATOM   625  H  HD2  . HIS A 1 47  ? 1.689   4.320   17.399  1.00 62.53  ?  47  HIS A HD2  1 
ATOM   626  H  HE1  . HIS A 1 47  ? 3.568   2.847   20.562  1.00 67.98  ?  47  HIS A HE1  1 
ATOM   627  H  HE2  . HIS A 1 47  ? 1.648   4.006   19.805  1.00 71.59  ?  47  HIS A HE2  1 
ATOM   628  N  N    . GLN A 1 48  ? 1.970   1.529   14.642  1.00 32.92  ?  48  GLN A N    1 
ATOM   629  C  CA   . GLN A 1 48  ? 0.670   0.895   14.493  1.00 30.24  ?  48  GLN A CA   1 
ATOM   630  C  C    . GLN A 1 48  ? 0.793   -0.606  14.342  1.00 33.31  ?  48  GLN A C    1 
ATOM   631  O  O    . GLN A 1 48  ? -0.029  -1.353  14.881  1.00 31.49  ?  48  GLN A O    1 
ATOM   632  C  CB   . GLN A 1 48  ? -0.080  1.435   13.275  1.00 29.48  ?  48  GLN A CB   1 
ATOM   633  C  CG   . GLN A 1 48  ? -0.865  2.713   13.472  1.00 44.49  ?  48  GLN A CG   1 
ATOM   634  C  CD   . GLN A 1 48  ? -1.477  3.209   12.181  1.00 46.14  ?  48  GLN A CD   1 
ATOM   635  O  OE1  . GLN A 1 48  ? -1.148  4.316   11.681  1.00 48.54  ?  48  GLN A OE1  1 
ATOM   636  N  NE2  . GLN A 1 48  ? -2.365  2.387   11.609  1.00 41.13  ?  48  GLN A NE2  1 
ATOM   637  H  H    . GLN A 1 48  ? 2.117   2.171   14.089  1.00 39.51  ?  48  GLN A H    1 
ATOM   638  H  HA   . GLN A 1 48  ? 0.136   1.078   15.282  1.00 36.28  ?  48  GLN A HA   1 
ATOM   639  H  HB2  . GLN A 1 48  ? 0.566   1.601   12.570  1.00 35.37  ?  48  GLN A HB2  1 
ATOM   640  H  HB3  . GLN A 1 48  ? -0.707  0.756   12.981  1.00 35.37  ?  48  GLN A HB3  1 
ATOM   641  H  HG2  . GLN A 1 48  ? -1.582  2.552   14.104  1.00 53.39  ?  48  GLN A HG2  1 
ATOM   642  H  HG3  . GLN A 1 48  ? -0.271  3.402   13.810  1.00 53.39  ?  48  GLN A HG3  1 
ATOM   643  H  HE21 . GLN A 1 48  ? -2.553  1.633   11.978  1.00 49.35  ?  48  GLN A HE21 1 
ATOM   644  H  HE22 . GLN A 1 48  ? -2.747  2.613   10.873  1.00 49.35  ?  48  GLN A HE22 1 
ATOM   645  N  N    . LEU A 1 49  ? 1.764   -1.070  13.561  1.00 26.58  ?  49  LEU A N    1 
ATOM   646  C  CA   . LEU A 1 49  ? 1.780   -2.462  13.146  1.00 31.94  ?  49  LEU A CA   1 
ATOM   647  C  C    . LEU A 1 49  ? 2.790   -3.288  13.922  1.00 35.26  ?  49  LEU A C    1 
ATOM   648  O  O    . LEU A 1 49  ? 2.875   -4.501  13.713  1.00 33.43  ?  49  LEU A O    1 
ATOM   649  C  CB   . LEU A 1 49  ? 2.084   -2.579  11.644  1.00 28.55  ?  49  LEU A CB   1 
ATOM   650  C  CG   . LEU A 1 49  ? 1.160   -1.846  10.648  1.00 21.96  ?  49  LEU A CG   1 
ATOM   651  C  CD1  . LEU A 1 49  ? 1.611   -2.086  9.188   1.00 25.14  ?  49  LEU A CD1  1 
ATOM   652  C  CD2  . LEU A 1 49  ? -0.306  -2.252  10.791  1.00 27.71  ?  49  LEU A CD2  1 
ATOM   653  H  H    . LEU A 1 49  ? 2.420   -0.602  13.263  1.00 31.89  ?  49  LEU A H    1 
ATOM   654  H  HA   . LEU A 1 49  ? 0.903   -2.844  13.301  1.00 38.33  ?  49  LEU A HA   1 
ATOM   655  H  HB2  . LEU A 1 49  ? 2.980   -2.239  11.496  1.00 34.26  ?  49  LEU A HB2  1 
ATOM   656  H  HB3  . LEU A 1 49  ? 2.060   -3.520  11.408  1.00 34.26  ?  49  LEU A HB3  1 
ATOM   657  H  HG   . LEU A 1 49  ? 1.217   -0.893  10.818  1.00 26.35  ?  49  LEU A HG   1 
ATOM   658  H  HD11 . LEU A 1 49  ? 1.011   -1.613  8.590   1.00 30.17  ?  49  LEU A HD11 1 
ATOM   659  H  HD12 . LEU A 1 49  ? 2.516   -1.755  9.079   1.00 30.17  ?  49  LEU A HD12 1 
ATOM   660  H  HD13 . LEU A 1 49  ? 1.582   -3.038  9.002   1.00 30.17  ?  49  LEU A HD13 1 
ATOM   661  H  HD21 . LEU A 1 49  ? -0.834  -1.761  10.142  1.00 33.25  ?  49  LEU A HD21 1 
ATOM   662  H  HD22 . LEU A 1 49  ? -0.387  -3.205  10.630  1.00 33.25  ?  49  LEU A HD22 1 
ATOM   663  H  HD23 . LEU A 1 49  ? -0.605  -2.041  11.689  1.00 33.25  ?  49  LEU A HD23 1 
ATOM   664  N  N    . ASN A 1 50  ? 3.584   -2.651  14.767  1.00 37.73  ?  50  ASN A N    1 
ATOM   665  C  CA   . ASN A 1 50  ? 4.628   -3.323  15.510  1.00 39.28  ?  50  ASN A CA   1 
ATOM   666  C  C    . ASN A 1 50  ? 5.587   -4.031  14.562  1.00 36.06  ?  50  ASN A C    1 
ATOM   667  O  O    . ASN A 1 50  ? 5.841   -5.224  14.687  1.00 27.36  ?  50  ASN A O    1 
ATOM   668  C  CB   . ASN A 1 50  ? 4.029   -4.300  16.512  1.00 41.54  ?  50  ASN A CB   1 
ATOM   669  C  CG   . ASN A 1 50  ? 4.820   -4.373  17.795  1.00 47.39  ?  50  ASN A CG   1 
ATOM   670  O  OD1  . ASN A 1 50  ? 5.574   -3.464  18.131  1.00 54.33  ?  50  ASN A OD1  1 
ATOM   671  N  ND2  . ASN A 1 50  ? 4.640   -5.458  18.530  1.00 53.33  ?  50  ASN A ND2  1 
ATOM   672  H  H    . ASN A 1 50  ? 3.534   -1.808  14.928  1.00 45.28  ?  50  ASN A H    1 
ATOM   673  H  HA   . ASN A 1 50  ? 5.135   -2.661  16.006  1.00 47.14  ?  50  ASN A HA   1 
ATOM   674  H  HB2  . ASN A 1 50  ? 3.127   -4.017  16.730  1.00 49.85  ?  50  ASN A HB2  1 
ATOM   675  H  HB3  . ASN A 1 50  ? 4.013   -5.187  16.118  1.00 49.85  ?  50  ASN A HB3  1 
ATOM   676  H  HD21 . ASN A 1 50  ? 5.065   -5.550  19.271  1.00 64.00  ?  50  ASN A HD21 1 
ATOM   677  H  HD22 . ASN A 1 50  ? 4.096   -6.070  18.266  1.00 64.00  ?  50  ASN A HD22 1 
ATOM   678  N  N    . LEU A 1 51  ? 6.104   -3.277  13.588  1.00 35.70  ?  51  LEU A N    1 
ATOM   679  C  CA   . LEU A 1 51  ? 7.118   -3.742  12.646  1.00 32.31  ?  51  LEU A CA   1 
ATOM   680  C  C    . LEU A 1 51  ? 8.301   -2.789  12.700  1.00 30.96  ?  51  LEU A C    1 
ATOM   681  O  O    . LEU A 1 51  ? 8.152   -1.637  13.098  1.00 35.77  ?  51  LEU A O    1 
ATOM   682  C  CB   . LEU A 1 51  ? 6.585   -3.798  11.210  1.00 37.89  ?  51  LEU A CB   1 
ATOM   683  C  CG   . LEU A 1 51  ? 5.382   -4.691  10.965  1.00 43.11  ?  51  LEU A CG   1 
ATOM   684  C  CD1  . LEU A 1 51  ? 4.890   -4.429  9.557   1.00 39.22  ?  51  LEU A CD1  1 
ATOM   685  C  CD2  . LEU A 1 51  ? 5.749   -6.156  11.137  1.00 46.69  ?  51  LEU A CD2  1 
ATOM   686  H  H    . LEU A 1 51  ? 5.872   -2.461  13.452  1.00 42.84  ?  51  LEU A H    1 
ATOM   687  H  HA   . LEU A 1 51  ? 7.421   -4.628  12.900  1.00 38.78  ?  51  LEU A HA   1 
ATOM   688  H  HB2  . LEU A 1 51  ? 6.332   -2.899  10.945  1.00 45.47  ?  51  LEU A HB2  1 
ATOM   689  H  HB3  . LEU A 1 51  ? 7.298   -4.113  10.633  1.00 45.47  ?  51  LEU A HB3  1 
ATOM   690  H  HG   . LEU A 1 51  ? 4.674   -4.469  11.591  1.00 51.73  ?  51  LEU A HG   1 
ATOM   691  H  HD11 . LEU A 1 51  ? 4.120   -4.992  9.381   1.00 47.07  ?  51  LEU A HD11 1 
ATOM   692  H  HD12 . LEU A 1 51  ? 4.641   -3.495  9.478   1.00 47.07  ?  51  LEU A HD12 1 
ATOM   693  H  HD13 . LEU A 1 51  ? 5.601   -4.636  8.931   1.00 47.07  ?  51  LEU A HD13 1 
ATOM   694  H  HD21 . LEU A 1 51  ? 4.962   -6.699  10.975  1.00 56.03  ?  51  LEU A HD21 1 
ATOM   695  H  HD22 . LEU A 1 51  ? 6.446   -6.383  10.502  1.00 56.03  ?  51  LEU A HD22 1 
ATOM   696  H  HD23 . LEU A 1 51  ? 6.068   -6.297  12.042  1.00 56.03  ?  51  LEU A HD23 1 
ATOM   697  N  N    . SER A 1 52  ? 9.475   -3.236  12.268  1.00 35.03  ?  52  SER A N    1 
ATOM   698  C  CA   . SER A 1 52  ? 10.611  -2.331  12.347  1.00 36.31  ?  52  SER A CA   1 
ATOM   699  C  C    . SER A 1 52  ? 10.453  -1.207  11.326  1.00 41.36  ?  52  SER A C    1 
ATOM   700  O  O    . SER A 1 52  ? 9.790   -1.359  10.294  1.00 33.82  ?  52  SER A O    1 
ATOM   701  C  CB   . SER A 1 52  ? 11.939  -3.073  12.137  1.00 37.56  ?  52  SER A CB   1 
ATOM   702  O  OG   . SER A 1 52  ? 12.170  -3.496  10.820  1.00 39.05  ?  52  SER A OG   1 
ATOM   703  H  H    . SER A 1 52  ? 9.635   -4.016  11.943  1.00 42.03  ?  52  SER A H    1 
ATOM   704  H  HA   . SER A 1 52  ? 10.631  -1.930  13.230  1.00 43.57  ?  52  SER A HA   1 
ATOM   705  H  HB2  . SER A 1 52  ? 12.661  -2.480  12.397  1.00 45.07  ?  52  SER A HB2  1 
ATOM   706  H  HB3  . SER A 1 52  ? 11.943  -3.855  12.711  1.00 45.07  ?  52  SER A HB3  1 
ATOM   707  H  HG   . SER A 1 52  ? 12.908  -3.893  10.771  1.00 46.86  ?  52  SER A HG   1 
ATOM   708  N  N    . GLN A 1 53  ? 11.032  -0.051  11.642  1.00 34.84  ?  53  GLN A N    1 
ATOM   709  C  CA   . GLN A 1 53  ? 11.053  1.030   10.668  1.00 36.88  ?  53  GLN A CA   1 
ATOM   710  C  C    . GLN A 1 53  ? 11.830  0.611   9.437   1.00 40.11  ?  53  GLN A C    1 
ATOM   711  O  O    . GLN A 1 53  ? 11.469  0.961   8.307   1.00 37.06  ?  53  GLN A O    1 
ATOM   712  C  CB   . GLN A 1 53  ? 11.661  2.285   11.279  1.00 36.65  ?  53  GLN A CB   1 
ATOM   713  C  CG   . GLN A 1 53  ? 10.753  2.936   12.291  1.00 39.82  ?  53  GLN A CG   1 
ATOM   714  C  CD   . GLN A 1 53  ? 11.079  4.391   12.518  1.00 44.61  ?  53  GLN A CD   1 
ATOM   715  O  OE1  . GLN A 1 53  ? 11.717  5.046   11.687  1.00 43.88  ?  53  GLN A OE1  1 
ATOM   716  N  NE2  . GLN A 1 53  ? 10.638  4.907   13.651  1.00 41.48  ?  53  GLN A NE2  1 
ATOM   717  H  H    . GLN A 1 53  ? 11.410  0.127   12.393  1.00 41.81  ?  53  GLN A H    1 
ATOM   718  H  HA   . GLN A 1 53  ? 10.145  1.234   10.398  1.00 44.26  ?  53  GLN A HA   1 
ATOM   719  H  HB2  . GLN A 1 53  ? 12.490  2.050   11.726  1.00 43.98  ?  53  GLN A HB2  1 
ATOM   720  H  HB3  . GLN A 1 53  ? 11.834  2.928   10.573  1.00 43.98  ?  53  GLN A HB3  1 
ATOM   721  H  HG2  . GLN A 1 53  ? 9.838   2.879   11.977  1.00 47.79  ?  53  GLN A HG2  1 
ATOM   722  H  HG3  . GLN A 1 53  ? 10.842  2.473   13.139  1.00 47.79  ?  53  GLN A HG3  1 
ATOM   723  H  HE21 . GLN A 1 53  ? 10.196  4.418   14.203  1.00 49.78  ?  53  GLN A HE21 1 
ATOM   724  H  HE22 . GLN A 1 53  ? 10.793  5.732   13.836  1.00 49.78  ?  53  GLN A HE22 1 
ATOM   725  N  N    . SER A 1 54  ? 12.882  -0.171  9.636   1.00 34.06  ?  54  SER A N    1 
ATOM   726  C  CA   . SER A 1 54  ? 13.638  -0.684  8.516   1.00 32.05  ?  54  SER A CA   1 
ATOM   727  C  C    . SER A 1 54  ? 12.752  -1.531  7.614   1.00 39.04  ?  54  SER A C    1 
ATOM   728  O  O    . SER A 1 54  ? 12.721  -1.350  6.389   1.00 34.63  ?  54  SER A O    1 
ATOM   729  C  CB   . SER A 1 54  ? 14.814  -1.489  9.055   1.00 43.06  ?  54  SER A CB   1 
ATOM   730  O  OG   . SER A 1 54  ? 15.495  -2.124  7.991   1.00 54.87  ?  54  SER A OG   1 
ATOM   731  H  H    . SER A 1 54  ? 13.174  -0.416  10.408  1.00 40.87  ?  54  SER A H    1 
ATOM   732  H  HA   . SER A 1 54  ? 13.987  0.057   7.996   1.00 38.46  ?  54  SER A HA   1 
ATOM   733  H  HB2  . SER A 1 54  ? 15.426  -0.891  9.513   1.00 51.67  ?  54  SER A HB2  1 
ATOM   734  H  HB3  . SER A 1 54  ? 14.483  -2.163  9.669   1.00 51.67  ?  54  SER A HB3  1 
ATOM   735  H  HG   . SER A 1 54  ? 16.143  -2.568  8.289   1.00 65.85  ?  54  SER A HG   1 
ATOM   736  N  N    . ASN A 1 55  ? 11.994  -2.444  8.210   1.00 39.14  ?  55  ASN A N    1 
ATOM   737  C  CA   . ASN A 1 55  ? 11.142  -3.314  7.415   1.00 38.45  ?  55  ASN A CA   1 
ATOM   738  C  C    . ASN A 1 55  ? 10.044  -2.513  6.709   1.00 33.86  ?  55  ASN A C    1 
ATOM   739  O  O    . ASN A 1 55  ? 9.806   -2.691  5.505   1.00 33.62  ?  55  ASN A O    1 
ATOM   740  C  CB   . ASN A 1 55  ? 10.568  -4.405  8.313   1.00 37.42  ?  55  ASN A CB   1 
ATOM   741  C  CG   . ASN A 1 55  ? 9.815   -5.458  7.537   1.00 44.65  ?  55  ASN A CG   1 
ATOM   742  O  OD1  . ASN A 1 55  ? 9.930   -5.549  6.314   1.00 45.12  ?  55  ASN A OD1  1 
ATOM   743  N  ND2  . ASN A 1 55  ? 9.063   -6.284  8.246   1.00 46.32  ?  55  ASN A ND2  1 
ATOM   744  H  H    . ASN A 1 55  ? 11.954  -2.577  9.059   1.00 46.97  ?  55  ASN A H    1 
ATOM   745  H  HA   . ASN A 1 55  ? 11.682  -3.744  6.733   1.00 46.14  ?  55  ASN A HA   1 
ATOM   746  H  HB2  . ASN A 1 55  ? 11.295  -4.841  8.784   1.00 44.90  ?  55  ASN A HB2  1 
ATOM   747  H  HB3  . ASN A 1 55  ? 9.955   -4.002  8.947   1.00 44.90  ?  55  ASN A HB3  1 
ATOM   748  H  HD21 . ASN A 1 55  ? 8.614   -6.902  7.851   1.00 55.58  ?  55  ASN A HD21 1 
ATOM   749  H  HD22 . ASN A 1 55  ? 9.024   -6.203  9.101   1.00 55.58  ?  55  ASN A HD22 1 
ATOM   750  N  N    . VAL A 1 56  ? 9.394   -1.601  7.426   1.00 29.83  ?  56  VAL A N    1 
ATOM   751  C  CA   . VAL A 1 56  ? 8.292   -0.833  6.835   1.00 34.77  ?  56  VAL A CA   1 
ATOM   752  C  C    . VAL A 1 56  ? 8.801   0.017   5.681   1.00 32.63  ?  56  VAL A C    1 
ATOM   753  O  O    . VAL A 1 56  ? 8.166   0.121   4.628   1.00 33.34  ?  56  VAL A O    1 
ATOM   754  C  CB   . VAL A 1 56  ? 7.597   0.025   7.913   1.00 29.85  ?  56  VAL A CB   1 
ATOM   755  C  CG1  . VAL A 1 56  ? 6.660   1.087   7.291   1.00 29.16  ?  56  VAL A CG1  1 
ATOM   756  C  CG2  . VAL A 1 56  ? 6.756   -0.842  8.858   1.00 30.57  ?  56  VAL A CG2  1 
ATOM   757  H  H    . VAL A 1 56  ? 9.565   -1.407  8.246   1.00 35.79  ?  56  VAL A H    1 
ATOM   758  H  HA   . VAL A 1 56  ? 7.634   -1.452  6.480   1.00 41.72  ?  56  VAL A HA   1 
ATOM   759  H  HB   . VAL A 1 56  ? 8.271   0.484   8.440   1.00 35.82  ?  56  VAL A HB   1 
ATOM   760  H  HG11 . VAL A 1 56  ? 6.248   1.599   8.005   1.00 35.00  ?  56  VAL A HG11 1 
ATOM   761  H  HG12 . VAL A 1 56  ? 7.181   1.673   6.721   1.00 35.00  ?  56  VAL A HG12 1 
ATOM   762  H  HG13 . VAL A 1 56  ? 5.977   0.638   6.769   1.00 35.00  ?  56  VAL A HG13 1 
ATOM   763  H  HG21 . VAL A 1 56  ? 6.336   -0.271  9.520   1.00 36.69  ?  56  VAL A HG21 1 
ATOM   764  H  HG22 . VAL A 1 56  ? 6.077   -1.304  8.341   1.00 36.69  ?  56  VAL A HG22 1 
ATOM   765  H  HG23 . VAL A 1 56  ? 7.334   -1.486  9.295   1.00 36.69  ?  56  VAL A HG23 1 
ATOM   766  N  N    . SER A 1 57  ? 9.938   0.672   5.875   1.00 30.13  ?  57  SER A N    1 
ATOM   767  C  CA   . SER A 1 57  ? 10.511  1.496   4.820   1.00 30.99  ?  57  SER A CA   1 
ATOM   768  C  C    . SER A 1 57  ? 10.799  0.673   3.580   1.00 36.94  ?  57  SER A C    1 
ATOM   769  O  O    . SER A 1 57  ? 10.448  1.069   2.467   1.00 32.49  ?  57  SER A O    1 
ATOM   770  C  CB   . SER A 1 57  ? 11.788  2.186   5.322   1.00 39.91  ?  57  SER A CB   1 
ATOM   771  O  OG   . SER A 1 57  ? 12.555  2.668   4.235   1.00 42.37  ?  57  SER A OG   1 
ATOM   772  H  H    . SER A 1 57  ? 10.395  0.656   6.603   1.00 36.16  ?  57  SER A H    1 
ATOM   773  H  HA   . SER A 1 57  ? 9.873   2.185   4.579   1.00 37.19  ?  57  SER A HA   1 
ATOM   774  H  HB2  . SER A 1 57  ? 11.541  2.932   5.891   1.00 47.90  ?  57  SER A HB2  1 
ATOM   775  H  HB3  . SER A 1 57  ? 12.317  1.547   5.823   1.00 47.90  ?  57  SER A HB3  1 
ATOM   776  H  HG   . SER A 1 57  ? 13.251  3.043   4.519   1.00 50.84  ?  57  SER A HG   1 
ATOM   777  N  N    . HIS A 1 58  ? 11.457  -0.470  3.749   1.00 28.78  ?  58  HIS A N    1 
ATOM   778  C  CA   . HIS A 1 58  ? 11.691  -1.345  2.612   1.00 36.07  ?  58  HIS A CA   1 
ATOM   779  C  C    . HIS A 1 58  ? 10.394  -1.679  1.876   1.00 38.80  ?  58  HIS A C    1 
ATOM   780  O  O    . HIS A 1 58  ? 10.345  -1.652  0.641   1.00 30.06  ?  58  HIS A O    1 
ATOM   781  C  CB   . HIS A 1 58  ? 12.372  -2.623  3.079   1.00 43.49  ?  58  HIS A CB   1 
ATOM   782  C  CG   . HIS A 1 58  ? 12.516  -3.645  1.999   1.00 47.29  ?  58  HIS A CG   1 
ATOM   783  N  ND1  . HIS A 1 58  ? 11.633  -4.695  1.842   1.00 59.72  ?  58  HIS A ND1  1 
ATOM   784  C  CD2  . HIS A 1 58  ? 13.427  -3.769  1.007   1.00 50.04  ?  58  HIS A CD2  1 
ATOM   785  C  CE1  . HIS A 1 58  ? 11.999  -5.426  0.806   1.00 60.50  ?  58  HIS A CE1  1 
ATOM   786  N  NE2  . HIS A 1 58  ? 13.085  -4.884  0.280   1.00 50.82  ?  58  HIS A NE2  1 
ATOM   787  H  H    . HIS A 1 58  ? 11.771  -0.756  4.496   1.00 34.53  ?  58  HIS A H    1 
ATOM   788  H  HA   . HIS A 1 58  ? 12.285  -0.900  1.987   1.00 43.29  ?  58  HIS A HA   1 
ATOM   789  H  HB2  . HIS A 1 58  ? 13.260  -2.405  3.403   1.00 52.19  ?  58  HIS A HB2  1 
ATOM   790  H  HB3  . HIS A 1 58  ? 11.847  -3.016  3.792   1.00 52.19  ?  58  HIS A HB3  1 
ATOM   791  H  HD2  . HIS A 1 58  ? 14.151  -3.206  0.848   1.00 60.05  ?  58  HIS A HD2  1 
ATOM   792  H  HE1  . HIS A 1 58  ? 11.567  -6.190  0.498   1.00 72.60  ?  58  HIS A HE1  1 
ATOM   793  H  HE2  . HIS A 1 58  ? 13.512  -5.184  -0.405  1.00 60.98  ?  58  HIS A HE2  1 
ATOM   794  N  N    . GLN A 1 59  ? 9.336   -2.012  2.615   1.00 37.74  ?  59  GLN A N    1 
ATOM   795  C  CA   . GLN A 1 59  ? 8.092   -2.409  1.961   1.00 38.81  ?  59  GLN A CA   1 
ATOM   796  C  C    . GLN A 1 59  ? 7.470   -1.234  1.218   1.00 30.09  ?  59  GLN A C    1 
ATOM   797  O  O    . GLN A 1 59  ? 6.944   -1.391  0.108   1.00 32.67  ?  59  GLN A O    1 
ATOM   798  C  CB   . GLN A 1 59  ? 7.110   -2.972  2.994   1.00 33.27  ?  59  GLN A CB   1 
ATOM   799  C  CG   . GLN A 1 59  ? 7.590   -4.221  3.738   1.00 35.33  ?  59  GLN A CG   1 
ATOM   800  C  CD   . GLN A 1 59  ? 7.974   -5.304  2.793   1.00 40.93  ?  59  GLN A CD   1 
ATOM   801  O  OE1  . GLN A 1 59  ? 7.213   -5.650  1.928   1.00 34.97  ?  59  GLN A OE1  1 
ATOM   802  N  NE2  . GLN A 1 59  ? 9.197   -5.806  2.915   1.00 55.02  ?  59  GLN A NE2  1 
ATOM   803  H  H    . GLN A 1 59  ? 9.312   -2.015  3.475   1.00 45.28  ?  59  GLN A H    1 
ATOM   804  H  HA   . GLN A 1 59  ? 8.283   -3.107  1.316   1.00 46.58  ?  59  GLN A HA   1 
ATOM   805  H  HB2  . GLN A 1 59  ? 6.933   -2.286  3.657   1.00 39.93  ?  59  GLN A HB2  1 
ATOM   806  H  HB3  . GLN A 1 59  ? 6.284   -3.202  2.539   1.00 39.93  ?  59  GLN A HB3  1 
ATOM   807  H  HG2  . GLN A 1 59  ? 8.366   -3.995  4.274   1.00 42.40  ?  59  GLN A HG2  1 
ATOM   808  H  HG3  . GLN A 1 59  ? 6.875   -4.551  4.304   1.00 42.40  ?  59  GLN A HG3  1 
ATOM   809  H  HE21 . GLN A 1 59  ? 9.726   -5.504  3.521   1.00 66.02  ?  59  GLN A HE21 1 
ATOM   810  H  HE22 . GLN A 1 59  ? 9.459   -6.434  2.389   1.00 66.02  ?  59  GLN A HE22 1 
ATOM   811  N  N    . LEU A 1 60  ? 7.510   -0.048  1.815   1.00 31.63  ?  60  LEU A N    1 
ATOM   812  C  CA   . LEU A 1 60  ? 6.915   1.111   1.157   1.00 34.03  ?  60  LEU A CA   1 
ATOM   813  C  C    . LEU A 1 60  ? 7.632   1.459   -0.155  1.00 30.25  ?  60  LEU A C    1 
ATOM   814  O  O    . LEU A 1 60  ? 6.991   1.898   -1.114  1.00 29.55  ?  60  LEU A O    1 
ATOM   815  C  CB   . LEU A 1 60  ? 6.912   2.293   2.126   1.00 26.77  ?  60  LEU A CB   1 
ATOM   816  C  CG   . LEU A 1 60  ? 5.879   2.246   3.259   1.00 27.30  ?  60  LEU A CG   1 
ATOM   817  C  CD1  . LEU A 1 60  ? 6.146   3.342   4.284   1.00 30.57  ?  60  LEU A CD1  1 
ATOM   818  C  CD2  . LEU A 1 60  ? 4.469   2.383   2.762   1.00 32.94  ?  60  LEU A CD2  1 
ATOM   819  H  H    . LEU A 1 60  ? 7.866   0.112   2.582   1.00 37.96  ?  60  LEU A H    1 
ATOM   820  H  HA   . LEU A 1 60  ? 5.991   0.905   0.940   1.00 40.83  ?  60  LEU A HA   1 
ATOM   821  H  HB2  . LEU A 1 60  ? 7.788   2.349   2.538   1.00 32.12  ?  60  LEU A HB2  1 
ATOM   822  H  HB3  . LEU A 1 60  ? 6.744   3.101   1.618   1.00 32.12  ?  60  LEU A HB3  1 
ATOM   823  H  HG   . LEU A 1 60  ? 5.953   1.392   3.713   1.00 32.76  ?  60  LEU A HG   1 
ATOM   824  H  HD11 . LEU A 1 60  ? 5.480   3.287   4.986   1.00 36.69  ?  60  LEU A HD11 1 
ATOM   825  H  HD12 . LEU A 1 60  ? 7.033   3.213   4.659   1.00 36.69  ?  60  LEU A HD12 1 
ATOM   826  H  HD13 . LEU A 1 60  ? 6.095   4.205   3.845   1.00 36.69  ?  60  LEU A HD13 1 
ATOM   827  H  HD21 . LEU A 1 60  ? 3.864   2.346   3.520   1.00 39.53  ?  60  LEU A HD21 1 
ATOM   828  H  HD22 . LEU A 1 60  ? 4.375   3.232   2.305   1.00 39.53  ?  60  LEU A HD22 1 
ATOM   829  H  HD23 . LEU A 1 60  ? 4.278   1.654   2.151   1.00 39.53  ?  60  LEU A HD23 1 
ATOM   830  N  N    . LYS A 1 61  ? 8.957   1.286   -0.222  1.00 34.45  ?  61  LYS A N    1 
ATOM   831  C  CA   . LYS A 1 61  ? 9.655   1.574   -1.473  1.00 31.50  ?  61  LYS A CA   1 
ATOM   832  C  C    . LYS A 1 61  ? 9.304   0.542   -2.530  1.00 32.32  ?  61  LYS A C    1 
ATOM   833  O  O    . LYS A 1 61  ? 9.168   0.879   -3.714  1.00 37.28  ?  61  LYS A O    1 
ATOM   834  C  CB   . LYS A 1 61  ? 11.175  1.658   -1.232  1.00 41.85  ?  61  LYS A CB   1 
ATOM   835  C  CG   . LYS A 1 61  ? 11.702  3.073   -0.823  1.00 45.02  ?  61  LYS A CG   1 
ATOM   836  C  CD   . LYS A 1 61  ? 11.238  4.167   -1.841  1.00 56.63  ?  61  LYS A CD   1 
ATOM   837  C  CE   . LYS A 1 61  ? 12.372  4.868   -2.570  1.00 58.74  ?  61  LYS A CE   1 
ATOM   838  N  NZ   . LYS A 1 61  ? 11.876  5.836   -3.621  1.00 57.41  ?  61  LYS A NZ   1 
ATOM   839  H  H    . LYS A 1 61  ? 9.458   1.012   0.421   1.00 41.33  ?  61  LYS A H    1 
ATOM   840  H  HA   . LYS A 1 61  ? 9.361   2.440   -1.798  1.00 37.80  ?  61  LYS A HA   1 
ATOM   841  H  HB2  . LYS A 1 61  ? 11.409  1.041   -0.520  1.00 50.22  ?  61  LYS A HB2  1 
ATOM   842  H  HB3  . LYS A 1 61  ? 11.632  1.400   -2.048  1.00 50.22  ?  61  LYS A HB3  1 
ATOM   843  H  HG2  . LYS A 1 61  ? 11.355  3.304   0.053   1.00 54.02  ?  61  LYS A HG2  1 
ATOM   844  H  HG3  . LYS A 1 61  ? 12.672  3.062   -0.808  1.00 54.02  ?  61  LYS A HG3  1 
ATOM   845  H  HD2  . LYS A 1 61  ? 10.671  3.751   -2.509  1.00 67.96  ?  61  LYS A HD2  1 
ATOM   846  H  HD3  . LYS A 1 61  ? 10.734  4.844   -1.360  1.00 67.96  ?  61  LYS A HD3  1 
ATOM   847  H  HE2  . LYS A 1 61  ? 12.901  5.366   -1.928  1.00 70.49  ?  61  LYS A HE2  1 
ATOM   848  H  HE3  . LYS A 1 61  ? 12.923  4.202   -3.010  1.00 70.49  ?  61  LYS A HE3  1 
ATOM   849  H  HZ1  . LYS A 1 61  ? 12.566  6.224   -4.025  1.00 68.89  ?  61  LYS A HZ1  1 
ATOM   850  H  HZ2  . LYS A 1 61  ? 11.392  5.402   -4.229  1.00 68.89  ?  61  LYS A HZ2  1 
ATOM   851  H  HZ3  . LYS A 1 61  ? 11.371  6.463   -3.242  1.00 68.89  ?  61  LYS A HZ3  1 
ATOM   852  N  N    . LEU A 1 62  ? 9.090   -0.706  -2.114  1.00 35.18  ?  62  LEU A N    1 
ATOM   853  C  CA   . LEU A 1 62  ? 8.571   -1.711  -3.023  1.00 37.01  ?  62  LEU A CA   1 
ATOM   854  C  C    . LEU A 1 62  ? 7.198   -1.293  -3.542  1.00 34.99  ?  62  LEU A C    1 
ATOM   855  O  O    . LEU A 1 62  ? 6.959   -1.257  -4.754  1.00 32.57  ?  62  LEU A O    1 
ATOM   856  C  CB   . LEU A 1 62  ? 8.530   -3.050  -2.290  1.00 34.38  ?  62  LEU A CB   1 
ATOM   857  C  CG   . LEU A 1 62  ? 8.296   -4.335  -3.091  1.00 49.03  ?  62  LEU A CG   1 
ATOM   858  C  CD1  . LEU A 1 62  ? 8.495   -5.552  -2.194  1.00 47.06  ?  62  LEU A CD1  1 
ATOM   859  C  CD2  . LEU A 1 62  ? 6.926   -4.371  -3.734  1.00 41.12  ?  62  LEU A CD2  1 
ATOM   860  H  H    . LEU A 1 62  ? 9.237   -0.989  -1.316  1.00 42.21  ?  62  LEU A H    1 
ATOM   861  H  HA   . LEU A 1 62  ? 9.171   -1.797  -3.781  1.00 44.41  ?  62  LEU A HA   1 
ATOM   862  H  HB2  . LEU A 1 62  ? 9.377   -3.160  -1.830  1.00 41.26  ?  62  LEU A HB2  1 
ATOM   863  H  HB3  . LEU A 1 62  ? 7.820   -3.002  -1.630  1.00 41.26  ?  62  LEU A HB3  1 
ATOM   864  H  HG   . LEU A 1 62  ? 8.956   -4.383  -3.801  1.00 58.83  ?  62  LEU A HG   1 
ATOM   865  H  HD11 . LEU A 1 62  ? 8.344   -6.356  -2.715  1.00 56.47  ?  62  LEU A HD11 1 
ATOM   866  H  HD12 . LEU A 1 62  ? 9.402   -5.546  -1.850  1.00 56.47  ?  62  LEU A HD12 1 
ATOM   867  H  HD13 . LEU A 1 62  ? 7.862   -5.510  -1.460  1.00 56.47  ?  62  LEU A HD13 1 
ATOM   868  H  HD21 . LEU A 1 62  ? 6.830   -5.202  -4.226  1.00 49.35  ?  62  LEU A HD21 1 
ATOM   869  H  HD22 . LEU A 1 62  ? 6.251   -4.318  -3.039  1.00 49.35  ?  62  LEU A HD22 1 
ATOM   870  H  HD23 . LEU A 1 62  ? 6.841   -3.616  -4.337  1.00 49.35  ?  62  LEU A HD23 1 
ATOM   871  N  N    . LEU A 1 63  ? 6.291   -0.933  -2.632  1.00 32.33  ?  63  LEU A N    1 
ATOM   872  C  CA   . LEU A 1 63  ? 4.959   -0.488  -3.037  1.00 29.61  ?  63  LEU A CA   1 
ATOM   873  C  C    . LEU A 1 63  ? 5.018   0.774   -3.887  1.00 29.61  ?  63  LEU A C    1 
ATOM   874  O  O    . LEU A 1 63  ? 4.265   0.906   -4.859  1.00 27.69  ?  63  LEU A O    1 
ATOM   875  C  CB   . LEU A 1 63  ? 4.094   -0.246  -1.799  1.00 22.88  ?  63  LEU A CB   1 
ATOM   876  C  CG   . LEU A 1 63  ? 3.666   -1.515  -1.065  1.00 23.60  ?  63  LEU A CG   1 
ATOM   877  C  CD1  . LEU A 1 63  ? 3.071   -1.137  0.265   1.00 24.75  ?  63  LEU A CD1  1 
ATOM   878  C  CD2  . LEU A 1 63  ? 2.681   -2.341  -1.909  1.00 26.18  ?  63  LEU A CD2  1 
ATOM   879  H  H    . LEU A 1 63  ? 6.421   -0.937  -1.782  1.00 38.80  ?  63  LEU A H    1 
ATOM   880  H  HA   . LEU A 1 63  ? 4.539   -1.186  -3.565  1.00 35.53  ?  63  LEU A HA   1 
ATOM   881  H  HB2  . LEU A 1 63  ? 4.595   0.301   -1.174  1.00 27.46  ?  63  LEU A HB2  1 
ATOM   882  H  HB3  . LEU A 1 63  ? 3.289   0.223   -2.071  1.00 27.46  ?  63  LEU A HB3  1 
ATOM   883  H  HG   . LEU A 1 63  ? 4.448   -2.062  -0.898  1.00 28.32  ?  63  LEU A HG   1 
ATOM   884  H  HD11 . LEU A 1 63  ? 2.800   -1.944  0.731   1.00 29.70  ?  63  LEU A HD11 1 
ATOM   885  H  HD12 . LEU A 1 63  ? 3.740   -0.663  0.786   1.00 29.70  ?  63  LEU A HD12 1 
ATOM   886  H  HD13 . LEU A 1 63  ? 2.302   -0.565  0.116   1.00 29.70  ?  63  LEU A HD13 1 
ATOM   887  H  HD21 . LEU A 1 63  ? 2.431   -3.136  -1.414  1.00 31.41  ?  63  LEU A HD21 1 
ATOM   888  H  HD22 . LEU A 1 63  ? 1.895   -1.803  -2.092  1.00 31.41  ?  63  LEU A HD22 1 
ATOM   889  H  HD23 . LEU A 1 63  ? 3.113   -2.590  -2.742  1.00 31.41  ?  63  LEU A HD23 1 
ATOM   890  N  N    . LYS A 1 64  ? 5.889   1.724   -3.535  1.00 29.48  ?  64  LYS A N    1 
ATOM   891  C  CA   . LYS A 1 64  ? 5.999   2.930   -4.351  1.00 29.58  ?  64  LYS A CA   1 
ATOM   892  C  C    . LYS A 1 64  ? 6.484   2.582   -5.753  1.00 35.29  ?  64  LYS A C    1 
ATOM   893  O  O    . LYS A 1 64  ? 6.107   3.248   -6.726  1.00 30.08  ?  64  LYS A O    1 
ATOM   894  C  CB   . LYS A 1 64  ? 6.941   3.951   -3.689  1.00 35.67  ?  64  LYS A CB   1 
ATOM   895  C  CG   . LYS A 1 64  ? 7.127   5.285   -4.480  1.00 46.09  ?  64  LYS A CG   1 
ATOM   896  C  CD   . LYS A 1 64  ? 8.420   6.061   -4.100  1.00 62.30  ?  64  LYS A CD   1 
ATOM   897  C  CE   . LYS A 1 64  ? 8.178   7.157   -3.088  1.00 47.73  ?  64  LYS A CE   1 
ATOM   898  N  NZ   . LYS A 1 64  ? 9.461   7.541   -2.398  1.00 63.03  ?  64  LYS A NZ   1 
ATOM   899  H  H    . LYS A 1 64  ? 6.410   1.697   -2.851  1.00 35.37  ?  64  LYS A H    1 
ATOM   900  H  HA   . LYS A 1 64  ? 5.122   3.339   -4.430  1.00 35.49  ?  64  LYS A HA   1 
ATOM   901  H  HB2  . LYS A 1 64  ? 6.587   4.176   -2.814  1.00 42.80  ?  64  LYS A HB2  1 
ATOM   902  H  HB3  . LYS A 1 64  ? 7.816   3.544   -3.591  1.00 42.80  ?  64  LYS A HB3  1 
ATOM   903  H  HG2  . LYS A 1 64  ? 7.169   5.083   -5.428  1.00 55.31  ?  64  LYS A HG2  1 
ATOM   904  H  HG3  . LYS A 1 64  ? 6.369   5.864   -4.300  1.00 55.31  ?  64  LYS A HG3  1 
ATOM   905  H  HD2  . LYS A 1 64  ? 9.060   5.439   -3.720  1.00 74.75  ?  64  LYS A HD2  1 
ATOM   906  H  HD3  . LYS A 1 64  ? 8.788   6.469   -4.900  1.00 74.75  ?  64  LYS A HD3  1 
ATOM   907  H  HE2  . LYS A 1 64  ? 7.828   7.941   -3.540  1.00 57.27  ?  64  LYS A HE2  1 
ATOM   908  H  HE3  . LYS A 1 64  ? 7.551   6.845   -2.418  1.00 57.27  ?  64  LYS A HE3  1 
ATOM   909  H  HZ1  . LYS A 1 64  ? 9.307   8.186   -1.805  1.00 75.64  ?  64  LYS A HZ1  1 
ATOM   910  H  HZ2  . LYS A 1 64  ? 9.800   6.835   -1.975  1.00 75.64  ?  64  LYS A HZ2  1 
ATOM   911  H  HZ3  . LYS A 1 64  ? 10.052  7.832   -2.996  1.00 75.64  ?  64  LYS A HZ3  1 
ATOM   912  N  N    . SER A 1 65  ? 7.309   1.535   -5.865  1.00 33.18  ?  65  SER A N    1 
ATOM   913  C  CA   . SER A 1 65  ? 7.833   1.076   -7.149  1.00 30.97  ?  65  SER A CA   1 
ATOM   914  C  C    . SER A 1 65  ? 6.751   0.711   -8.151  1.00 36.74  ?  65  SER A C    1 
ATOM   915  O  O    . SER A 1 65  ? 6.952   0.861   -9.357  1.00 32.17  ?  65  SER A O    1 
ATOM   916  C  CB   . SER A 1 65  ? 8.704   -0.152  -6.916  1.00 38.70  ?  65  SER A CB   1 
ATOM   917  O  OG   . SER A 1 65  ? 8.723   -0.961  -8.065  1.00 67.94  ?  65  SER A OG   1 
ATOM   918  H  H    . SER A 1 65  ? 7.581   1.069   -5.197  1.00 39.82  ?  65  SER A H    1 
ATOM   919  H  HA   . SER A 1 65  ? 8.386   1.772   -7.537  1.00 37.16  ?  65  SER A HA   1 
ATOM   920  H  HB2  . SER A 1 65  ? 9.609   0.133   -6.714  1.00 46.44  ?  65  SER A HB2  1 
ATOM   921  H  HB3  . SER A 1 65  ? 8.342   -0.661  -6.174  1.00 46.44  ?  65  SER A HB3  1 
ATOM   922  H  HG   . SER A 1 65  ? 9.204   -1.637  -7.932  1.00 81.53  ?  65  SER A HG   1 
ATOM   923  N  N    . VAL A 1 66  ? 5.629   0.179   -7.686  1.00 34.30  ?  66  VAL A N    1 
ATOM   924  C  CA   . VAL A 1 66  ? 4.532   -0.185  -8.559  1.00 32.48  ?  66  VAL A CA   1 
ATOM   925  C  C    . VAL A 1 66  ? 3.378   0.781   -8.391  1.00 31.72  ?  66  VAL A C    1 
ATOM   926  O  O    . VAL A 1 66  ? 2.237   0.447   -8.686  1.00 28.69  ?  66  VAL A O    1 
ATOM   927  C  CB   . VAL A 1 66  ? 4.087   -1.629  -8.319  1.00 33.59  ?  66  VAL A CB   1 
ATOM   928  C  CG1  . VAL A 1 66  ? 5.153   -2.571  -8.833  1.00 36.92  ?  66  VAL A CG1  1 
ATOM   929  C  CG2  . VAL A 1 66  ? 3.827   -1.846  -6.853  1.00 29.51  ?  66  VAL A CG2  1 
ATOM   930  H  H    . VAL A 1 66  ? 5.480   0.015   -6.855  1.00 41.17  ?  66  VAL A H    1 
ATOM   931  H  HA   . VAL A 1 66  ? 4.835   -0.121  -9.478  1.00 38.98  ?  66  VAL A HA   1 
ATOM   932  H  HB   . VAL A 1 66  ? 3.265   -1.799  -8.806  1.00 40.31  ?  66  VAL A HB   1 
ATOM   933  H  HG11 . VAL A 1 66  ? 4.866   -3.485  -8.679  1.00 44.30  ?  66  VAL A HG11 1 
ATOM   934  H  HG12 . VAL A 1 66  ? 5.278   -2.419  -9.782  1.00 44.30  ?  66  VAL A HG12 1 
ATOM   935  H  HG13 . VAL A 1 66  ? 5.980   -2.399  -8.358  1.00 44.30  ?  66  VAL A HG13 1 
ATOM   936  H  HG21 . VAL A 1 66  ? 3.546   -2.764  -6.716  1.00 35.41  ?  66  VAL A HG21 1 
ATOM   937  H  HG22 . VAL A 1 66  ? 4.644   -1.673  -6.360  1.00 35.41  ?  66  VAL A HG22 1 
ATOM   938  H  HG23 . VAL A 1 66  ? 3.129   -1.239  -6.563  1.00 35.41  ?  66  VAL A HG23 1 
ATOM   939  N  N    . HIS A 1 67  ? 3.682   1.965   -7.892  1.00 29.53  ?  67  HIS A N    1 
ATOM   940  C  CA   . HIS A 1 67  ? 2.750   3.074   -7.862  1.00 34.74  ?  67  HIS A CA   1 
ATOM   941  C  C    . HIS A 1 67  ? 1.507   2.762   -7.048  1.00 29.44  ?  67  HIS A C    1 
ATOM   942  O  O    . HIS A 1 67  ? 0.419   3.250   -7.331  1.00 27.23  ?  67  HIS A O    1 
ATOM   943  C  CB   . HIS A 1 67  ? 2.427   3.498   -9.291  1.00 40.53  ?  67  HIS A CB   1 
ATOM   944  C  CG   . HIS A 1 67  ? 3.616   4.109   -9.971  1.00 43.26  ?  67  HIS A CG   1 
ATOM   945  N  ND1  . HIS A 1 67  ? 4.215   3.548   -11.076 1.00 44.63  ?  67  HIS A ND1  1 
ATOM   946  C  CD2  . HIS A 1 67  ? 4.382   5.174   -9.624  1.00 52.30  ?  67  HIS A CD2  1 
ATOM   947  C  CE1  . HIS A 1 67  ? 5.259   4.281   -11.422 1.00 39.91  ?  67  HIS A CE1  1 
ATOM   948  N  NE2  . HIS A 1 67  ? 5.386   5.266   -10.552 1.00 52.08  ?  67  HIS A NE2  1 
ATOM   949  H  H    . HIS A 1 67  ? 4.450   2.157   -7.554  1.00 35.44  ?  67  HIS A H    1 
ATOM   950  H  HA   . HIS A 1 67  ? 3.189   3.825   -7.434  1.00 41.69  ?  67  HIS A HA   1 
ATOM   951  H  HB2  . HIS A 1 67  ? 2.153   2.719   -9.801  1.00 48.64  ?  67  HIS A HB2  1 
ATOM   952  H  HB3  . HIS A 1 67  ? 1.715   4.157   -9.275  1.00 48.64  ?  67  HIS A HB3  1 
ATOM   953  H  HD2  . HIS A 1 67  ? 4.236   5.750   -8.908  1.00 62.76  ?  67  HIS A HD2  1 
ATOM   954  H  HE1  . HIS A 1 67  ? 5.820   4.121   -12.146 1.00 47.89  ?  67  HIS A HE1  1 
ATOM   955  H  HE2  . HIS A 1 67  ? 5.995   5.874   -10.570 1.00 62.49  ?  67  HIS A HE2  1 
ATOM   956  N  N    . LEU A 1 68  ? 1.680   1.988   -5.985  1.00 29.53  ?  68  LEU A N    1 
ATOM   957  C  CA   . LEU A 1 68  ? 0.581   1.759   -5.069  1.00 25.16  ?  68  LEU A CA   1 
ATOM   958  C  C    . LEU A 1 68  ? 0.584   2.763   -3.935  1.00 20.83  ?  68  LEU A C    1 
ATOM   959  O  O    . LEU A 1 68  ? -0.484  3.079   -3.427  1.00 24.13  ?  68  LEU A O    1 
ATOM   960  C  CB   . LEU A 1 68  ? 0.646   0.336   -4.521  1.00 19.95  ?  68  LEU A CB   1 
ATOM   961  C  CG   . LEU A 1 68  ? 0.287   -0.710  -5.571  1.00 26.01  ?  68  LEU A CG   1 
ATOM   962  C  CD1  . LEU A 1 68  ? 0.607   -2.063  -5.031  1.00 26.83  ?  68  LEU A CD1  1 
ATOM   963  C  CD2  . LEU A 1 68  ? -1.164  -0.607  -5.867  1.00 29.31  ?  68  LEU A CD2  1 
ATOM   964  H  H    . LEU A 1 68  ? 2.413   1.591   -5.776  1.00 35.43  ?  68  LEU A H    1 
ATOM   965  H  HA   . LEU A 1 68  ? -0.255  1.856   -5.551  1.00 30.20  ?  68  LEU A HA   1 
ATOM   966  H  HB2  . LEU A 1 68  ? 1.548   0.156   -4.213  1.00 23.94  ?  68  LEU A HB2  1 
ATOM   967  H  HB3  . LEU A 1 68  ? 0.021   0.251   -3.785  1.00 23.94  ?  68  LEU A HB3  1 
ATOM   968  H  HG   . LEU A 1 68  ? 0.792   -0.560  -6.386  1.00 31.21  ?  68  LEU A HG   1 
ATOM   969  H  HD11 . LEU A 1 68  ? 0.378   -2.731  -5.696  1.00 32.19  ?  68  LEU A HD11 1 
ATOM   970  H  HD12 . LEU A 1 68  ? 1.554   -2.106  -4.829  1.00 32.19  ?  68  LEU A HD12 1 
ATOM   971  H  HD13 . LEU A 1 68  ? 0.089   -2.211  -4.223  1.00 32.19  ?  68  LEU A HD13 1 
ATOM   972  H  HD21 . LEU A 1 68  ? -1.398  -1.270  -6.535  1.00 35.17  ?  68  LEU A HD21 1 
ATOM   973  H  HD22 . LEU A 1 68  ? -1.665  -0.768  -5.051  1.00 35.17  ?  68  LEU A HD22 1 
ATOM   974  H  HD23 . LEU A 1 68  ? -1.355  0.282   -6.203  1.00 35.17  ?  68  LEU A HD23 1 
ATOM   975  N  N    . VAL A 1 69  ? 1.759   3.271   -3.534  1.00 24.18  ?  69  VAL A N    1 
ATOM   976  C  CA   . VAL A 1 69  ? 1.848   4.358   -2.569  1.00 23.63  ?  69  VAL A CA   1 
ATOM   977  C  C    . VAL A 1 69  ? 2.700   5.489   -3.145  1.00 22.60  ?  69  VAL A C    1 
ATOM   978  O  O    . VAL A 1 69  ? 3.418   5.335   -4.133  1.00 28.40  ?  69  VAL A O    1 
ATOM   979  C  CB   . VAL A 1 69  ? 2.396   3.890   -1.195  1.00 25.50  ?  69  VAL A CB   1 
ATOM   980  C  CG1  . VAL A 1 69  ? 1.613   2.648   -0.746  1.00 22.75  ?  69  VAL A CG1  1 
ATOM   981  C  CG2  . VAL A 1 69  ? 3.857   3.599   -1.250  1.00 30.66  ?  69  VAL A CG2  1 
ATOM   982  H  H    . VAL A 1 69  ? 2.523   2.993   -3.813  1.00 29.02  ?  69  VAL A H    1 
ATOM   983  H  HA   . VAL A 1 69  ? 0.957   4.711   -2.423  1.00 28.35  ?  69  VAL A HA   1 
ATOM   984  H  HB   . VAL A 1 69  ? 2.252   4.590   -0.541  1.00 30.60  ?  69  VAL A HB   1 
ATOM   985  H  HG11 . VAL A 1 69  ? 1.954   2.354   0.114   1.00 27.30  ?  69  VAL A HG11 1 
ATOM   986  H  HG12 . VAL A 1 69  ? 0.673   2.878   -0.668  1.00 27.30  ?  69  VAL A HG12 1 
ATOM   987  H  HG13 . VAL A 1 69  ? 1.729   1.946   -1.406  1.00 27.30  ?  69  VAL A HG13 1 
ATOM   988  H  HG21 . VAL A 1 69  ? 4.154   3.310   -0.372  1.00 36.79  ?  69  VAL A HG21 1 
ATOM   989  H  HG22 . VAL A 1 69  ? 4.015   2.896   -1.900  1.00 36.79  ?  69  VAL A HG22 1 
ATOM   990  H  HG23 . VAL A 1 69  ? 4.329   4.404   -1.511  1.00 36.79  ?  69  VAL A HG23 1 
ATOM   991  N  N    . LYS A 1 70  ? 2.546   6.655   -2.536  1.00 21.02  ?  70  LYS A N    1 
ATOM   992  C  CA   . LYS A 1 70  ? 3.344   7.825   -2.832  1.00 23.61  ?  70  LYS A CA   1 
ATOM   993  C  C    . LYS A 1 70  ? 3.717   8.479   -1.519  1.00 28.68  ?  70  LYS A C    1 
ATOM   994  O  O    . LYS A 1 70  ? 3.100   8.236   -0.474  1.00 24.35  ?  70  LYS A O    1 
ATOM   995  C  CB   . LYS A 1 70  ? 2.596   8.820   -3.714  1.00 22.89  ?  70  LYS A CB   1 
ATOM   996  C  CG   . LYS A 1 70  ? 1.413   9.486   -3.073  1.00 24.86  ?  70  LYS A CG   1 
ATOM   997  C  CD   . LYS A 1 70  ? 0.586   10.183  -4.139  1.00 28.64  ?  70  LYS A CD   1 
ATOM   998  C  CE   . LYS A 1 70  ? -0.611  10.917  -3.528  1.00 29.54  ?  70  LYS A CE   1 
ATOM   999  N  NZ   . LYS A 1 70  ? -1.599  10.028  -2.824  1.00 27.37  1  70  LYS A NZ   1 
ATOM   1000 H  H    . LYS A 1 70  ? 1.959   6.793   -1.923  1.00 25.22  ?  70  LYS A H    1 
ATOM   1001 H  HA   . LYS A 1 70  ? 4.157   7.557   -3.288  1.00 28.33  ?  70  LYS A HA   1 
ATOM   1002 H  HB2  . LYS A 1 70  ? 3.214   9.518   -3.980  1.00 27.47  ?  70  LYS A HB2  1 
ATOM   1003 H  HB3  . LYS A 1 70  ? 2.276   8.352   -4.501  1.00 27.47  ?  70  LYS A HB3  1 
ATOM   1004 H  HG2  . LYS A 1 70  ? 0.859   8.819   -2.637  1.00 29.83  ?  70  LYS A HG2  1 
ATOM   1005 H  HG3  . LYS A 1 70  ? 1.718   10.148  -2.434  1.00 29.83  ?  70  LYS A HG3  1 
ATOM   1006 H  HD2  . LYS A 1 70  ? 1.140   10.833  -4.600  1.00 34.37  ?  70  LYS A HD2  1 
ATOM   1007 H  HD3  . LYS A 1 70  ? 0.250   9.523   -4.766  1.00 34.37  ?  70  LYS A HD3  1 
ATOM   1008 H  HE2  . LYS A 1 70  ? -0.282  11.561  -2.880  1.00 35.45  ?  70  LYS A HE2  1 
ATOM   1009 H  HE3  . LYS A 1 70  ? -1.085  11.381  -4.236  1.00 35.45  ?  70  LYS A HE3  1 
ATOM   1010 H  HZ1  . LYS A 1 70  ? -2.266  10.515  -2.493  1.00 32.85  ?  70  LYS A HZ1  1 
ATOM   1011 H  HZ2  . LYS A 1 70  ? -1.932  9.432   -3.395  1.00 32.85  ?  70  LYS A HZ2  1 
ATOM   1012 H  HZ3  . LYS A 1 70  ? -1.198  9.596   -2.157  1.00 32.85  ?  70  LYS A HZ3  1 
ATOM   1013 N  N    . ALA A 1 71  ? 4.715   9.339   -1.595  1.00 28.47  ?  71  ALA A N    1 
ATOM   1014 C  CA   . ALA A 1 71  ? 5.316   9.963   -0.428  1.00 24.10  ?  71  ALA A CA   1 
ATOM   1015 C  C    . ALA A 1 71  ? 5.413   11.446  -0.684  1.00 30.87  ?  71  ALA A C    1 
ATOM   1016 O  O    . ALA A 1 71  ? 5.874   11.848  -1.758  1.00 27.19  ?  71  ALA A O    1 
ATOM   1017 C  CB   . ALA A 1 71  ? 6.695   9.415   -0.164  1.00 32.57  ?  71  ALA A CB   1 
ATOM   1018 H  H    . ALA A 1 71  ? 5.075   9.587   -2.336  1.00 34.16  ?  71  ALA A H    1 
ATOM   1019 H  HA   . ALA A 1 71  ? 4.761   9.813   0.353   1.00 28.92  ?  71  ALA A HA   1 
ATOM   1020 H  HB1  . ALA A 1 71  ? 7.065   9.852   0.619   1.00 39.08  ?  71  ALA A HB1  1 
ATOM   1021 H  HB2  . ALA A 1 71  ? 6.630   8.459   -0.010  1.00 39.08  ?  71  ALA A HB2  1 
ATOM   1022 H  HB3  . ALA A 1 71  ? 7.257   9.588   -0.936  1.00 39.08  ?  71  ALA A HB3  1 
ATOM   1023 N  N    . LYS A 1 72  ? 4.996   12.238  0.302   1.00 26.55  ?  72  LYS A N    1 
ATOM   1024 C  CA   . LYS A 1 72  ? 4.919   13.683  0.176   1.00 37.19  ?  72  LYS A CA   1 
ATOM   1025 C  C    . LYS A 1 72  ? 5.469   14.331  1.436   1.00 33.93  ?  72  LYS A C    1 
ATOM   1026 O  O    . LYS A 1 72  ? 5.035   14.000  2.543   1.00 31.05  ?  72  LYS A O    1 
ATOM   1027 C  CB   . LYS A 1 72  ? 3.470   14.149  -0.044  1.00 40.66  ?  72  LYS A CB   1 
ATOM   1028 C  CG   . LYS A 1 72  ? 3.342   15.672  -0.164  1.00 54.14  ?  72  LYS A CG   1 
ATOM   1029 C  CD   . LYS A 1 72  ? 1.909   16.172  -0.480  1.00 78.37  ?  72  LYS A CD   1 
ATOM   1030 C  CE   . LYS A 1 72  ? 1.892   17.708  -0.712  1.00 95.57  ?  72  LYS A CE   1 
ATOM   1031 N  NZ   . LYS A 1 72  ? 0.574   18.290  -1.155  1.00 83.61  1  72  LYS A NZ   1 
ATOM   1032 H  H    . LYS A 1 72  ? 4.745   11.949  1.072   1.00 31.86  ?  72  LYS A H    1 
ATOM   1033 H  HA   . LYS A 1 72  ? 5.455   13.972  -0.579  1.00 44.62  ?  72  LYS A HA   1 
ATOM   1034 H  HB2  . LYS A 1 72  ? 3.133   13.755  -0.863  1.00 48.79  ?  72  LYS A HB2  1 
ATOM   1035 H  HB3  . LYS A 1 72  ? 2.929   13.862  0.709   1.00 48.79  ?  72  LYS A HB3  1 
ATOM   1036 H  HG2  . LYS A 1 72  ? 3.615   16.073  0.676   1.00 64.97  ?  72  LYS A HG2  1 
ATOM   1037 H  HG3  . LYS A 1 72  ? 3.925   15.977  -0.876  1.00 64.97  ?  72  LYS A HG3  1 
ATOM   1038 H  HD2  . LYS A 1 72  ? 1.588   15.737  -1.285  1.00 94.05  ?  72  LYS A HD2  1 
ATOM   1039 H  HD3  . LYS A 1 72  ? 1.326   15.969  0.269   1.00 94.05  ?  72  LYS A HD3  1 
ATOM   1040 H  HE2  . LYS A 1 72  ? 2.136   18.146  0.118   1.00 114.68 ?  72  LYS A HE2  1 
ATOM   1041 H  HE3  . LYS A 1 72  ? 2.547   17.922  -1.395  1.00 114.68 ?  72  LYS A HE3  1 
ATOM   1042 H  HZ1  . LYS A 1 72  ? 0.652   19.168  -1.265  1.00 100.33 ?  72  LYS A HZ1  1 
ATOM   1043 H  HZ2  . LYS A 1 72  ? 0.326   17.922  -1.927  1.00 100.33 ?  72  LYS A HZ2  1 
ATOM   1044 H  HZ3  . LYS A 1 72  ? -0.050  18.127  -0.543  1.00 100.33 ?  72  LYS A HZ3  1 
ATOM   1045 N  N    . ARG A 1 73  ? 6.394   15.269  1.277   1.00 31.99  ?  73  ARG A N    1 
ATOM   1046 C  CA   . ARG A 1 73  ? 6.817   16.049  2.437   1.00 33.99  ?  73  ARG A CA   1 
ATOM   1047 C  C    . ARG A 1 73  ? 5.675   16.919  2.922   1.00 28.91  ?  73  ARG A C    1 
ATOM   1048 O  O    . ARG A 1 73  ? 4.997   17.581  2.132   1.00 42.90  ?  73  ARG A O    1 
ATOM   1049 C  CB   . ARG A 1 73  ? 8.035   16.910  2.124   1.00 32.72  ?  73  ARG A CB   1 
ATOM   1050 C  CG   . ARG A 1 73  ? 8.613   17.503  3.442   1.00 39.42  ?  73  ARG A CG   1 
ATOM   1051 C  CD   . ARG A 1 73  ? 9.796   18.365  3.242   1.00 37.31  ?  73  ARG A CD   1 
ATOM   1052 N  NE   . ARG A 1 73  ? 10.151  19.065  4.470   1.00 34.12  ?  73  ARG A NE   1 
ATOM   1053 C  CZ   . ARG A 1 73  ? 11.311  19.686  4.635   1.00 38.18  ?  73  ARG A CZ   1 
ATOM   1054 N  NH1  . ARG A 1 73  ? 12.193  19.675  3.645   1.00 33.16  1  73  ARG A NH1  1 
ATOM   1055 N  NH2  . ARG A 1 73  ? 11.593  20.307  5.779   1.00 34.95  ?  73  ARG A NH2  1 
ATOM   1056 H  H    . ARG A 1 73  ? 6.783   15.471  0.537   1.00 38.38  ?  73  ARG A H    1 
ATOM   1057 H  HA   . ARG A 1 73  ? 7.057   15.441  3.154   1.00 40.79  ?  73  ARG A HA   1 
ATOM   1058 H  HB2  . ARG A 1 73  ? 8.719   16.366  1.704   1.00 39.26  ?  73  ARG A HB2  1 
ATOM   1059 H  HB3  . ARG A 1 73  ? 7.776   17.641  1.543   1.00 39.26  ?  73  ARG A HB3  1 
ATOM   1060 H  HG2  . ARG A 1 73  ? 7.926   18.037  3.871   1.00 47.31  ?  73  ARG A HG2  1 
ATOM   1061 H  HG3  . ARG A 1 73  ? 8.873   16.773  4.024   1.00 47.31  ?  73  ARG A HG3  1 
ATOM   1062 H  HD2  . ARG A 1 73  ? 10.551  17.819  2.973   1.00 44.78  ?  73  ARG A HD2  1 
ATOM   1063 H  HD3  . ARG A 1 73  ? 9.599   19.027  2.560   1.00 44.78  ?  73  ARG A HD3  1 
ATOM   1064 H  HE   . ARG A 1 73  ? 9.525   19.226  5.037   1.00 40.94  ?  73  ARG A HE   1 
ATOM   1065 H  HH11 . ARG A 1 73  ? 12.009  19.272  2.909   1.00 39.79  ?  73  ARG A HH11 1 
ATOM   1066 H  HH12 . ARG A 1 73  ? 12.949  20.074  3.739   1.00 39.79  ?  73  ARG A HH12 1 
ATOM   1067 H  HH21 . ARG A 1 73  ? 11.018  20.312  6.418   1.00 41.94  ?  73  ARG A HH21 1 
ATOM   1068 H  HH22 . ARG A 1 73  ? 12.348  20.709  5.876   1.00 41.94  ?  73  ARG A HH22 1 
ATOM   1069 N  N    . GLN A 1 74  ? 5.447   16.901  4.227   1.00 32.10  ?  74  GLN A N    1 
ATOM   1070 C  CA   . GLN A 1 74  ? 4.477   17.777  4.869   1.00 35.26  ?  74  GLN A CA   1 
ATOM   1071 C  C    . GLN A 1 74  ? 5.069   18.234  6.201   1.00 35.02  ?  74  GLN A C    1 
ATOM   1072 O  O    . GLN A 1 74  ? 5.202   17.438  7.140   1.00 43.20  ?  74  GLN A O    1 
ATOM   1073 C  CB   . GLN A 1 74  ? 3.153   17.028  5.017   1.00 43.59  ?  74  GLN A CB   1 
ATOM   1074 C  CG   . GLN A 1 74  ? 2.250   17.380  6.179   1.00 46.96  ?  74  GLN A CG   1 
ATOM   1075 C  CD   . GLN A 1 74  ? 1.120   16.347  6.349   1.00 50.53  ?  74  GLN A CD   1 
ATOM   1076 O  OE1  . GLN A 1 74  ? 0.571   15.811  5.357   1.00 52.05  ?  74  GLN A OE1  1 
ATOM   1077 N  NE2  . GLN A 1 74  ? 0.815   16.020  7.612   1.00 43.99  ?  74  GLN A NE2  1 
ATOM   1078 H  H    . GLN A 1 74  ? 5.853   16.377  4.776   1.00 38.52  ?  74  GLN A H    1 
ATOM   1079 H  HA   . GLN A 1 74  ? 4.328   18.559  4.314   1.00 42.31  ?  74  GLN A HA   1 
ATOM   1080 H  HB2  . GLN A 1 74  ? 2.639   17.173  4.208   1.00 52.31  ?  74  GLN A HB2  1 
ATOM   1081 H  HB3  . GLN A 1 74  ? 3.355   16.082  5.097   1.00 52.31  ?  74  GLN A HB3  1 
ATOM   1082 H  HG2  . GLN A 1 74  ? 2.771   17.398  6.995   1.00 56.35  ?  74  GLN A HG2  1 
ATOM   1083 H  HG3  . GLN A 1 74  ? 1.847   18.248  6.018   1.00 56.35  ?  74  GLN A HG3  1 
ATOM   1084 H  HE21 . GLN A 1 74  ? 1.241   16.382  8.265   1.00 52.78  ?  74  GLN A HE21 1 
ATOM   1085 H  HE22 . GLN A 1 74  ? 0.193   15.448  7.769   1.00 52.78  ?  74  GLN A HE22 1 
ATOM   1086 N  N    . GLY A 1 75  ? 5.451   19.509  6.284   1.00 43.88  ?  75  GLY A N    1 
ATOM   1087 C  CA   . GLY A 1 75  ? 6.187   19.986  7.452   1.00 32.91  ?  75  GLY A CA   1 
ATOM   1088 C  C    . GLY A 1 75  ? 7.543   19.317  7.595   1.00 30.51  ?  75  GLY A C    1 
ATOM   1089 O  O    . GLY A 1 75  ? 8.346   19.280  6.653   1.00 37.50  ?  75  GLY A O    1 
ATOM   1090 H  H    . GLY A 1 75  ? 5.298   20.108  5.687   1.00 52.65  ?  75  GLY A H    1 
ATOM   1091 H  HA2  . GLY A 1 75  ? 6.323   20.944  7.380   1.00 39.49  ?  75  GLY A HA2  1 
ATOM   1092 H  HA3  . GLY A 1 75  ? 5.670   19.809  8.255   1.00 39.49  ?  75  GLY A HA3  1 
ATOM   1093 N  N    . GLN A 1 76  ? 7.817   18.802  8.795   1.00 34.43  ?  76  GLN A N    1 
ATOM   1094 C  CA   . GLN A 1 76  ? 9.034   18.049  9.086   1.00 36.52  ?  76  GLN A CA   1 
ATOM   1095 C  C    . GLN A 1 76  ? 8.838   16.540  8.987   1.00 35.67  ?  76  GLN A C    1 
ATOM   1096 O  O    . GLN A 1 76  ? 9.598   15.782  9.598   1.00 33.53  ?  76  GLN A O    1 
ATOM   1097 C  CB   . GLN A 1 76  ? 9.556   18.374  10.485  1.00 37.69  ?  76  GLN A CB   1 
ATOM   1098 C  CG   . GLN A 1 76  ? 9.842   19.846  10.737  1.00 46.51  ?  76  GLN A CG   1 
ATOM   1099 C  CD   . GLN A 1 76  ? 10.639  20.471  9.611   1.00 44.71  ?  76  GLN A CD   1 
ATOM   1100 O  OE1  . GLN A 1 76  ? 11.835  20.194  9.462   1.00 48.73  ?  76  GLN A OE1  1 
ATOM   1101 N  NE2  . GLN A 1 76  ? 9.975   21.291  8.786   1.00 47.19  ?  76  GLN A NE2  1 
ATOM   1102 H  H    . GLN A 1 76  ? 7.296   18.879  9.475   1.00 41.32  ?  76  GLN A H    1 
ATOM   1103 H  HA   . GLN A 1 76  ? 9.719   18.302  8.448   1.00 43.83  ?  76  GLN A HA   1 
ATOM   1104 H  HB2  . GLN A 1 76  ? 8.895   18.088  11.135  1.00 45.23  ?  76  GLN A HB2  1 
ATOM   1105 H  HB3  . GLN A 1 76  ? 10.383  17.886  10.627  1.00 45.23  ?  76  GLN A HB3  1 
ATOM   1106 H  HG2  . GLN A 1 76  ? 9.002   20.325  10.816  1.00 55.82  ?  76  GLN A HG2  1 
ATOM   1107 H  HG3  . GLN A 1 76  ? 10.355  19.935  11.556  1.00 55.82  ?  76  GLN A HG3  1 
ATOM   1108 H  HE21 . GLN A 1 76  ? 9.138   21.440  8.910   1.00 56.63  ?  76  GLN A HE21 1 
ATOM   1109 H  HE22 . GLN A 1 76  ? 10.387  21.668  8.131   1.00 56.63  ?  76  GLN A HE22 1 
ATOM   1110 N  N    . SER A 1 77  ? 7.841   16.087  8.244   1.00 37.23  ?  77  SER A N    1 
ATOM   1111 C  CA   . SER A 1 77  ? 7.570   14.663  8.119   1.00 34.01  ?  77  SER A CA   1 
ATOM   1112 C  C    . SER A 1 77  ? 7.485   14.290  6.652   1.00 32.39  ?  77  SER A C    1 
ATOM   1113 O  O    . SER A 1 77  ? 7.118   15.109  5.806   1.00 29.86  ?  77  SER A O    1 
ATOM   1114 C  CB   . SER A 1 77  ? 6.262   14.279  8.835   1.00 39.76  ?  77  SER A CB   1 
ATOM   1115 O  OG   . SER A 1 77  ? 6.490   14.060  10.222  1.00 46.53  ?  77  SER A OG   1 
ATOM   1116 H  H    . SER A 1 77  ? 7.303   16.586  7.796   1.00 44.68  ?  77  SER A H    1 
ATOM   1117 H  HA   . SER A 1 77  ? 8.297   14.161  8.519   1.00 40.82  ?  77  SER A HA   1 
ATOM   1118 H  HB2  . SER A 1 77  ? 5.621   15.000  8.730   1.00 47.71  ?  77  SER A HB2  1 
ATOM   1119 H  HB3  . SER A 1 77  ? 5.912   13.465  8.439   1.00 47.71  ?  77  SER A HB3  1 
ATOM   1120 H  HG   . SER A 1 77  ? 5.771   13.852  10.602  1.00 55.84  ?  77  SER A HG   1 
ATOM   1121 N  N    . MET A 1 78  ? 7.817   13.039  6.359   1.00 31.28  ?  78  MET A N    1 
ATOM   1122 C  CA   . MET A 1 78  ? 7.601   12.453  5.045   1.00 26.35  ?  78  MET A CA   1 
ATOM   1123 C  C    . MET A 1 78  ? 6.373   11.564  5.166   1.00 31.95  ?  78  MET A C    1 
ATOM   1124 O  O    . MET A 1 78  ? 6.397   10.586  5.916   1.00 28.06  ?  78  MET A O    1 
ATOM   1125 C  CB   . MET A 1 78  ? 8.819   11.645  4.612   1.00 29.63  ?  78  MET A CB   1 
ATOM   1126 C  CG   . MET A 1 78  ? 8.722   11.033  3.252   1.00 25.51  ?  78  MET A CG   1 
ATOM   1127 S  SD   . MET A 1 78  ? 8.376   12.220  1.934   1.00 32.55  ?  78  MET A SD   1 
ATOM   1128 C  CE   . MET A 1 78  ? 9.809   13.307  2.111   1.00 38.72  ?  78  MET A CE   1 
ATOM   1129 H  H    . MET A 1 78  ? 8.178   12.496  6.920   1.00 37.53  ?  78  MET A H    1 
ATOM   1130 H  HA   . MET A 1 78  ? 7.438   13.152  4.394   1.00 31.62  ?  78  MET A HA   1 
ATOM   1131 H  HB2  . MET A 1 78  ? 9.594   12.230  4.615   1.00 35.56  ?  78  MET A HB2  1 
ATOM   1132 H  HB3  . MET A 1 78  ? 8.955   10.924  5.247   1.00 35.56  ?  78  MET A HB3  1 
ATOM   1133 H  HG2  . MET A 1 78  ? 9.564   10.598  3.044   1.00 30.61  ?  78  MET A HG2  1 
ATOM   1134 H  HG3  . MET A 1 78  ? 8.006   10.379  3.254   1.00 30.61  ?  78  MET A HG3  1 
ATOM   1135 H  HE1  . MET A 1 78  ? 9.755   14.012  1.448   1.00 46.46  ?  78  MET A HE1  1 
ATOM   1136 H  HE2  . MET A 1 78  ? 9.807   13.689  3.002   1.00 46.46  ?  78  MET A HE2  1 
ATOM   1137 H  HE3  . MET A 1 78  ? 10.618  12.787  1.977   1.00 46.46  ?  78  MET A HE3  1 
ATOM   1138 N  N    . ILE A 1 79  ? 5.302   11.907  4.452   1.00 29.71  ?  79  ILE A N    1 
ATOM   1139 C  CA   . ILE A 1 79  ? 4.001   11.274  4.639   1.00 25.53  ?  79  ILE A CA   1 
ATOM   1140 C  C    . ILE A 1 79  ? 3.710   10.377  3.437   1.00 28.19  ?  79  ILE A C    1 
ATOM   1141 O  O    . ILE A 1 79  ? 3.719   10.828  2.285   1.00 24.35  ?  79  ILE A O    1 
ATOM   1142 C  CB   . ILE A 1 79  ? 2.904   12.328  4.844   1.00 26.96  ?  79  ILE A CB   1 
ATOM   1143 C  CG1  . ILE A 1 79  ? 3.187   13.155  6.114   1.00 29.15  ?  79  ILE A CG1  1 
ATOM   1144 C  CG2  . ILE A 1 79  ? 1.525   11.683  4.894   1.00 31.59  ?  79  ILE A CG2  1 
ATOM   1145 C  CD1  . ILE A 1 79  ? 3.290   12.360  7.367   1.00 26.04  ?  79  ILE A CD1  1 
ATOM   1146 H  H    . ILE A 1 79  ? 5.306   12.515  3.843   1.00 35.66  ?  79  ILE A H    1 
ATOM   1147 H  HA   . ILE A 1 79  ? 4.033   10.715  5.431   1.00 30.63  ?  79  ILE A HA   1 
ATOM   1148 H  HB   . ILE A 1 79  ? 2.924   12.931  4.084   1.00 32.35  ?  79  ILE A HB   1 
ATOM   1149 H  HG12 . ILE A 1 79  ? 4.027   13.625  5.996   1.00 34.98  ?  79  ILE A HG12 1 
ATOM   1150 H  HG13 . ILE A 1 79  ? 2.469   13.797  6.231   1.00 34.98  ?  79  ILE A HG13 1 
ATOM   1151 H  HG21 . ILE A 1 79  ? 0.858   12.375  5.024   1.00 37.91  ?  79  ILE A HG21 1 
ATOM   1152 H  HG22 . ILE A 1 79  ? 1.363   11.220  4.058   1.00 37.91  ?  79  ILE A HG22 1 
ATOM   1153 H  HG23 . ILE A 1 79  ? 1.498   11.054  5.633   1.00 37.91  ?  79  ILE A HG23 1 
ATOM   1154 H  HD11 . ILE A 1 79  ? 3.468   12.961  8.107   1.00 31.25  ?  79  ILE A HD11 1 
ATOM   1155 H  HD12 . ILE A 1 79  ? 2.452   11.893  7.513   1.00 31.25  ?  79  ILE A HD12 1 
ATOM   1156 H  HD13 . ILE A 1 79  ? 4.014   11.721  7.277   1.00 31.25  ?  79  ILE A HD13 1 
ATOM   1157 N  N    . TYR A 1 80  ? 3.437   9.111   3.716   1.00 29.71  ?  80  TYR A N    1 
ATOM   1158 C  CA   . TYR A 1 80  ? 3.012   8.156   2.704   1.00 26.29  ?  80  TYR A CA   1 
ATOM   1159 C  C    . TYR A 1 80  ? 1.489   8.077   2.651   1.00 24.93  ?  80  TYR A C    1 
ATOM   1160 O  O    . TYR A 1 80  ? 0.792   8.192   3.664   1.00 24.20  ?  80  TYR A O    1 
ATOM   1161 C  CB   . TYR A 1 80  ? 3.592   6.776   3.005   1.00 29.25  ?  80  TYR A CB   1 
ATOM   1162 C  CG   . TYR A 1 80  ? 5.036   6.636   2.621   1.00 29.36  ?  80  TYR A CG   1 
ATOM   1163 C  CD1  . TYR A 1 80  ? 5.378   6.120   1.390   1.00 35.10  ?  80  TYR A CD1  1 
ATOM   1164 C  CD2  . TYR A 1 80  ? 6.049   7.051   3.465   1.00 32.21  ?  80  TYR A CD2  1 
ATOM   1165 C  CE1  . TYR A 1 80  ? 6.705   5.999   1.011   1.00 39.48  ?  80  TYR A CE1  1 
ATOM   1166 C  CE2  . TYR A 1 80  ? 7.390   6.933   3.101   1.00 37.34  ?  80  TYR A CE2  1 
ATOM   1167 C  CZ   . TYR A 1 80  ? 7.704   6.401   1.868   1.00 38.17  ?  80  TYR A CZ   1 
ATOM   1168 O  OH   . TYR A 1 80  ? 9.029   6.285   1.483   1.00 51.71  ?  80  TYR A OH   1 
ATOM   1169 H  H    . TYR A 1 80  ? 3.493   8.772   4.504   1.00 35.65  ?  80  TYR A H    1 
ATOM   1170 H  HA   . TYR A 1 80  ? 3.335   8.443   1.834   1.00 31.55  ?  80  TYR A HA   1 
ATOM   1171 H  HB2  . TYR A 1 80  ? 3.520   6.607   3.958   1.00 35.10  ?  80  TYR A HB2  1 
ATOM   1172 H  HB3  . TYR A 1 80  ? 3.087   6.110   2.512   1.00 35.10  ?  80  TYR A HB3  1 
ATOM   1173 H  HD1  . TYR A 1 80  ? 4.708   5.842   0.807   1.00 42.13  ?  80  TYR A HD1  1 
ATOM   1174 H  HD2  . TYR A 1 80  ? 5.832   7.406   4.297   1.00 38.65  ?  80  TYR A HD2  1 
ATOM   1175 H  HE1  . TYR A 1 80  ? 6.920   5.642   0.180   1.00 47.37  ?  80  TYR A HE1  1 
ATOM   1176 H  HE2  . TYR A 1 80  ? 8.062   7.211   3.680   1.00 44.80  ?  80  TYR A HE2  1 
ATOM   1177 H  HH   . TYR A 1 80  ? 9.531   6.566   2.096   1.00 62.05  ?  80  TYR A HH   1 
ATOM   1178 N  N    . SER A 1 81  ? 0.974   7.840   1.455   1.00 25.74  ?  81  SER A N    1 
ATOM   1179 C  CA   . SER A 1 81  ? -0.448  7.669   1.233   1.00 24.86  ?  81  SER A CA   1 
ATOM   1180 C  C    . SER A 1 81  ? -0.647  6.629   0.141   1.00 20.93  ?  81  SER A C    1 
ATOM   1181 O  O    . SER A 1 81  ? 0.251   6.352   -0.652  1.00 21.50  ?  81  SER A O    1 
ATOM   1182 C  CB   . SER A 1 81  ? -1.124  8.976   0.804   1.00 26.87  ?  81  SER A CB   1 
ATOM   1183 O  OG   . SER A 1 81  ? -0.499  9.471   -0.352  1.00 27.73  ?  81  SER A OG   1 
ATOM   1184 H  H    . SER A 1 81  ? 1.444   7.773   0.737   1.00 30.88  ?  81  SER A H    1 
ATOM   1185 H  HA   . SER A 1 81  ? -0.871  7.351   2.046   1.00 29.83  ?  81  SER A HA   1 
ATOM   1186 H  HB2  . SER A 1 81  ? -2.060  8.805   0.614   1.00 32.24  ?  81  SER A HB2  1 
ATOM   1187 H  HB3  . SER A 1 81  ? -1.040  9.628   1.517   1.00 32.24  ?  81  SER A HB3  1 
ATOM   1188 H  HG   . SER A 1 81  ? 0.314   9.618   -0.199  1.00 33.28  ?  81  SER A HG   1 
ATOM   1189 N  N    . LEU A 1 82  ? -1.844  6.074   0.093   1.00 26.10  ?  82  LEU A N    1 
ATOM   1190 C  CA   . LEU A 1 82  ? -2.213  5.314   -1.085  1.00 21.78  ?  82  LEU A CA   1 
ATOM   1191 C  C    . LEU A 1 82  ? -2.133  6.233   -2.297  1.00 28.42  ?  82  LEU A C    1 
ATOM   1192 O  O    . LEU A 1 82  ? -2.495  7.416   -2.230  1.00 24.84  ?  82  LEU A O    1 
ATOM   1193 C  CB   . LEU A 1 82  ? -3.616  4.739   -0.954  1.00 21.53  ?  82  LEU A CB   1 
ATOM   1194 C  CG   . LEU A 1 82  ? -3.851  3.701   0.140   1.00 22.92  ?  82  LEU A CG   1 
ATOM   1195 C  CD1  . LEU A 1 82  ? -5.257  3.128   -0.020  1.00 25.49  ?  82  LEU A CD1  1 
ATOM   1196 C  CD2  . LEU A 1 82  ? -2.785  2.607   0.084   1.00 23.66  ?  82  LEU A CD2  1 
ATOM   1197 H  H    . LEU A 1 82  ? -2.444  6.118   0.707   1.00 31.32  ?  82  LEU A H    1 
ATOM   1198 H  HA   . LEU A 1 82  ? -1.588  4.583   -1.210  1.00 26.14  ?  82  LEU A HA   1 
ATOM   1199 H  HB2  . LEU A 1 82  ? -4.227  5.474   -0.785  1.00 25.83  ?  82  LEU A HB2  1 
ATOM   1200 H  HB3  . LEU A 1 82  ? -3.849  4.320   -1.797  1.00 25.83  ?  82  LEU A HB3  1 
ATOM   1201 H  HG   . LEU A 1 82  ? -3.797  4.133   1.007   1.00 27.50  ?  82  LEU A HG   1 
ATOM   1202 H  HD11 . LEU A 1 82  ? -5.410  2.468   0.675   1.00 30.58  ?  82  LEU A HD11 1 
ATOM   1203 H  HD12 . LEU A 1 82  ? -5.902  3.848   0.060   1.00 30.58  ?  82  LEU A HD12 1 
ATOM   1204 H  HD13 . LEU A 1 82  ? -5.331  2.713   -0.894  1.00 30.58  ?  82  LEU A HD13 1 
ATOM   1205 H  HD21 . LEU A 1 82  ? -2.957  1.963   0.788   1.00 28.39  ?  82  LEU A HD21 1 
ATOM   1206 H  HD22 . LEU A 1 82  ? -2.825  2.172   -0.782  1.00 28.39  ?  82  LEU A HD22 1 
ATOM   1207 H  HD23 . LEU A 1 82  ? -1.912  3.011   0.210   1.00 28.39  ?  82  LEU A HD23 1 
ATOM   1208 N  N    . ASP A 1 83  ? -1.631  5.693   -3.402  1.00 20.79  ?  83  ASP A N    1 
ATOM   1209 C  CA   . ASP A 1 83  ? -1.284  6.550   -4.520  1.00 23.29  ?  83  ASP A CA   1 
ATOM   1210 C  C    . ASP A 1 83  ? -2.459  7.397   -4.955  1.00 26.29  ?  83  ASP A C    1 
ATOM   1211 O  O    . ASP A 1 83  ? -2.342  8.619   -5.038  1.00 26.44  ?  83  ASP A O    1 
ATOM   1212 C  CB   . ASP A 1 83  ? -0.778  5.733   -5.687  1.00 24.60  ?  83  ASP A CB   1 
ATOM   1213 C  CG   . ASP A 1 83  ? -0.374  6.617   -6.864  1.00 33.35  ?  83  ASP A CG   1 
ATOM   1214 O  OD1  . ASP A 1 83  ? 0.748   7.186   -6.840  1.00 26.93  ?  83  ASP A OD1  1 
ATOM   1215 O  OD2  . ASP A 1 83  ? -1.203  6.767   -7.784  1.00 30.34  -1 83  ASP A OD2  1 
ATOM   1216 H  H    . ASP A 1 83  ? -1.486  4.855   -3.526  1.00 24.95  ?  83  ASP A H    1 
ATOM   1217 H  HA   . ASP A 1 83  ? -0.572  7.149   -4.245  1.00 27.95  ?  83  ASP A HA   1 
ATOM   1218 H  HB2  . ASP A 1 83  ? 0.000   5.225   -5.408  1.00 29.52  ?  83  ASP A HB2  1 
ATOM   1219 H  HB3  . ASP A 1 83  ? -1.480  5.133   -5.985  1.00 29.52  ?  83  ASP A HB3  1 
ATOM   1220 N  N    . ASP A 1 84  ? -3.583  6.768   -5.293  1.00 21.95  ?  84  ASP A N    1 
ATOM   1221 C  CA   . ASP A 1 84  ? -4.754  7.509   -5.765  1.00 23.46  ?  84  ASP A CA   1 
ATOM   1222 C  C    . ASP A 1 84  ? -6.023  6.693   -5.488  1.00 26.80  ?  84  ASP A C    1 
ATOM   1223 O  O    . ASP A 1 84  ? -5.990  5.639   -4.836  1.00 24.64  ?  84  ASP A O    1 
ATOM   1224 C  CB   . ASP A 1 84  ? -4.598  7.915   -7.245  1.00 32.32  ?  84  ASP A CB   1 
ATOM   1225 C  CG   . ASP A 1 84  ? -4.786  6.774   -8.221  1.00 29.38  ?  84  ASP A CG   1 
ATOM   1226 O  OD1  . ASP A 1 84  ? -4.494  7.030   -9.411  1.00 23.24  ?  84  ASP A OD1  1 
ATOM   1227 O  OD2  . ASP A 1 84  ? -5.238  5.661   -7.835  1.00 25.28  -1 84  ASP A OD2  1 
ATOM   1228 H  H    . ASP A 1 84  ? -3.694  5.916   -5.259  1.00 26.34  ?  84  ASP A H    1 
ATOM   1229 H  HA   . ASP A 1 84  ? -4.822  8.328   -5.250  1.00 28.15  ?  84  ASP A HA   1 
ATOM   1230 H  HB2  . ASP A 1 84  ? -5.258  8.594   -7.452  1.00 38.78  ?  84  ASP A HB2  1 
ATOM   1231 H  HB3  . ASP A 1 84  ? -3.706  8.273   -7.376  1.00 38.78  ?  84  ASP A HB3  1 
ATOM   1232 N  N    . ILE A 1 85  ? -7.152  7.186   -5.990  1.00 25.43  ?  85  ILE A N    1 
ATOM   1233 C  CA   . ILE A 1 85  ? -8.446  6.615   -5.647  1.00 26.26  ?  85  ILE A CA   1 
ATOM   1234 C  C    . ILE A 1 85  ? -8.589  5.212   -6.204  1.00 23.13  ?  85  ILE A C    1 
ATOM   1235 O  O    . ILE A 1 85  ? -9.338  4.394   -5.657  1.00 23.10  ?  85  ILE A O    1 
ATOM   1236 C  CB   . ILE A 1 85  ? -9.592  7.495   -6.161  1.00 35.65  ?  85  ILE A CB   1 
ATOM   1237 C  CG1  . ILE A 1 85  ? -10.935 6.998   -5.633  1.00 30.01  ?  85  ILE A CG1  1 
ATOM   1238 C  CG2  . ILE A 1 85  ? -9.681  7.426   -7.691  1.00 44.57  ?  85  ILE A CG2  1 
ATOM   1239 C  CD1  . ILE A 1 85  ? -11.051 7.087   -4.124  1.00 36.15  ?  85  ILE A CD1  1 
ATOM   1240 H  H    . ILE A 1 85  ? -7.193  7.852   -6.532  1.00 30.52  ?  85  ILE A H    1 
ATOM   1241 H  HA   . ILE A 1 85  ? -8.520  6.561   -4.681  1.00 31.52  ?  85  ILE A HA   1 
ATOM   1242 H  HB   . ILE A 1 85  ? -9.451  8.414   -5.882  1.00 42.79  ?  85  ILE A HB   1 
ATOM   1243 H  HG12 . ILE A 1 85  ? -11.643 7.535   -6.020  1.00 36.01  ?  85  ILE A HG12 1 
ATOM   1244 H  HG13 . ILE A 1 85  ? -11.048 6.068   -5.887  1.00 36.01  ?  85  ILE A HG13 1 
ATOM   1245 H  HG21 . ILE A 1 85  ? -10.412 7.990   -7.990  1.00 53.49  ?  85  ILE A HG21 1 
ATOM   1246 H  HG22 . ILE A 1 85  ? -8.844  7.739   -8.070  1.00 53.49  ?  85  ILE A HG22 1 
ATOM   1247 H  HG23 . ILE A 1 85  ? -9.841  6.507   -7.956  1.00 53.49  ?  85  ILE A HG23 1 
ATOM   1248 H  HD11 . ILE A 1 85  ? -11.922 6.757   -3.854  1.00 43.38  ?  85  ILE A HD11 1 
ATOM   1249 H  HD12 . ILE A 1 85  ? -10.353 6.547   -3.722  1.00 43.38  ?  85  ILE A HD12 1 
ATOM   1250 H  HD13 . ILE A 1 85  ? -10.949 8.014   -3.854  1.00 43.38  ?  85  ILE A HD13 1 
ATOM   1251 N  N    . HIS A 1 86  ? -7.905  4.924   -7.304  1.00 26.22  ?  86  HIS A N    1 
ATOM   1252 C  CA   . HIS A 1 86  ? -7.957  3.586   -7.880  1.00 21.62  ?  86  HIS A CA   1 
ATOM   1253 C  C    . HIS A 1 86  ? -7.423  2.556   -6.902  1.00 27.79  ?  86  HIS A C    1 
ATOM   1254 O  O    . HIS A 1 86  ? -7.963  1.445   -6.784  1.00 27.80  ?  86  HIS A O    1 
ATOM   1255 C  CB   . HIS A 1 86  ? -7.154  3.531   -9.166  1.00 23.96  ?  86  HIS A CB   1 
ATOM   1256 C  CG   . HIS A 1 86  ? -7.669  4.435   -10.242 1.00 30.79  ?  86  HIS A CG   1 
ATOM   1257 N  ND1  . HIS A 1 86  ? -6.838  5.246   -10.979 1.00 33.01  ?  86  HIS A ND1  1 
ATOM   1258 C  CD2  . HIS A 1 86  ? -8.918  4.634   -10.728 1.00 31.43  ?  86  HIS A CD2  1 
ATOM   1259 C  CE1  . HIS A 1 86  ? -7.554  5.910   -11.866 1.00 35.73  ?  86  HIS A CE1  1 
ATOM   1260 N  NE2  . HIS A 1 86  ? -8.821  5.568   -11.725 1.00 38.32  ?  86  HIS A NE2  1 
ATOM   1261 H  H    . HIS A 1 86  ? -7.409  5.480   -7.735  1.00 31.46  ?  86  HIS A H    1 
ATOM   1262 H  HA   . HIS A 1 86  ? -8.878  3.361   -8.085  1.00 25.94  ?  86  HIS A HA   1 
ATOM   1263 H  HB2  . HIS A 1 86  ? -6.239  3.791   -8.974  1.00 28.75  ?  86  HIS A HB2  1 
ATOM   1264 H  HB3  . HIS A 1 86  ? -7.174  2.624   -9.507  1.00 28.75  ?  86  HIS A HB3  1 
ATOM   1265 H  HD2  . HIS A 1 86  ? -9.698  4.225   -10.427 1.00 37.71  ?  86  HIS A HD2  1 
ATOM   1266 H  HE1  . HIS A 1 86  ? -7.224  6.530   -12.476 1.00 42.88  ?  86  HIS A HE1  1 
ATOM   1267 H  HE2  . HIS A 1 86  ? -9.476  5.869   -12.194 1.00 45.99  ?  86  HIS A HE2  1 
ATOM   1268 N  N    . VAL A 1 87  ? -6.339  2.896   -6.214  1.00 24.76  ?  87  VAL A N    1 
ATOM   1269 C  CA   . VAL A 1 87  ? -5.717  1.976   -5.276  1.00 21.49  ?  87  VAL A CA   1 
ATOM   1270 C  C    . VAL A 1 87  ? -6.613  1.791   -4.070  1.00 20.42  ?  87  VAL A C    1 
ATOM   1271 O  O    . VAL A 1 87  ? -6.847  0.662   -3.602  1.00 20.12  ?  87  VAL A O    1 
ATOM   1272 C  CB   . VAL A 1 87  ? -4.334  2.520   -4.894  1.00 21.87  ?  87  VAL A CB   1 
ATOM   1273 C  CG1  . VAL A 1 87  ? -3.641  1.582   -3.949  1.00 25.37  ?  87  VAL A CG1  1 
ATOM   1274 C  CG2  . VAL A 1 87  ? -3.502  2.726   -6.150  1.00 22.94  ?  87  VAL A CG2  1 
ATOM   1275 H  H    . VAL A 1 87  ? -5.943  3.658   -6.275  1.00 29.71  ?  87  VAL A H    1 
ATOM   1276 H  HA   . VAL A 1 87  ? -5.598  1.113   -5.702  1.00 25.79  ?  87  VAL A HA   1 
ATOM   1277 H  HB   . VAL A 1 87  ? -4.437  3.378   -4.452  1.00 26.24  ?  87  VAL A HB   1 
ATOM   1278 H  HG11 . VAL A 1 87  ? -2.771  1.948   -3.723  1.00 30.45  ?  87  VAL A HG11 1 
ATOM   1279 H  HG12 . VAL A 1 87  ? -4.179  1.488   -3.148  1.00 30.45  ?  87  VAL A HG12 1 
ATOM   1280 H  HG13 . VAL A 1 87  ? -3.536  0.720   -4.381  1.00 30.45  ?  87  VAL A HG13 1 
ATOM   1281 H  HG21 . VAL A 1 87  ? -2.631  3.070   -5.900  1.00 27.53  ?  87  VAL A HG21 1 
ATOM   1282 H  HG22 . VAL A 1 87  ? -3.404  1.876   -6.605  1.00 27.53  ?  87  VAL A HG22 1 
ATOM   1283 H  HG23 . VAL A 1 87  ? -3.955  3.361   -6.728  1.00 27.53  ?  87  VAL A HG23 1 
ATOM   1284 N  N    . ALA A 1 88  ? -7.195  2.892   -3.593  1.00 22.55  ?  88  ALA A N    1 
ATOM   1285 C  CA   . ALA A 1 88  ? -8.103  2.812   -2.464  1.00 19.77  ?  88  ALA A CA   1 
ATOM   1286 C  C    . ALA A 1 88  ? -9.289  1.917   -2.786  1.00 28.24  ?  88  ALA A C    1 
ATOM   1287 O  O    . ALA A 1 88  ? -9.656  1.039   -1.989  1.00 24.16  ?  88  ALA A O    1 
ATOM   1288 C  CB   . ALA A 1 88  ? -8.575  4.217   -2.087  1.00 24.35  ?  88  ALA A CB   1 
ATOM   1289 H  H    . ALA A 1 88  ? -7.079  3.685   -3.904  1.00 27.06  ?  88  ALA A H    1 
ATOM   1290 H  HA   . ALA A 1 88  ? -7.635  2.434   -1.703  1.00 23.72  ?  88  ALA A HA   1 
ATOM   1291 H  HB1  . ALA A 1 88  ? -9.181  4.155   -1.333  1.00 29.22  ?  88  ALA A HB1  1 
ATOM   1292 H  HB2  . ALA A 1 88  ? -7.803  4.754   -1.850  1.00 29.22  ?  88  ALA A HB2  1 
ATOM   1293 H  HB3  . ALA A 1 88  ? -9.031  4.610   -2.848  1.00 29.22  ?  88  ALA A HB3  1 
ATOM   1294 N  N    . THR A 1 89  ? -9.906  2.126   -3.961  1.00 24.42  ?  89  THR A N    1 
ATOM   1295 C  CA   . THR A 1 89  ? -11.082 1.354   -4.336  1.00 22.34  ?  89  THR A CA   1 
ATOM   1296 C  C    . THR A 1 89  ? -10.739 -0.126  -4.523  1.00 25.89  ?  89  THR A C    1 
ATOM   1297 O  O    . THR A 1 89  ? -11.476 -1.004  -4.074  1.00 25.35  ?  89  THR A O    1 
ATOM   1298 C  CB   . THR A 1 89  ? -11.683 1.943   -5.603  1.00 24.20  ?  89  THR A CB   1 
ATOM   1299 O  OG1  . THR A 1 89  ? -12.091 3.302   -5.369  1.00 26.73  ?  89  THR A OG1  1 
ATOM   1300 C  CG2  . THR A 1 89  ? -12.867 1.134   -6.031  1.00 27.36  ?  89  THR A CG2  1 
ATOM   1301 H  H    . THR A 1 89  ? -9.661  2.707   -4.546  1.00 29.30  ?  89  THR A H    1 
ATOM   1302 H  HA   . THR A 1 89  ? -11.743 1.421   -3.630  1.00 26.81  ?  89  THR A HA   1 
ATOM   1303 H  HB   . THR A 1 89  ? -11.024 1.922   -6.313  1.00 29.04  ?  89  THR A HB   1 
ATOM   1304 H  HG1  . THR A 1 89  ? -11.429 3.766   -5.141  1.00 32.07  ?  89  THR A HG1  1 
ATOM   1305 H  HG21 . THR A 1 89  ? -13.251 1.509   -6.838  1.00 32.84  ?  89  THR A HG21 1 
ATOM   1306 H  HG22 . THR A 1 89  ? -12.597 0.219   -6.206  1.00 32.84  ?  89  THR A HG22 1 
ATOM   1307 H  HG23 . THR A 1 89  ? -13.540 1.135   -5.332  1.00 32.84  ?  89  THR A HG23 1 
ATOM   1308 N  N    . MET A 1 90  ? -9.626  -0.412  -5.195  1.00 23.78  ?  90  MET A N    1 
ATOM   1309 C  CA   . MET A 1 90  ? -9.168  -1.777  -5.394  1.00 26.38  ?  90  MET A CA   1 
ATOM   1310 C  C    . MET A 1 90  ? -9.003  -2.505  -4.067  1.00 26.26  ?  90  MET A C    1 
ATOM   1311 O  O    . MET A 1 90  ? -9.500  -3.626  -3.890  1.00 22.08  ?  90  MET A O    1 
ATOM   1312 C  CB   . MET A 1 90  ? -7.865  -1.720  -6.185  1.00 23.48  ?  90  MET A CB   1 
ATOM   1313 C  CG   . MET A 1 90  ? -7.333  -3.016  -6.679  1.00 37.55  ?  90  MET A CG   1 
ATOM   1314 S  SD   . MET A 1 90  ? -5.650  -2.831  -7.358  1.00 40.12  ?  90  MET A SD   1 
ATOM   1315 C  CE   . MET A 1 90  ? -4.735  -2.967  -5.883  1.00 43.59  ?  90  MET A CE   1 
ATOM   1316 H  H    . MET A 1 90  ? -9.113  0.180   -5.548  1.00 28.54  ?  90  MET A H    1 
ATOM   1317 H  HA   . MET A 1 90  ? -9.822  -2.251  -5.931  1.00 31.66  ?  90  MET A HA   1 
ATOM   1318 H  HB2  . MET A 1 90  ? -8.005  -1.153  -6.960  1.00 28.17  ?  90  MET A HB2  1 
ATOM   1319 H  HB3  . MET A 1 90  ? -7.183  -1.326  -5.620  1.00 28.17  ?  90  MET A HB3  1 
ATOM   1320 H  HG2  . MET A 1 90  ? -7.298  -3.647  -5.944  1.00 45.06  ?  90  MET A HG2  1 
ATOM   1321 H  HG3  . MET A 1 90  ? -7.911  -3.352  -7.383  1.00 45.06  ?  90  MET A HG3  1 
ATOM   1322 H  HE1  . MET A 1 90  ? -3.791  -2.886  -6.090  1.00 52.31  ?  90  MET A HE1  1 
ATOM   1323 H  HE2  . MET A 1 90  ? -5.004  -2.258  -5.279  1.00 52.31  ?  90  MET A HE2  1 
ATOM   1324 H  HE3  . MET A 1 90  ? -4.913  -3.832  -5.481  1.00 52.31  ?  90  MET A HE3  1 
ATOM   1325 N  N    . LEU A 1 91  ? -8.322  -1.881  -3.111  1.00 20.68  ?  91  LEU A N    1 
ATOM   1326 C  CA   . LEU A 1 91  ? -8.106  -2.528  -1.821  1.00 24.37  ?  91  LEU A CA   1 
ATOM   1327 C  C    . LEU A 1 91  ? -9.428  -2.722  -1.083  1.00 24.91  ?  91  LEU A C    1 
ATOM   1328 O  O    . LEU A 1 91  ? -9.701  -3.794  -0.533  1.00 24.62  ?  91  LEU A O    1 
ATOM   1329 C  CB   . LEU A 1 91  ? -7.119  -1.696  -0.973  1.00 26.81  ?  91  LEU A CB   1 
ATOM   1330 C  CG   . LEU A 1 91  ? -6.642  -2.252  0.388   1.00 32.75  ?  91  LEU A CG   1 
ATOM   1331 C  CD1  . LEU A 1 91  ? -5.832  -3.544  0.208   1.00 28.77  ?  91  LEU A CD1  1 
ATOM   1332 C  CD2  . LEU A 1 91  ? -5.820  -1.222  1.237   1.00 33.12  ?  91  LEU A CD2  1 
ATOM   1333 H  H    . LEU A 1 91  ? -7.979  -1.095  -3.181  1.00 24.82  ?  91  LEU A H    1 
ATOM   1334 H  HA   . LEU A 1 91  ? -7.713  -3.404  -1.967  1.00 29.24  ?  91  LEU A HA   1 
ATOM   1335 H  HB2  . LEU A 1 91  ? -6.323  -1.550  -1.507  1.00 32.17  ?  91  LEU A HB2  1 
ATOM   1336 H  HB3  . LEU A 1 91  ? -7.537  -0.840  -0.792  1.00 32.17  ?  91  LEU A HB3  1 
ATOM   1337 H  HG   . LEU A 1 91  ? -7.428  -2.483  0.908   1.00 39.30  ?  91  LEU A HG   1 
ATOM   1338 H  HD11 . LEU A 1 91  ? -5.550  -3.863  1.080   1.00 34.52  ?  91  LEU A HD11 1 
ATOM   1339 H  HD12 . LEU A 1 91  ? -6.391  -4.209  -0.224  1.00 34.52  ?  91  LEU A HD12 1 
ATOM   1340 H  HD13 . LEU A 1 91  ? -5.056  -3.355  -0.343  1.00 34.52  ?  91  LEU A HD13 1 
ATOM   1341 H  HD21 . LEU A 1 91  ? -5.556  -1.640  2.072   1.00 39.75  ?  91  LEU A HD21 1 
ATOM   1342 H  HD22 . LEU A 1 91  ? -5.032  -0.958  0.736   1.00 39.75  ?  91  LEU A HD22 1 
ATOM   1343 H  HD23 . LEU A 1 91  ? -6.375  -0.447  1.416   1.00 39.75  ?  91  LEU A HD23 1 
ATOM   1344 N  N    . LYS A 1 92  ? -10.263 -1.685  -1.054  1.00 26.09  ?  92  LYS A N    1 
ATOM   1345 C  CA   . LYS A 1 92  ? -11.512 -1.759  -0.315  1.00 30.93  ?  92  LYS A CA   1 
ATOM   1346 C  C    . LYS A 1 92  ? -12.442 -2.801  -0.903  1.00 31.99  ?  92  LYS A C    1 
ATOM   1347 O  O    . LYS A 1 92  ? -13.161 -3.495  -0.170  1.00 27.09  ?  92  LYS A O    1 
ATOM   1348 C  CB   . LYS A 1 92  ? -12.189 -0.403  -0.319  1.00 32.01  ?  92  LYS A CB   1 
ATOM   1349 C  CG   . LYS A 1 92  ? -13.518 -0.341  0.414   1.00 43.89  ?  92  LYS A CG   1 
ATOM   1350 C  CD   . LYS A 1 92  ? -14.447 0.676   -0.250  1.00 50.60  ?  92  LYS A CD   1 
ATOM   1351 C  CE   . LYS A 1 92  ? -15.057 0.080   -1.552  1.00 46.32  ?  92  LYS A CE   1 
ATOM   1352 N  NZ   . LYS A 1 92  ? -15.468 1.076   -2.577  1.00 44.31  1  92  LYS A NZ   1 
ATOM   1353 H  H    . LYS A 1 92  ? -10.127 -0.934  -1.450  1.00 31.30  ?  92  LYS A H    1 
ATOM   1354 H  HA   . LYS A 1 92  ? -11.325 -2.003  0.605   1.00 37.12  ?  92  LYS A HA   1 
ATOM   1355 H  HB2  . LYS A 1 92  ? -11.594 0.239   0.100   1.00 38.41  ?  92  LYS A HB2  1 
ATOM   1356 H  HB3  . LYS A 1 92  ? -12.351 -0.143  -1.239  1.00 38.41  ?  92  LYS A HB3  1 
ATOM   1357 H  HG2  . LYS A 1 92  ? -13.944 -1.211  0.386   1.00 52.67  ?  92  LYS A HG2  1 
ATOM   1358 H  HG3  . LYS A 1 92  ? -13.368 -0.065  1.332   1.00 52.67  ?  92  LYS A HG3  1 
ATOM   1359 H  HD2  . LYS A 1 92  ? -15.171 0.897   0.356   1.00 60.72  ?  92  LYS A HD2  1 
ATOM   1360 H  HD3  . LYS A 1 92  ? -13.944 1.471   -0.483  1.00 60.72  ?  92  LYS A HD3  1 
ATOM   1361 H  HE2  . LYS A 1 92  ? -14.398 -0.504  -1.960  1.00 55.58  ?  92  LYS A HE2  1 
ATOM   1362 H  HE3  . LYS A 1 92  ? -15.843 -0.436  -1.314  1.00 55.58  ?  92  LYS A HE3  1 
ATOM   1363 H  HZ1  . LYS A 1 92  ? -15.805 0.660   -3.287  1.00 53.17  ?  92  LYS A HZ1  1 
ATOM   1364 H  HZ2  . LYS A 1 92  ? -16.087 1.621   -2.240  1.00 53.17  ?  92  LYS A HZ2  1 
ATOM   1365 H  HZ3  . LYS A 1 92  ? -14.766 1.560   -2.831  1.00 53.17  ?  92  LYS A HZ3  1 
ATOM   1366 N  N    . GLN A 1 93  ? -12.460 -2.928  -2.225  1.00 27.21  ?  93  GLN A N    1 
ATOM   1367 C  CA   . GLN A 1 93  ? -13.315 -3.957  -2.810  1.00 23.43  ?  93  GLN A CA   1 
ATOM   1368 C  C    . GLN A 1 93  ? -12.810 -5.355  -2.475  1.00 24.40  ?  93  GLN A C    1 
ATOM   1369 O  O    . GLN A 1 93  ? -13.599 -6.252  -2.147  1.00 29.43  ?  93  GLN A O    1 
ATOM   1370 C  CB   . GLN A 1 93  ? -13.412 -3.726  -4.309  1.00 27.67  ?  93  GLN A CB   1 
ATOM   1371 C  CG   . GLN A 1 93  ? -14.185 -2.414  -4.634  1.00 24.29  ?  93  GLN A CG   1 
ATOM   1372 C  CD   . GLN A 1 93  ? -15.692 -2.562  -4.481  1.00 28.57  ?  93  GLN A CD   1 
ATOM   1373 O  OE1  . GLN A 1 93  ? -16.357 -1.802  -3.761  1.00 32.66  ?  93  GLN A OE1  1 
ATOM   1374 N  NE2  . GLN A 1 93  ? -16.237 -3.530  -5.157  1.00 28.11  ?  93  GLN A NE2  1 
ATOM   1375 H  H    . GLN A 1 93  ? -12.009 -2.456  -2.785  1.00 32.65  ?  93  GLN A H    1 
ATOM   1376 H  HA   . GLN A 1 93  ? -14.206 -3.868  -2.439  1.00 28.12  ?  93  GLN A HA   1 
ATOM   1377 H  HB2  . GLN A 1 93  ? -12.519 -3.654  -4.680  1.00 33.20  ?  93  GLN A HB2  1 
ATOM   1378 H  HB3  . GLN A 1 93  ? -13.887 -4.467  -4.717  1.00 33.20  ?  93  GLN A HB3  1 
ATOM   1379 H  HG2  . GLN A 1 93  ? -13.889 -1.715  -4.029  1.00 29.15  ?  93  GLN A HG2  1 
ATOM   1380 H  HG3  . GLN A 1 93  ? -14.000 -2.157  -5.551  1.00 29.15  ?  93  GLN A HG3  1 
ATOM   1381 H  HE21 . GLN A 1 93  ? -15.748 -4.037  -5.651  1.00 33.73  ?  93  GLN A HE21 1 
ATOM   1382 H  HE22 . GLN A 1 93  ? -17.085 -3.663  -5.110  1.00 33.73  ?  93  GLN A HE22 1 
ATOM   1383 N  N    . ALA A 1 94  ? -11.499 -5.544  -2.513  1.00 23.42  ?  94  ALA A N    1 
ATOM   1384 C  CA   . ALA A 1 94  ? -10.900 -6.816  -2.127  1.00 23.91  ?  94  ALA A CA   1 
ATOM   1385 C  C    . ALA A 1 94  ? -11.278 -7.211  -0.703  1.00 31.64  ?  94  ALA A C    1 
ATOM   1386 O  O    . ALA A 1 94  ? -11.660 -8.365  -0.434  1.00 25.40  ?  94  ALA A O    1 
ATOM   1387 C  CB   . ALA A 1 94  ? -9.386  -6.702  -2.287  1.00 25.60  ?  94  ALA A CB   1 
ATOM   1388 H  H    . ALA A 1 94  ? -10.929 -4.949  -2.760  1.00 28.11  ?  94  ALA A H    1 
ATOM   1389 H  HA   . ALA A 1 94  ? -11.215 -7.510  -2.726  1.00 28.69  ?  94  ALA A HA   1 
ATOM   1390 H  HB1  . ALA A 1 94  ? -8.977  -7.545  -2.033  1.00 30.72  ?  94  ALA A HB1  1 
ATOM   1391 H  HB2  . ALA A 1 94  ? -9.180  -6.502  -3.214  1.00 30.72  ?  94  ALA A HB2  1 
ATOM   1392 H  HB3  . ALA A 1 94  ? -9.060  -5.990  -1.714  1.00 30.72  ?  94  ALA A HB3  1 
ATOM   1393 N  N    . ILE A 1 95  ? -11.207 -6.258  0.228   1.00 31.34  ?  95  ILE A N    1 
ATOM   1394 C  CA   . ILE A 1 95  ? -11.541 -6.552  1.617   1.00 28.56  ?  95  ILE A CA   1 
ATOM   1395 C  C    . ILE A 1 95  ? -13.037 -6.826  1.775   1.00 29.63  ?  95  ILE A C    1 
ATOM   1396 O  O    . ILE A 1 95  ? -13.441 -7.778  2.457   1.00 31.78  ?  95  ILE A O    1 
ATOM   1397 C  CB   . ILE A 1 95  ? -11.047 -5.406  2.521   1.00 25.01  ?  95  ILE A CB   1 
ATOM   1398 C  CG1  . ILE A 1 95  ? -9.530  -5.344  2.443   1.00 25.59  ?  95  ILE A CG1  1 
ATOM   1399 C  CG2  . ILE A 1 95  ? -11.434 -5.651  3.962   1.00 37.15  ?  95  ILE A CG2  1 
ATOM   1400 C  CD1  . ILE A 1 95  ? -8.935  -4.091  3.118   1.00 37.72  ?  95  ILE A CD1  1 
ATOM   1401 H  H    . ILE A 1 95  ? -10.971 -5.443  0.083   1.00 37.60  ?  95  ILE A H    1 
ATOM   1402 H  HA   . ILE A 1 95  ? -11.069 -7.357  1.883   1.00 34.27  ?  95  ILE A HA   1 
ATOM   1403 H  HB   . ILE A 1 95  ? -11.426 -4.566  2.219   1.00 30.01  ?  95  ILE A HB   1 
ATOM   1404 H  HG12 . ILE A 1 95  ? -9.161  -6.124  2.884   1.00 30.71  ?  95  ILE A HG12 1 
ATOM   1405 H  HG13 . ILE A 1 95  ? -9.264  -5.334  1.510   1.00 30.71  ?  95  ILE A HG13 1 
ATOM   1406 H  HG21 . ILE A 1 95  ? -11.111 -4.916  4.505   1.00 44.58  ?  95  ILE A HG21 1 
ATOM   1407 H  HG22 . ILE A 1 95  ? -12.400 -5.709  4.024   1.00 44.58  ?  95  ILE A HG22 1 
ATOM   1408 H  HG23 . ILE A 1 95  ? -11.033 -6.483  4.260   1.00 44.58  ?  95  ILE A HG23 1 
ATOM   1409 H  HD11 . ILE A 1 95  ? -7.970  -4.115  3.032   1.00 45.26  ?  95  ILE A HD11 1 
ATOM   1410 H  HD12 . ILE A 1 95  ? -9.288  -3.299  2.681   1.00 45.26  ?  95  ILE A HD12 1 
ATOM   1411 H  HD13 . ILE A 1 95  ? -9.184  -4.089  4.055   1.00 45.26  ?  95  ILE A HD13 1 
ATOM   1412 N  N    . HIS A 1 96  ? -13.885 -6.005  1.149   1.00 28.32  ?  96  HIS A N    1 
ATOM   1413 C  CA   . HIS A 1 96  ? -15.313 -6.332  1.064   1.00 29.88  ?  96  HIS A CA   1 
ATOM   1414 C  C    . HIS A 1 96  ? -15.526 -7.774  0.640   1.00 33.31  ?  96  HIS A C    1 
ATOM   1415 O  O    . HIS A 1 96  ? -16.361 -8.492  1.214   1.00 30.97  ?  96  HIS A O    1 
ATOM   1416 C  CB   . HIS A 1 96  ? -16.028 -5.427  0.046   1.00 37.70  ?  96  HIS A CB   1 
ATOM   1417 C  CG   . HIS A 1 96  ? -16.534 -4.128  0.594   1.00 48.81  ?  96  HIS A CG   1 
ATOM   1418 N  ND1  . HIS A 1 96  ? -16.437 -2.942  -0.108  1.00 51.33  ?  96  HIS A ND1  1 
ATOM   1419 C  CD2  . HIS A 1 96  ? -17.196 -3.833  1.739   1.00 49.02  ?  96  HIS A CD2  1 
ATOM   1420 C  CE1  . HIS A 1 96  ? -16.980 -1.967  0.600   1.00 48.22  ?  96  HIS A CE1  1 
ATOM   1421 N  NE2  . HIS A 1 96  ? -17.449 -2.482  1.723   1.00 57.30  ?  96  HIS A NE2  1 
ATOM   1422 H  H    . HIS A 1 96  ? -13.664 -5.264  0.772   1.00 33.98  ?  96  HIS A H    1 
ATOM   1423 H  HA   . HIS A 1 96  ? -15.727 -6.203  1.933   1.00 35.85  ?  96  HIS A HA   1 
ATOM   1424 H  HB2  . HIS A 1 96  ? -15.407 -5.219  -0.670  1.00 45.24  ?  96  HIS A HB2  1 
ATOM   1425 H  HB3  . HIS A 1 96  ? -16.788 -5.908  -0.315  1.00 45.24  ?  96  HIS A HB3  1 
ATOM   1426 H  HD2  . HIS A 1 96  ? -17.417 -4.428  2.419   1.00 58.83  ?  96  HIS A HD2  1 
ATOM   1427 H  HE1  . HIS A 1 96  ? -17.031 -1.074  0.348   1.00 57.86  ?  96  HIS A HE1  1 
ATOM   1428 H  HE2  . HIS A 1 96  ? -17.850 -2.042  2.344   1.00 68.76  ?  96  HIS A HE2  1 
ATOM   1429 N  N    . HIS A 1 97  ? -14.837 -8.194  -0.427  1.00 31.67  ?  97  HIS A N    1 
ATOM   1430 C  CA   . HIS A 1 97  ? -15.126 -9.501  -1.030  1.00 30.03  ?  97  HIS A CA   1 
ATOM   1431 C  C    . HIS A 1 97  ? -14.691 -10.625 -0.105  1.00 28.58  ?  97  HIS A C    1 
ATOM   1432 O  O    . HIS A 1 97  ? -15.361 -11.659 -0.003  1.00 32.52  ?  97  HIS A O    1 
ATOM   1433 C  CB   . HIS A 1 97  ? -14.426 -9.623  -2.382  1.00 23.52  ?  97  HIS A CB   1 
ATOM   1434 C  CG   . HIS A 1 97  ? -14.745 -10.882 -3.133  1.00 25.33  ?  97  HIS A CG   1 
ATOM   1435 N  ND1  . HIS A 1 97  ? -16.006 -11.158 -3.619  1.00 22.59  ?  97  HIS A ND1  1 
ATOM   1436 C  CD2  . HIS A 1 97  ? -13.955 -11.910 -3.530  1.00 25.30  ?  97  HIS A CD2  1 
ATOM   1437 C  CE1  . HIS A 1 97  ? -15.981 -12.315 -4.256  1.00 28.24  ?  97  HIS A CE1  1 
ATOM   1438 N  NE2  . HIS A 1 97  ? -14.750 -12.792 -4.216  1.00 23.76  ?  97  HIS A NE2  1 
ATOM   1439 H  H    . HIS A 1 97  ? -14.209 -7.751  -0.814  1.00 38.00  ?  97  HIS A H    1 
ATOM   1440 H  HA   . HIS A 1 97  ? -16.082 -9.581  -1.175  1.00 36.03  ?  97  HIS A HA   1 
ATOM   1441 H  HB2  . HIS A 1 97  ? -14.692 -8.874  -2.938  1.00 28.22  ?  97  HIS A HB2  1 
ATOM   1442 H  HB3  . HIS A 1 97  ? -13.467 -9.600  -2.239  1.00 28.22  ?  97  HIS A HB3  1 
ATOM   1443 H  HD1  . HIS A 1 97  ? -16.700 -10.663 -3.514  1.00 27.11  ?  97  HIS A HD1  1 
ATOM   1444 H  HD2  . HIS A 1 97  ? -13.047 -12.007 -3.355  1.00 30.36  ?  97  HIS A HD2  1 
ATOM   1445 H  HE1  . HIS A 1 97  ? -16.709 -12.725 -4.664  1.00 33.88  ?  97  HIS A HE1  1 
ATOM   1446 N  N    . ALA A 1 98  ? -13.556 -10.439 0.555   1.00 26.99  ?  98  ALA A N    1 
ATOM   1447 C  CA   . ALA A 1 98  ? -13.028 -11.346 1.563   1.00 27.08  ?  98  ALA A CA   1 
ATOM   1448 C  C    . ALA A 1 98  ? -13.911 -11.475 2.776   1.00 35.14  ?  98  ALA A C    1 
ATOM   1449 O  O    . ALA A 1 98  ? -13.702 -12.402 3.554   1.00 43.65  ?  98  ALA A O    1 
ATOM   1450 C  CB   . ALA A 1 98  ? -11.657 -10.869 2.039   1.00 27.83  ?  98  ALA A CB   1 
ATOM   1451 H  H    . ALA A 1 98  ? -13.048 -9.756  0.427   1.00 32.39  ?  98  ALA A H    1 
ATOM   1452 H  HA   . ALA A 1 98  ? -12.922 -12.227 1.171   1.00 32.50  ?  98  ALA A HA   1 
ATOM   1453 H  HB1  . ALA A 1 98  ? -11.324 -11.487 2.710   1.00 33.39  ?  98  ALA A HB1  1 
ATOM   1454 H  HB2  . ALA A 1 98  ? -11.052 -10.843 1.282   1.00 33.39  ?  98  ALA A HB2  1 
ATOM   1455 H  HB3  . ALA A 1 98  ? -11.748 -9.982  2.422   1.00 33.39  ?  98  ALA A HB3  1 
ATOM   1456 N  N    . ASN A 1 99  ? -14.890 -10.597 2.966   1.00 36.75  ?  99  ASN A N    1 
ATOM   1457 C  CA   . ASN A 1 99  ? -15.650 -10.594 4.212   1.00 38.14  ?  99  ASN A CA   1 
ATOM   1458 C  C    . ASN A 1 99  ? -17.114 -10.975 4.041   1.00 45.60  ?  99  ASN A C    1 
ATOM   1459 O  O    . ASN A 1 99  ? -17.888 -10.844 4.994   1.00 53.62  ?  99  ASN A O    1 
ATOM   1460 C  CB   . ASN A 1 99  ? -15.541 -9.220  4.886   1.00 44.53  ?  99  ASN A CB   1 
ATOM   1461 C  CG   . ASN A 1 99  ? -14.516 -9.208  6.007   1.00 49.91  ?  99  ASN A CG   1 
ATOM   1462 O  OD1  . ASN A 1 99  ? -14.168 -10.256 6.556   1.00 57.57  ?  99  ASN A OD1  1 
ATOM   1463 N  ND2  . ASN A 1 99  ? -14.026 -8.025  6.353   1.00 57.12  ?  99  ASN A ND2  1 
ATOM   1464 H  H    . ASN A 1 99  ? -15.133 -10.000 2.398   1.00 44.10  ?  99  ASN A H    1 
ATOM   1465 H  HA   . ASN A 1 99  ? -15.252 -11.243 4.812   1.00 45.77  ?  99  ASN A HA   1 
ATOM   1466 H  HB2  . ASN A 1 99  ? -15.271 -8.563  4.226   1.00 53.44  ?  99  ASN A HB2  1 
ATOM   1467 H  HB3  . ASN A 1 99  ? -16.402 -8.981  5.263   1.00 53.44  ?  99  ASN A HB3  1 
ATOM   1468 H  HD21 . ASN A 1 99  ? -13.443 -7.968  6.982   1.00 68.55  ?  99  ASN A HD21 1 
ATOM   1469 H  HD22 . ASN A 1 99  ? -14.291 -7.315  5.946   1.00 68.55  ?  99  ASN A HD22 1 
ATOM   1470 N  N    . HIS A 1 100 ? -17.520 -11.439 2.875   1.00 41.74  ?  100 HIS A N    1 
ATOM   1471 C  CA   . HIS A 1 100 ? -18.891 -11.905 2.767   1.00 48.07  ?  100 HIS A CA   1 
ATOM   1472 C  C    . HIS A 1 100 ? -18.894 -13.379 2.397   1.00 49.49  ?  100 HIS A C    1 
ATOM   1473 O  O    . HIS A 1 100 ? -17.822 -13.944 2.163   1.00 39.51  ?  100 HIS A O    1 
ATOM   1474 C  CB   . HIS A 1 100 ? -19.695 -11.057 1.773   1.00 47.40  ?  100 HIS A CB   1 
ATOM   1475 C  CG   . HIS A 1 100 ? -19.231 -11.115 0.345   1.00 43.89  ?  100 HIS A CG   1 
ATOM   1476 N  ND1  . HIS A 1 100 ? -19.580 -12.134 -0.518  1.00 40.72  ?  100 HIS A ND1  1 
ATOM   1477 C  CD2  . HIS A 1 100 ? -18.543 -10.214 -0.395  1.00 35.99  ?  100 HIS A CD2  1 
ATOM   1478 C  CE1  . HIS A 1 100 ? -19.071 -11.883 -1.714  1.00 45.54  ?  100 HIS A CE1  1 
ATOM   1479 N  NE2  . HIS A 1 100 ? -18.443 -10.718 -1.667  1.00 34.12  ?  100 HIS A NE2  1 
ATOM   1480 H  H    . HIS A 1 100 ? -17.047 -11.495 2.159   1.00 50.09  ?  100 HIS A H    1 
ATOM   1481 H  HA   . HIS A 1 100 ? -19.316 -11.820 3.635   1.00 57.68  ?  100 HIS A HA   1 
ATOM   1482 H  HB2  . HIS A 1 100 ? -20.617 -11.355 1.791   1.00 56.88  ?  100 HIS A HB2  1 
ATOM   1483 H  HB3  . HIS A 1 100 ? -19.650 -10.129 2.055   1.00 56.88  ?  100 HIS A HB3  1 
ATOM   1484 H  HD1  . HIS A 1 100 ? -20.032 -12.835 -0.307  1.00 48.86  ?  100 HIS A HD1  1 
ATOM   1485 H  HD2  . HIS A 1 100 ? -18.183 -9.413  -0.091  1.00 43.18  ?  100 HIS A HD2  1 
ATOM   1486 H  HE1  . HIS A 1 100 ? -19.149 -12.428 -2.463  1.00 54.64  ?  100 HIS A HE1  1 
ATOM   1487 N  N    . PRO A 1 101 ? -20.059 -14.036 2.408   1.00 51.81  ?  101 PRO A N    1 
ATOM   1488 C  CA   . PRO A 1 101 ? -20.139 -15.454 2.034   1.00 48.58  ?  101 PRO A CA   1 
ATOM   1489 C  C    . PRO A 1 101 ? -20.228 -15.696 0.536   1.00 52.94  ?  101 PRO A C    1 
ATOM   1490 O  O    . PRO A 1 101 ? -20.700 -14.854 -0.234  1.00 59.59  ?  101 PRO A O    1 
ATOM   1491 C  CB   . PRO A 1 101 ? -21.438 -15.923 2.711   1.00 52.40  ?  101 PRO A CB   1 
ATOM   1492 C  CG   . PRO A 1 101 ? -21.864 -14.809 3.633   1.00 53.18  ?  101 PRO A CG   1 
ATOM   1493 C  CD   . PRO A 1 101 ? -21.295 -13.569 3.065   1.00 55.34  ?  101 PRO A CD   1 
ATOM   1494 H  HA   . PRO A 1 101 ? -19.387 -15.945 2.401   1.00 58.29  ?  101 PRO A HA   1 
ATOM   1495 H  HB2  . PRO A 1 101 ? -22.115 -16.081 2.034   1.00 62.88  ?  101 PRO A HB2  1 
ATOM   1496 H  HB3  . PRO A 1 101 ? -21.266 -16.734 3.214   1.00 62.88  ?  101 PRO A HB3  1 
ATOM   1497 H  HG2  . PRO A 1 101 ? -22.833 -14.760 3.656   1.00 63.82  ?  101 PRO A HG2  1 
ATOM   1498 H  HG3  . PRO A 1 101 ? -21.510 -14.971 4.521   1.00 63.82  ?  101 PRO A HG3  1 
ATOM   1499 H  HD2  . PRO A 1 101 ? -21.900 -13.185 2.412   1.00 66.40  ?  101 PRO A HD2  1 
ATOM   1500 H  HD3  . PRO A 1 101 ? -21.085 -12.938 3.770   1.00 66.40  ?  101 PRO A HD3  1 
ATOM   1501 N  N    . LYS A 1 102 ? -19.805 -16.900 0.137   1.00 49.00  ?  102 LYS A N    1 
ATOM   1502 C  CA   . LYS A 1 102 ? -19.979 -17.414 -1.236  1.00 62.41  ?  102 LYS A CA   1 
ATOM   1503 C  C    . LYS A 1 102 ? -19.061 -16.723 -2.239  1.00 64.40  ?  102 LYS A C    1 
ATOM   1504 O  O    . LYS A 1 102 ? -19.113 -17.021 -3.439  1.00 65.51  ?  102 LYS A O    1 
ATOM   1505 C  CB   . LYS A 1 102 ? -21.436 -17.277 -1.716  1.00 58.46  ?  102 LYS A CB   1 
ATOM   1506 C  CG   . LYS A 1 102 ? -22.380 -18.241 -1.075  1.00 54.30  ?  102 LYS A CG   1 
ATOM   1507 C  CD   . LYS A 1 102 ? -23.709 -18.151 -1.739  1.00 56.10  ?  102 LYS A CD   1 
ATOM   1508 C  CE   . LYS A 1 102 ? -24.421 -19.502 -1.793  1.00 74.59  ?  102 LYS A CE   1 
ATOM   1509 N  NZ   . LYS A 1 102 ? -24.265 -20.261 -3.099  1.00 71.38  1  102 LYS A NZ   1 
ATOM   1510 H  H    . LYS A 1 102 ? -19.404 -17.456 0.656   1.00 58.80  ?  102 LYS A H    1 
ATOM   1511 H  HA   . LYS A 1 102 ? -19.758 -18.359 -1.239  1.00 74.89  ?  102 LYS A HA   1 
ATOM   1512 H  HB2  . LYS A 1 102 ? -21.747 -16.381 -1.515  1.00 70.15  ?  102 LYS A HB2  1 
ATOM   1513 H  HB3  . LYS A 1 102 ? -21.465 -17.428 -2.674  1.00 70.15  ?  102 LYS A HB3  1 
ATOM   1514 H  HG2  . LYS A 1 102 ? -22.043 -19.145 -1.176  1.00 65.17  ?  102 LYS A HG2  1 
ATOM   1515 H  HG3  . LYS A 1 102 ? -22.486 -18.019 -0.136  1.00 65.17  ?  102 LYS A HG3  1 
ATOM   1516 H  HD2  . LYS A 1 102 ? -24.271 -17.535 -1.244  1.00 67.32  ?  102 LYS A HD2  1 
ATOM   1517 H  HD3  . LYS A 1 102 ? -23.590 -17.837 -2.649  1.00 67.32  ?  102 LYS A HD3  1 
ATOM   1518 H  HE2  . LYS A 1 102 ? -24.068 -20.063 -1.084  1.00 89.51  ?  102 LYS A HE2  1 
ATOM   1519 H  HE3  . LYS A 1 102 ? -25.369 -19.357 -1.650  1.00 89.51  ?  102 LYS A HE3  1 
ATOM   1520 H  HZ1  . LYS A 1 102 ? -24.704 -21.034 -3.055  1.00 85.66  ?  102 LYS A HZ1  1 
ATOM   1521 H  HZ2  . LYS A 1 102 ? -24.593 -19.780 -3.771  1.00 85.66  ?  102 LYS A HZ2  1 
ATOM   1522 H  HZ3  . LYS A 1 102 ? -23.403 -20.425 -3.254  1.00 85.66  ?  102 LYS A HZ3  1 
HETATM 1523 ZN ZN   . ZN  B 2 .   ? -4.815  5.453   -10.598 1.00 27.19  ?  201 ZN  A ZN   1 
HETATM 1524 CL CL   . CL  C 3 .   ? 12.575  7.787   -1.571  1.00 61.97  ?  202 CL  A CL   1 
HETATM 1525 CL CL   . CL  D 3 .   ? -5.549  10.520  4.972   1.00 55.40  ?  203 CL  A CL   1 
HETATM 1526 O  O1   . PG4 E 4 .   ? -10.581 8.401   -10.693 1.00 63.24  ?  204 PG4 A O1   1 
HETATM 1527 C  C1   . PG4 E 4 .   ? -9.893  9.626   -10.614 1.00 50.70  ?  204 PG4 A C1   1 
HETATM 1528 C  C2   . PG4 E 4 .   ? -8.388  9.358   -10.660 1.00 54.56  ?  204 PG4 A C2   1 
HETATM 1529 O  O2   . PG4 E 4 .   ? -7.788  9.616   -9.416  1.00 59.18  ?  204 PG4 A O2   1 
HETATM 1530 C  C3   . PG4 E 4 .   ? -6.760  10.555  -9.416  1.00 51.59  ?  204 PG4 A C3   1 
HETATM 1531 C  C4   . PG4 E 4 .   ? -5.605  10.078  -10.302 1.00 46.14  ?  204 PG4 A C4   1 
HETATM 1532 O  O3   . PG4 E 4 .   ? -4.909  11.207  -10.784 1.00 58.90  ?  204 PG4 A O3   1 
HETATM 1533 C  C5   . PG4 E 4 .   ? -3.511  11.183  -10.616 1.00 59.81  ?  204 PG4 A C5   1 
HETATM 1534 C  C6   . PG4 E 4 .   ? -2.846  10.405  -11.751 1.00 56.91  ?  204 PG4 A C6   1 
HETATM 1535 O  O4   . PG4 E 4 .   ? -2.908  11.094  -12.980 1.00 58.96  ?  204 PG4 A O4   1 
HETATM 1536 C  C7   . PG4 E 4 .   ? -1.727  11.803  -13.312 1.00 61.12  ?  204 PG4 A C7   1 
HETATM 1537 C  C8   . PG4 E 4 .   ? -2.016  13.293  -13.529 1.00 58.39  ?  204 PG4 A C8   1 
HETATM 1538 O  O5   . PG4 E 4 .   ? -3.053  13.541  -14.455 1.00 50.83  ?  204 PG4 A O5   1 
HETATM 1539 H  HO1  . PG4 E 4 .   ? -11.268 8.430   -10.193 1.00 75.89  ?  204 PG4 A HO1  1 
HETATM 1540 H  H11  . PG4 E 4 .   ? -10.118 10.072  -9.782  1.00 60.85  ?  204 PG4 A H11  1 
HETATM 1541 H  H12  . PG4 E 4 .   ? -10.145 10.189  -11.362 1.00 60.85  ?  204 PG4 A H12  1 
HETATM 1542 H  H21  . PG4 E 4 .   ? -8.237  8.430   -10.899 1.00 65.47  ?  204 PG4 A H21  1 
HETATM 1543 H  H22  . PG4 E 4 .   ? -7.984  9.929   -11.332 1.00 65.47  ?  204 PG4 A H22  1 
HETATM 1544 H  H31  . PG4 E 4 .   ? -6.438  10.677  -8.509  1.00 61.90  ?  204 PG4 A H31  1 
HETATM 1545 H  H32  . PG4 E 4 .   ? -7.097  11.399  -9.753  1.00 61.90  ?  204 PG4 A H32  1 
HETATM 1546 H  H41  . PG4 E 4 .   ? -5.958  9.570   -11.049 1.00 55.37  ?  204 PG4 A H41  1 
HETATM 1547 H  H42  . PG4 E 4 .   ? -5.005  9.522   -9.783  1.00 55.37  ?  204 PG4 A H42  1 
HETATM 1548 H  H51  . PG4 E 4 .   ? -3.174  12.093  -10.611 1.00 71.78  ?  204 PG4 A H51  1 
HETATM 1549 H  H52  . PG4 E 4 .   ? -3.299  10.759  -9.769  1.00 71.78  ?  204 PG4 A H52  1 
HETATM 1550 H  H61  . PG4 E 4 .   ? -3.291  9.549   -11.847 1.00 68.29  ?  204 PG4 A H61  1 
HETATM 1551 H  H62  . PG4 E 4 .   ? -1.915  10.252  -11.523 1.00 68.29  ?  204 PG4 A H62  1 
HETATM 1552 H  H71  . PG4 E 4 .   ? -1.085  11.706  -12.593 1.00 73.34  ?  204 PG4 A H71  1 
HETATM 1553 H  H72  . PG4 E 4 .   ? -1.352  11.431  -14.125 1.00 73.34  ?  204 PG4 A H72  1 
HETATM 1554 H  H81  . PG4 E 4 .   ? -1.208  13.723  -13.848 1.00 70.07  ?  204 PG4 A H81  1 
HETATM 1555 H  H82  . PG4 E 4 .   ? -2.262  13.688  -12.677 1.00 70.07  ?  204 PG4 A H82  1 
HETATM 1556 H  HO5  . PG4 E 4 .   ? -2.785  14.100  -15.037 1.00 60.99  ?  204 PG4 A HO5  1 
HETATM 1557 C  C1   . GOL F 5 .   ? -8.749  8.998   -15.129 1.00 50.82  ?  205 GOL A C1   1 
HETATM 1558 O  O1   . GOL F 5 .   ? -9.600  9.724   -14.290 1.00 50.57  ?  205 GOL A O1   1 
HETATM 1559 C  C2   . GOL F 5 .   ? -7.980  8.086   -14.206 1.00 46.50  ?  205 GOL A C2   1 
HETATM 1560 O  O2   . GOL F 5 .   ? -8.012  6.746   -14.690 1.00 49.51  ?  205 GOL A O2   1 
HETATM 1561 C  C3   . GOL F 5 .   ? -6.564  8.661   -14.015 1.00 56.82  ?  205 GOL A C3   1 
HETATM 1562 O  O3   . GOL F 5 .   ? -6.554  10.015  -13.599 1.00 54.27  ?  205 GOL A O3   1 
HETATM 1563 H  H11  . GOL F 5 .   ? -9.325  8.419   -15.851 1.00 60.98  ?  205 GOL A H11  1 
HETATM 1564 H  H12  . GOL F 5 .   ? -8.073  9.666   -15.663 1.00 60.98  ?  205 GOL A H12  1 
HETATM 1565 H  HO1  . GOL F 5 .   ? -10.089 10.390  -14.817 1.00 60.68  ?  205 GOL A HO1  1 
HETATM 1566 H  H2   . GOL F 5 .   ? -8.475  8.114   -13.236 1.00 55.80  ?  205 GOL A H2   1 
HETATM 1567 H  HO2  . GOL F 5 .   ? -7.555  6.700   -15.556 1.00 59.41  ?  205 GOL A HO2  1 
HETATM 1568 H  H31  . GOL F 5 .   ? -6.036  8.059   -13.275 1.00 68.19  ?  205 GOL A H31  1 
HETATM 1569 H  H32  . GOL F 5 .   ? -6.018  8.575   -14.954 1.00 68.19  ?  205 GOL A H32  1 
HETATM 1570 H  HO3  . GOL F 5 .   ? -5.652  10.384  -13.706 1.00 65.12  ?  205 GOL A HO3  1 
HETATM 1571 C  C1   . GOL G 5 .   ? -3.947  15.644  4.294   1.00 49.98  ?  206 GOL A C1   1 
HETATM 1572 O  O1   . GOL G 5 .   ? -3.294  15.383  3.073   1.00 51.16  ?  206 GOL A O1   1 
HETATM 1573 C  C2   . GOL G 5 .   ? -5.459  15.478  4.136   1.00 59.03  ?  206 GOL A C2   1 
HETATM 1574 O  O2   . GOL G 5 .   ? -5.799  14.936  2.874   1.00 59.87  ?  206 GOL A O2   1 
HETATM 1575 C  C3   . GOL G 5 .   ? -6.020  14.598  5.261   1.00 59.54  ?  206 GOL A C3   1 
HETATM 1576 O  O3   . GOL G 5 .   ? -5.428  13.309  5.293   1.00 60.47  ?  206 GOL A O3   1 
HETATM 1577 H  H11  . GOL G 5 .   ? -3.582  14.957  5.058   1.00 59.98  ?  206 GOL A H11  1 
HETATM 1578 H  H12  . GOL G 5 .   ? -3.723  16.659  4.620   1.00 59.98  ?  206 GOL A H12  1 
HETATM 1579 H  HO1  . GOL G 5 .   ? -2.334  15.557  3.172   1.00 61.39  ?  206 GOL A HO1  1 
HETATM 1580 H  H2   . GOL G 5 .   ? -5.912  16.464  4.230   1.00 70.84  ?  206 GOL A H2   1 
HETATM 1581 H  HO2  . GOL G 5 .   ? -5.433  14.030  2.797   1.00 71.84  ?  206 GOL A HO2  1 
HETATM 1582 H  H31  . GOL G 5 .   ? -5.853  15.092  6.217   1.00 71.44  ?  206 GOL A H31  1 
HETATM 1583 H  H32  . GOL G 5 .   ? -7.097  14.492  5.128   1.00 71.44  ?  206 GOL A H32  1 
HETATM 1584 H  HO3  . GOL G 5 .   ? -4.917  13.205  6.123   1.00 72.56  ?  206 GOL A HO3  1 
HETATM 1585 O  O    . HOH H 6 .   ? 7.636   -6.660  -20.495 1.00 38.00  ?  301 HOH A O    1 
HETATM 1586 O  O    . HOH H 6 .   ? -0.162  13.117  1.335   1.00 44.01  ?  302 HOH A O    1 
HETATM 1587 O  O    . HOH H 6 .   ? 1.062   15.337  2.853   1.00 43.16  ?  303 HOH A O    1 
HETATM 1588 O  O    . HOH H 6 .   ? 8.236   8.889   6.682   1.00 35.78  ?  304 HOH A O    1 
HETATM 1589 O  O    . HOH H 6 .   ? -8.930  5.027   1.939   1.00 39.82  ?  305 HOH A O    1 
HETATM 1590 O  O    . HOH H 6 .   ? -5.242  11.543  9.432   1.00 29.38  ?  306 HOH A O    1 
HETATM 1591 O  O    . HOH H 6 .   ? -3.440  -2.818  8.935   1.00 26.88  ?  307 HOH A O    1 
HETATM 1592 O  O    . HOH H 6 .   ? -4.018  3.551   9.873   1.00 39.00  ?  308 HOH A O    1 
HETATM 1593 O  O    . HOH H 6 .   ? -9.910  1.495   0.631   1.00 42.78  ?  309 HOH A O    1 
HETATM 1594 O  O    . HOH H 6 .   ? -3.702  11.494  1.549   1.00 40.97  ?  310 HOH A O    1 
HETATM 1595 O  O    . HOH H 6 .   ? -20.380 -16.859 -5.802  1.00 35.05  ?  311 HOH A O    1 
HETATM 1596 O  O    . HOH H 6 .   ? 3.308   6.318   -6.682  1.00 29.57  ?  312 HOH A O    1 
HETATM 1597 O  O    . HOH H 6 .   ? -3.557  6.987   2.213   1.00 26.10  ?  313 HOH A O    1 
HETATM 1598 O  O    . HOH H 6 .   ? -1.462  8.955   -9.559  1.00 42.02  ?  314 HOH A O    1 
HETATM 1599 O  O    . HOH H 6 .   ? -10.431 7.239   7.762   1.00 41.55  ?  315 HOH A O    1 
HETATM 1600 O  O    . HOH H 6 .   ? -2.467  5.246   9.292   1.00 34.24  ?  316 HOH A O    1 
HETATM 1601 O  O    . HOH H 6 .   ? 1.490   11.297  0.544   1.00 27.81  ?  317 HOH A O    1 
HETATM 1602 O  O    . HOH H 6 .   ? -16.846 2.438   -4.694  1.00 47.03  ?  318 HOH A O    1 
HETATM 1603 O  O    . HOH H 6 .   ? 3.027   -0.998  18.968  1.00 45.25  ?  319 HOH A O    1 
HETATM 1604 O  O    . HOH H 6 .   ? 4.099   -12.655 3.594   1.00 38.64  ?  320 HOH A O    1 
HETATM 1605 O  O    . HOH H 6 .   ? 7.600   -7.789  6.071   1.00 46.49  ?  321 HOH A O    1 
HETATM 1606 O  O    . HOH H 6 .   ? 9.403   -6.086  11.356  1.00 45.36  ?  322 HOH A O    1 
HETATM 1607 O  O    . HOH H 6 .   ? 8.921   8.614   10.312  1.00 38.17  ?  323 HOH A O    1 
HETATM 1608 O  O    . HOH H 6 .   ? 8.599   11.492  8.830   1.00 39.77  ?  324 HOH A O    1 
HETATM 1609 O  O    . HOH H 6 .   ? -5.109  8.740   -1.442  1.00 43.49  ?  325 HOH A O    1 
HETATM 1610 O  O    . HOH H 6 .   ? -12.842 4.767   -7.951  1.00 38.36  ?  326 HOH A O    1 
HETATM 1611 O  O    . HOH H 6 .   ? 8.055   -9.991  8.257   1.00 49.53  ?  327 HOH A O    1 
HETATM 1612 O  O    . HOH H 6 .   ? 14.377  -0.250  12.394  1.00 41.08  ?  328 HOH A O    1 
HETATM 1613 O  O    . HOH H 6 .   ? -3.241  11.268  -6.471  1.00 50.65  ?  329 HOH A O    1 
HETATM 1614 O  O    . HOH H 6 .   ? 6.056   9.527   -4.452  1.00 30.23  ?  330 HOH A O    1 
HETATM 1615 O  O    . HOH H 6 .   ? 3.173   -1.563  -12.220 1.00 39.21  ?  331 HOH A O    1 
HETATM 1616 O  O    . HOH H 6 .   ? -3.589  11.997  -1.059  1.00 45.24  ?  332 HOH A O    1 
HETATM 1617 O  O    . HOH H 6 .   ? -1.190  10.855  -8.051  1.00 52.29  ?  333 HOH A O    1 
HETATM 1618 O  O    . HOH H 6 .   ? 5.696   7.152   -6.803  1.00 45.57  ?  334 HOH A O    1 
HETATM 1619 O  O    . HOH H 6 .   ? -4.721  8.946   1.379   1.00 41.47  ?  335 HOH A O    1 
HETATM 1620 O  O    . HOH H 6 .   ? 15.731  -2.320  12.930  1.00 47.19  ?  336 HOH A O    1 
HETATM 1621 O  O    . HOH H 6 .   ? -7.147  6.654   0.298   1.00 44.63  ?  337 HOH A O    1 
# 
loop_
_pdbx_poly_seq_scheme.asym_id 
_pdbx_poly_seq_scheme.entity_id 
_pdbx_poly_seq_scheme.seq_id 
_pdbx_poly_seq_scheme.mon_id 
_pdbx_poly_seq_scheme.ndb_seq_num 
_pdbx_poly_seq_scheme.pdb_seq_num 
_pdbx_poly_seq_scheme.auth_seq_num 
_pdbx_poly_seq_scheme.pdb_mon_id 
_pdbx_poly_seq_scheme.auth_mon_id 
_pdbx_poly_seq_scheme.pdb_strand_id 
_pdbx_poly_seq_scheme.pdb_ins_code 
_pdbx_poly_seq_scheme.hetero 
A 1 1   MET 1   1   ?   ?   ?   A . n 
A 1 2   SER 2   2   ?   ?   ?   A . n 
A 1 3   GLU 3   3   ?   ?   ?   A . n 
A 1 4   GLN 4   4   ?   ?   ?   A . n 
A 1 5   TYR 5   5   ?   ?   ?   A . n 
A 1 6   SER 6   6   ?   ?   ?   A . n 
A 1 7   GLU 7   7   ?   ?   ?   A . n 
A 1 8   ILE 8   8   8   ILE ILE A . n 
A 1 9   ASN 9   9   9   ASN ASN A . n 
A 1 10  THR 10  10  10  THR THR A . n 
A 1 11  ASP 11  11  11  ASP ASP A . n 
A 1 12  THR 12  12  12  THR THR A . n 
A 1 13  LEU 13  13  13  LEU LEU A . n 
A 1 14  GLU 14  14  14  GLU GLU A . n 
A 1 15  ARG 15  15  15  ARG ARG A . n 
A 1 16  VAL 16  16  16  VAL VAL A . n 
A 1 17  THR 17  17  17  THR THR A . n 
A 1 18  GLU 18  18  18  GLU GLU A . n 
A 1 19  ILE 19  19  19  ILE ILE A . n 
A 1 20  PHE 20  20  20  PHE PHE A . n 
A 1 21  LYS 21  21  21  LYS LYS A . n 
A 1 22  ALA 22  22  22  ALA ALA A . n 
A 1 23  LEU 23  23  23  LEU LEU A . n 
A 1 24  GLY 24  24  24  GLY GLY A . n 
A 1 25  ASP 25  25  25  ASP ASP A . n 
A 1 26  TYR 26  26  26  TYR TYR A . n 
A 1 27  ASN 27  27  27  ASN ASN A . n 
A 1 28  ARG 28  28  28  ARG ARG A . n 
A 1 29  ILE 29  29  29  ILE ILE A . n 
A 1 30  ARG 30  30  30  ARG ARG A . n 
A 1 31  ILE 31  31  31  ILE ILE A . n 
A 1 32  MET 32  32  32  MET MET A . n 
A 1 33  GLU 33  33  33  GLU GLU A . n 
A 1 34  ALA 34  34  34  ALA ALA A . n 
A 1 35  LEU 35  35  35  LEU LEU A . n 
A 1 36  SER 36  36  36  SER SER A . n 
A 1 37  VAL 37  37  37  VAL VAL A . n 
A 1 38  SER 38  38  38  SER SER A . n 
A 1 39  GLU 39  39  39  GLU GLU A . n 
A 1 40  ALA 40  40  40  ALA ALA A . n 
A 1 41  SER 41  41  41  SER SER A . n 
A 1 42  VAL 42  42  42  VAL VAL A . n 
A 1 43  GLY 43  43  43  GLY GLY A . n 
A 1 44  HIS 44  44  44  HIS HIS A . n 
A 1 45  ILE 45  45  45  ILE ILE A . n 
A 1 46  SER 46  46  46  SER SER A . n 
A 1 47  HIS 47  47  47  HIS HIS A . n 
A 1 48  GLN 48  48  48  GLN GLN A . n 
A 1 49  LEU 49  49  49  LEU LEU A . n 
A 1 50  ASN 50  50  50  ASN ASN A . n 
A 1 51  LEU 51  51  51  LEU LEU A . n 
A 1 52  SER 52  52  52  SER SER A . n 
A 1 53  GLN 53  53  53  GLN GLN A . n 
A 1 54  SER 54  54  54  SER SER A . n 
A 1 55  ASN 55  55  55  ASN ASN A . n 
A 1 56  VAL 56  56  56  VAL VAL A . n 
A 1 57  SER 57  57  57  SER SER A . n 
A 1 58  HIS 58  58  58  HIS HIS A . n 
A 1 59  GLN 59  59  59  GLN GLN A . n 
A 1 60  LEU 60  60  60  LEU LEU A . n 
A 1 61  LYS 61  61  61  LYS LYS A . n 
A 1 62  LEU 62  62  62  LEU LEU A . n 
A 1 63  LEU 63  63  63  LEU LEU A . n 
A 1 64  LYS 64  64  64  LYS LYS A . n 
A 1 65  SER 65  65  65  SER SER A . n 
A 1 66  VAL 66  66  66  VAL VAL A . n 
A 1 67  HIS 67  67  67  HIS HIS A . n 
A 1 68  LEU 68  68  68  LEU LEU A . n 
A 1 69  VAL 69  69  69  VAL VAL A . n 
A 1 70  LYS 70  70  70  LYS LYS A . n 
A 1 71  ALA 71  71  71  ALA ALA A . n 
A 1 72  LYS 72  72  72  LYS LYS A . n 
A 1 73  ARG 73  73  73  ARG ARG A . n 
A 1 74  GLN 74  74  74  GLN GLN A . n 
A 1 75  GLY 75  75  75  GLY GLY A . n 
A 1 76  GLN 76  76  76  GLN GLN A . n 
A 1 77  SER 77  77  77  SER SER A . n 
A 1 78  MET 78  78  78  MET MET A . n 
A 1 79  ILE 79  79  79  ILE ILE A . n 
A 1 80  TYR 80  80  80  TYR TYR A . n 
A 1 81  SER 81  81  81  SER SER A . n 
A 1 82  LEU 82  82  82  LEU LEU A . n 
A 1 83  ASP 83  83  83  ASP ASP A . n 
A 1 84  ASP 84  84  84  ASP ASP A . n 
A 1 85  ILE 85  85  85  ILE ILE A . n 
A 1 86  HIS 86  86  86  HIS HIS A . n 
A 1 87  VAL 87  87  87  VAL VAL A . n 
A 1 88  ALA 88  88  88  ALA ALA A . n 
A 1 89  THR 89  89  89  THR THR A . n 
A 1 90  MET 90  90  90  MET MET A . n 
A 1 91  LEU 91  91  91  LEU LEU A . n 
A 1 92  LYS 92  92  92  LYS LYS A . n 
A 1 93  GLN 93  93  93  GLN GLN A . n 
A 1 94  ALA 94  94  94  ALA ALA A . n 
A 1 95  ILE 95  95  95  ILE ILE A . n 
A 1 96  HIS 96  96  96  HIS HIS A . n 
A 1 97  HIS 97  97  97  HIS HIS A . n 
A 1 98  ALA 98  98  98  ALA ALA A . n 
A 1 99  ASN 99  99  99  ASN ASN A . n 
A 1 100 HIS 100 100 100 HIS HIS A . n 
A 1 101 PRO 101 101 101 PRO PRO A . n 
A 1 102 LYS 102 102 102 LYS LYS A . n 
A 1 103 GLU 103 103 ?   ?   ?   A . n 
A 1 104 SER 104 104 ?   ?   ?   A . n 
A 1 105 GLY 105 105 ?   ?   ?   A . n 
A 1 106 LEU 106 106 ?   ?   ?   A . n 
# 
loop_
_pdbx_nonpoly_scheme.asym_id 
_pdbx_nonpoly_scheme.entity_id 
_pdbx_nonpoly_scheme.mon_id 
_pdbx_nonpoly_scheme.ndb_seq_num 
_pdbx_nonpoly_scheme.pdb_seq_num 
_pdbx_nonpoly_scheme.auth_seq_num 
_pdbx_nonpoly_scheme.pdb_mon_id 
_pdbx_nonpoly_scheme.auth_mon_id 
_pdbx_nonpoly_scheme.pdb_strand_id 
_pdbx_nonpoly_scheme.pdb_ins_code 
B 2 ZN  1  201 1  ZN  ZN  A . 
C 3 CL  1  202 1  CL  CL  A . 
D 3 CL  1  203 2  CL  CL  A . 
E 4 PG4 1  204 1  PG4 PG4 A . 
F 5 GOL 1  205 1  GOL GOL A . 
G 5 GOL 1  206 2  GOL GOL A . 
H 6 HOH 1  301 29 HOH HOH A . 
H 6 HOH 2  302 14 HOH HOH A . 
H 6 HOH 3  303 47 HOH HOH A . 
H 6 HOH 4  304 11 HOH HOH A . 
H 6 HOH 5  305 37 HOH HOH A . 
H 6 HOH 6  306 9  HOH HOH A . 
H 6 HOH 7  307 2  HOH HOH A . 
H 6 HOH 8  308 6  HOH HOH A . 
H 6 HOH 9  309 20 HOH HOH A . 
H 6 HOH 10 310 10 HOH HOH A . 
H 6 HOH 11 311 12 HOH HOH A . 
H 6 HOH 12 312 4  HOH HOH A . 
H 6 HOH 13 313 1  HOH HOH A . 
H 6 HOH 14 314 19 HOH HOH A . 
H 6 HOH 15 315 36 HOH HOH A . 
H 6 HOH 16 316 5  HOH HOH A . 
H 6 HOH 17 317 3  HOH HOH A . 
H 6 HOH 18 318 13 HOH HOH A . 
H 6 HOH 19 319 46 HOH HOH A . 
H 6 HOH 20 320 31 HOH HOH A . 
H 6 HOH 21 321 7  HOH HOH A . 
H 6 HOH 22 322 16 HOH HOH A . 
H 6 HOH 23 323 40 HOH HOH A . 
H 6 HOH 24 324 30 HOH HOH A . 
H 6 HOH 25 325 27 HOH HOH A . 
H 6 HOH 26 326 21 HOH HOH A . 
H 6 HOH 27 327 17 HOH HOH A . 
H 6 HOH 28 328 8  HOH HOH A . 
H 6 HOH 29 329 43 HOH HOH A . 
H 6 HOH 30 330 15 HOH HOH A . 
H 6 HOH 31 331 23 HOH HOH A . 
H 6 HOH 32 332 34 HOH HOH A . 
H 6 HOH 33 333 44 HOH HOH A . 
H 6 HOH 34 334 26 HOH HOH A . 
H 6 HOH 35 335 18 HOH HOH A . 
H 6 HOH 36 336 45 HOH HOH A . 
H 6 HOH 37 337 41 HOH HOH A . 
# 
_pdbx_struct_assembly.id                   1 
_pdbx_struct_assembly.details              author_and_software_defined_assembly 
_pdbx_struct_assembly.method_details       PISA 
_pdbx_struct_assembly.oligomeric_details   dimeric 
_pdbx_struct_assembly.oligomeric_count     2 
# 
_pdbx_struct_assembly_gen.assembly_id       1 
_pdbx_struct_assembly_gen.oper_expression   1,2 
_pdbx_struct_assembly_gen.asym_id_list      A,B,C,D,E,F,G,H 
# 
loop_
_pdbx_struct_assembly_prop.biol_id 
_pdbx_struct_assembly_prop.type 
_pdbx_struct_assembly_prop.value 
_pdbx_struct_assembly_prop.details 
1 'ABSA (A^2)' 5230  ? 
1 MORE         -121  ? 
1 'SSA (A^2)'  10270 ? 
# 
loop_
_pdbx_struct_oper_list.id 
_pdbx_struct_oper_list.type 
_pdbx_struct_oper_list.name 
_pdbx_struct_oper_list.symmetry_operation 
_pdbx_struct_oper_list.matrix[1][1] 
_pdbx_struct_oper_list.matrix[1][2] 
_pdbx_struct_oper_list.matrix[1][3] 
_pdbx_struct_oper_list.vector[1] 
_pdbx_struct_oper_list.matrix[2][1] 
_pdbx_struct_oper_list.matrix[2][2] 
_pdbx_struct_oper_list.matrix[2][3] 
_pdbx_struct_oper_list.vector[2] 
_pdbx_struct_oper_list.matrix[3][1] 
_pdbx_struct_oper_list.matrix[3][2] 
_pdbx_struct_oper_list.matrix[3][3] 
_pdbx_struct_oper_list.vector[3] 
1 'identity operation'         1_555 x,y,z  1.0000000000 0.0000000000  0.0000000000 0.0000000000   0.0000000000  1.0000000000  0.0000000000  0.0000000000   0.0000000000 0.0000000000  1.0000000000  0.0000000000   
2 'crystal symmetry operation' 7_555 y,x,-z 0.2106787858 -0.9724504052 0.0997730358 -10.3995585987 -0.9724504052 -0.2189011638 -0.0801404387 -14.2704764981 0.0997730358 -0.0801404387 -0.9917776220 -12.8973290848 
# 
loop_
_pdbx_struct_conn_angle.id 
_pdbx_struct_conn_angle.ptnr1_label_atom_id 
_pdbx_struct_conn_angle.ptnr1_label_alt_id 
_pdbx_struct_conn_angle.ptnr1_label_asym_id 
_pdbx_struct_conn_angle.ptnr1_label_comp_id 
_pdbx_struct_conn_angle.ptnr1_label_seq_id 
_pdbx_struct_conn_angle.ptnr1_auth_atom_id 
_pdbx_struct_conn_angle.ptnr1_auth_asym_id 
_pdbx_struct_conn_angle.ptnr1_auth_comp_id 
_pdbx_struct_conn_angle.ptnr1_auth_seq_id 
_pdbx_struct_conn_angle.ptnr1_PDB_ins_code 
_pdbx_struct_conn_angle.ptnr1_symmetry 
_pdbx_struct_conn_angle.ptnr2_label_atom_id 
_pdbx_struct_conn_angle.ptnr2_label_alt_id 
_pdbx_struct_conn_angle.ptnr2_label_asym_id 
_pdbx_struct_conn_angle.ptnr2_label_comp_id 
_pdbx_struct_conn_angle.ptnr2_label_seq_id 
_pdbx_struct_conn_angle.ptnr2_auth_atom_id 
_pdbx_struct_conn_angle.ptnr2_auth_asym_id 
_pdbx_struct_conn_angle.ptnr2_auth_comp_id 
_pdbx_struct_conn_angle.ptnr2_auth_seq_id 
_pdbx_struct_conn_angle.ptnr2_PDB_ins_code 
_pdbx_struct_conn_angle.ptnr2_symmetry 
_pdbx_struct_conn_angle.ptnr3_label_atom_id 
_pdbx_struct_conn_angle.ptnr3_label_alt_id 
_pdbx_struct_conn_angle.ptnr3_label_asym_id 
_pdbx_struct_conn_angle.ptnr3_label_comp_id 
_pdbx_struct_conn_angle.ptnr3_label_seq_id 
_pdbx_struct_conn_angle.ptnr3_auth_atom_id 
_pdbx_struct_conn_angle.ptnr3_auth_asym_id 
_pdbx_struct_conn_angle.ptnr3_auth_comp_id 
_pdbx_struct_conn_angle.ptnr3_auth_seq_id 
_pdbx_struct_conn_angle.ptnr3_PDB_ins_code 
_pdbx_struct_conn_angle.ptnr3_symmetry 
_pdbx_struct_conn_angle.value 
_pdbx_struct_conn_angle.value_esd 
1 OD1 ? A ASP 84 ? A ASP 84 ? 1_555 ZN ? B ZN . ? A ZN 201 ? 1_555 ND1 ? A HIS 86  ? A HIS 86  ? 1_555 110.2 ? 
2 OD1 ? A ASP 84 ? A ASP 84 ? 1_555 ZN ? B ZN . ? A ZN 201 ? 1_555 ND1 ? A HIS 97  ? A HIS 97  ? 1_555 120.5 ? 
3 ND1 ? A HIS 86 ? A HIS 86 ? 1_555 ZN ? B ZN . ? A ZN 201 ? 1_555 ND1 ? A HIS 97  ? A HIS 97  ? 1_555 57.8  ? 
4 OD1 ? A ASP 84 ? A ASP 84 ? 1_555 ZN ? B ZN . ? A ZN 201 ? 1_555 NE2 ? A HIS 100 ? A HIS 100 ? 1_555 114.8 ? 
5 ND1 ? A HIS 86 ? A HIS 86 ? 1_555 ZN ? B ZN . ? A ZN 201 ? 1_555 NE2 ? A HIS 100 ? A HIS 100 ? 1_555 54.6  ? 
6 ND1 ? A HIS 97 ? A HIS 97 ? 1_555 ZN ? B ZN . ? A ZN 201 ? 1_555 NE2 ? A HIS 100 ? A HIS 100 ? 1_555 6.8   ? 
# 
loop_
_pdbx_audit_revision_history.ordinal 
_pdbx_audit_revision_history.data_content_type 
_pdbx_audit_revision_history.major_revision 
_pdbx_audit_revision_history.minor_revision 
_pdbx_audit_revision_history.revision_date 
1 'Structure model' 1 0 2018-07-11 
2 'Structure model' 1 1 2018-07-25 
3 'Structure model' 1 2 2018-08-01 
4 'Structure model' 1 3 2019-02-20 
5 'Structure model' 1 4 2020-01-01 
6 'Structure model' 1 5 2023-10-04 
# 
_pdbx_audit_revision_details.ordinal             1 
_pdbx_audit_revision_details.revision_ordinal    1 
_pdbx_audit_revision_details.data_content_type   'Structure model' 
_pdbx_audit_revision_details.provider            repository 
_pdbx_audit_revision_details.type                'Initial release' 
_pdbx_audit_revision_details.description         ? 
_pdbx_audit_revision_details.details             ? 
# 
loop_
_pdbx_audit_revision_group.ordinal 
_pdbx_audit_revision_group.revision_ordinal 
_pdbx_audit_revision_group.data_content_type 
_pdbx_audit_revision_group.group 
1  2 'Structure model' 'Data collection'            
2  2 'Structure model' 'Database references'        
3  3 'Structure model' 'Data collection'            
4  3 'Structure model' 'Database references'        
5  4 'Structure model' 'Author supporting evidence' 
6  4 'Structure model' 'Data collection'            
7  5 'Structure model' 'Author supporting evidence' 
8  6 'Structure model' 'Data collection'            
9  6 'Structure model' 'Database references'        
10 6 'Structure model' 'Refinement description'     
# 
loop_
_pdbx_audit_revision_category.ordinal 
_pdbx_audit_revision_category.revision_ordinal 
_pdbx_audit_revision_category.data_content_type 
_pdbx_audit_revision_category.category 
1  2 'Structure model' citation                      
2  2 'Structure model' citation_author               
3  3 'Structure model' citation                      
4  3 'Structure model' citation_author               
5  4 'Structure model' pdbx_audit_support            
6  5 'Structure model' pdbx_audit_support            
7  6 'Structure model' chem_comp_atom                
8  6 'Structure model' chem_comp_bond                
9  6 'Structure model' database_2                    
10 6 'Structure model' pdbx_initial_refinement_model 
# 
loop_
_pdbx_audit_revision_item.ordinal 
_pdbx_audit_revision_item.revision_ordinal 
_pdbx_audit_revision_item.data_content_type 
_pdbx_audit_revision_item.item 
1  2 'Structure model' '_citation.title'                          
2  2 'Structure model' '_citation_author.name'                    
3  3 'Structure model' '_citation.journal_volume'                 
4  3 'Structure model' '_citation.page_first'                     
5  3 'Structure model' '_citation.page_last'                      
6  3 'Structure model' '_citation_author.identifier_ORCID'        
7  4 'Structure model' '_pdbx_audit_support.funding_organization' 
8  5 'Structure model' '_pdbx_audit_support.funding_organization' 
9  6 'Structure model' '_database_2.pdbx_DOI'                     
10 6 'Structure model' '_database_2.pdbx_database_accession'      
# 
_phasing.method   MR 
# 
loop_
_software.citation_id 
_software.classification 
_software.compiler_name 
_software.compiler_version 
_software.contact_author 
_software.contact_author_email 
_software.date 
_software.description 
_software.dependencies 
_software.hardware 
_software.language 
_software.location 
_software.mods 
_software.name 
_software.os 
_software.os_version 
_software.type 
_software.version 
_software.pdbx_ordinal 
? refinement        ? ? ? ? ? ? ? ? ? ? ? PHENIX      ? ? ? .    1 
? 'data reduction'  ? ? ? ? ? ? ? ? ? ? ? XDS         ? ? ? .    2 
? 'data scaling'    ? ? ? ? ? ? ? ? ? ? ? Aimless     ? ? ? .    3 
? phasing           ? ? ? ? ? ? ? ? ? ? ? PHASER      ? ? ? .    4 
? 'data extraction' ? ? ? ? ? ? ? ? ? ? ? PDB_EXTRACT ? ? ? 3.24 5 
# 
_pdbx_validate_symm_contact.id                1 
_pdbx_validate_symm_contact.PDB_model_num     1 
_pdbx_validate_symm_contact.auth_atom_id_1    HD1 
_pdbx_validate_symm_contact.auth_asym_id_1    A 
_pdbx_validate_symm_contact.auth_comp_id_1    HIS 
_pdbx_validate_symm_contact.auth_seq_id_1     97 
_pdbx_validate_symm_contact.PDB_ins_code_1    ? 
_pdbx_validate_symm_contact.label_alt_id_1    ? 
_pdbx_validate_symm_contact.site_symmetry_1   1_555 
_pdbx_validate_symm_contact.auth_atom_id_2    ZN 
_pdbx_validate_symm_contact.auth_asym_id_2    A 
_pdbx_validate_symm_contact.auth_comp_id_2    ZN 
_pdbx_validate_symm_contact.auth_seq_id_2     201 
_pdbx_validate_symm_contact.PDB_ins_code_2    ? 
_pdbx_validate_symm_contact.label_alt_id_2    ? 
_pdbx_validate_symm_contact.site_symmetry_2   7_555 
_pdbx_validate_symm_contact.dist              1.32 
# 
loop_
_pdbx_unobs_or_zero_occ_residues.id 
_pdbx_unobs_or_zero_occ_residues.PDB_model_num 
_pdbx_unobs_or_zero_occ_residues.polymer_flag 
_pdbx_unobs_or_zero_occ_residues.occupancy_flag 
_pdbx_unobs_or_zero_occ_residues.auth_asym_id 
_pdbx_unobs_or_zero_occ_residues.auth_comp_id 
_pdbx_unobs_or_zero_occ_residues.auth_seq_id 
_pdbx_unobs_or_zero_occ_residues.PDB_ins_code 
_pdbx_unobs_or_zero_occ_residues.label_asym_id 
_pdbx_unobs_or_zero_occ_residues.label_comp_id 
_pdbx_unobs_or_zero_occ_residues.label_seq_id 
1  1 Y 1 A MET 1   ? A MET 1   
2  1 Y 1 A SER 2   ? A SER 2   
3  1 Y 1 A GLU 3   ? A GLU 3   
4  1 Y 1 A GLN 4   ? A GLN 4   
5  1 Y 1 A TYR 5   ? A TYR 5   
6  1 Y 1 A SER 6   ? A SER 6   
7  1 Y 1 A GLU 7   ? A GLU 7   
8  1 Y 1 A GLU 103 ? A GLU 103 
9  1 Y 1 A SER 104 ? A SER 104 
10 1 Y 1 A GLY 105 ? A GLY 105 
11 1 Y 1 A LEU 106 ? A LEU 106 
# 
loop_
_chem_comp_atom.comp_id 
_chem_comp_atom.atom_id 
_chem_comp_atom.type_symbol 
_chem_comp_atom.pdbx_aromatic_flag 
_chem_comp_atom.pdbx_stereo_config 
_chem_comp_atom.pdbx_ordinal 
ALA N    N  N N 1   
ALA CA   C  N S 2   
ALA C    C  N N 3   
ALA O    O  N N 4   
ALA CB   C  N N 5   
ALA OXT  O  N N 6   
ALA H    H  N N 7   
ALA H2   H  N N 8   
ALA HA   H  N N 9   
ALA HB1  H  N N 10  
ALA HB2  H  N N 11  
ALA HB3  H  N N 12  
ALA HXT  H  N N 13  
ARG N    N  N N 14  
ARG CA   C  N S 15  
ARG C    C  N N 16  
ARG O    O  N N 17  
ARG CB   C  N N 18  
ARG CG   C  N N 19  
ARG CD   C  N N 20  
ARG NE   N  N N 21  
ARG CZ   C  N N 22  
ARG NH1  N  N N 23  
ARG NH2  N  N N 24  
ARG OXT  O  N N 25  
ARG H    H  N N 26  
ARG H2   H  N N 27  
ARG HA   H  N N 28  
ARG HB2  H  N N 29  
ARG HB3  H  N N 30  
ARG HG2  H  N N 31  
ARG HG3  H  N N 32  
ARG HD2  H  N N 33  
ARG HD3  H  N N 34  
ARG HE   H  N N 35  
ARG HH11 H  N N 36  
ARG HH12 H  N N 37  
ARG HH21 H  N N 38  
ARG HH22 H  N N 39  
ARG HXT  H  N N 40  
ASN N    N  N N 41  
ASN CA   C  N S 42  
ASN C    C  N N 43  
ASN O    O  N N 44  
ASN CB   C  N N 45  
ASN CG   C  N N 46  
ASN OD1  O  N N 47  
ASN ND2  N  N N 48  
ASN OXT  O  N N 49  
ASN H    H  N N 50  
ASN H2   H  N N 51  
ASN HA   H  N N 52  
ASN HB2  H  N N 53  
ASN HB3  H  N N 54  
ASN HD21 H  N N 55  
ASN HD22 H  N N 56  
ASN HXT  H  N N 57  
ASP N    N  N N 58  
ASP CA   C  N S 59  
ASP C    C  N N 60  
ASP O    O  N N 61  
ASP CB   C  N N 62  
ASP CG   C  N N 63  
ASP OD1  O  N N 64  
ASP OD2  O  N N 65  
ASP OXT  O  N N 66  
ASP H    H  N N 67  
ASP H2   H  N N 68  
ASP HA   H  N N 69  
ASP HB2  H  N N 70  
ASP HB3  H  N N 71  
ASP HD2  H  N N 72  
ASP HXT  H  N N 73  
CL  CL   CL N N 74  
GLN N    N  N N 75  
GLN CA   C  N S 76  
GLN C    C  N N 77  
GLN O    O  N N 78  
GLN CB   C  N N 79  
GLN CG   C  N N 80  
GLN CD   C  N N 81  
GLN OE1  O  N N 82  
GLN NE2  N  N N 83  
GLN OXT  O  N N 84  
GLN H    H  N N 85  
GLN H2   H  N N 86  
GLN HA   H  N N 87  
GLN HB2  H  N N 88  
GLN HB3  H  N N 89  
GLN HG2  H  N N 90  
GLN HG3  H  N N 91  
GLN HE21 H  N N 92  
GLN HE22 H  N N 93  
GLN HXT  H  N N 94  
GLU N    N  N N 95  
GLU CA   C  N S 96  
GLU C    C  N N 97  
GLU O    O  N N 98  
GLU CB   C  N N 99  
GLU CG   C  N N 100 
GLU CD   C  N N 101 
GLU OE1  O  N N 102 
GLU OE2  O  N N 103 
GLU OXT  O  N N 104 
GLU H    H  N N 105 
GLU H2   H  N N 106 
GLU HA   H  N N 107 
GLU HB2  H  N N 108 
GLU HB3  H  N N 109 
GLU HG2  H  N N 110 
GLU HG3  H  N N 111 
GLU HE2  H  N N 112 
GLU HXT  H  N N 113 
GLY N    N  N N 114 
GLY CA   C  N N 115 
GLY C    C  N N 116 
GLY O    O  N N 117 
GLY OXT  O  N N 118 
GLY H    H  N N 119 
GLY H2   H  N N 120 
GLY HA2  H  N N 121 
GLY HA3  H  N N 122 
GLY HXT  H  N N 123 
GOL C1   C  N N 124 
GOL O1   O  N N 125 
GOL C2   C  N N 126 
GOL O2   O  N N 127 
GOL C3   C  N N 128 
GOL O3   O  N N 129 
GOL H11  H  N N 130 
GOL H12  H  N N 131 
GOL HO1  H  N N 132 
GOL H2   H  N N 133 
GOL HO2  H  N N 134 
GOL H31  H  N N 135 
GOL H32  H  N N 136 
GOL HO3  H  N N 137 
HIS N    N  N N 138 
HIS CA   C  N S 139 
HIS C    C  N N 140 
HIS O    O  N N 141 
HIS CB   C  N N 142 
HIS CG   C  Y N 143 
HIS ND1  N  Y N 144 
HIS CD2  C  Y N 145 
HIS CE1  C  Y N 146 
HIS NE2  N  Y N 147 
HIS OXT  O  N N 148 
HIS H    H  N N 149 
HIS H2   H  N N 150 
HIS HA   H  N N 151 
HIS HB2  H  N N 152 
HIS HB3  H  N N 153 
HIS HD1  H  N N 154 
HIS HD2  H  N N 155 
HIS HE1  H  N N 156 
HIS HE2  H  N N 157 
HIS HXT  H  N N 158 
HOH O    O  N N 159 
HOH H1   H  N N 160 
HOH H2   H  N N 161 
ILE N    N  N N 162 
ILE CA   C  N S 163 
ILE C    C  N N 164 
ILE O    O  N N 165 
ILE CB   C  N S 166 
ILE CG1  C  N N 167 
ILE CG2  C  N N 168 
ILE CD1  C  N N 169 
ILE OXT  O  N N 170 
ILE H    H  N N 171 
ILE H2   H  N N 172 
ILE HA   H  N N 173 
ILE HB   H  N N 174 
ILE HG12 H  N N 175 
ILE HG13 H  N N 176 
ILE HG21 H  N N 177 
ILE HG22 H  N N 178 
ILE HG23 H  N N 179 
ILE HD11 H  N N 180 
ILE HD12 H  N N 181 
ILE HD13 H  N N 182 
ILE HXT  H  N N 183 
LEU N    N  N N 184 
LEU CA   C  N S 185 
LEU C    C  N N 186 
LEU O    O  N N 187 
LEU CB   C  N N 188 
LEU CG   C  N N 189 
LEU CD1  C  N N 190 
LEU CD2  C  N N 191 
LEU OXT  O  N N 192 
LEU H    H  N N 193 
LEU H2   H  N N 194 
LEU HA   H  N N 195 
LEU HB2  H  N N 196 
LEU HB3  H  N N 197 
LEU HG   H  N N 198 
LEU HD11 H  N N 199 
LEU HD12 H  N N 200 
LEU HD13 H  N N 201 
LEU HD21 H  N N 202 
LEU HD22 H  N N 203 
LEU HD23 H  N N 204 
LEU HXT  H  N N 205 
LYS N    N  N N 206 
LYS CA   C  N S 207 
LYS C    C  N N 208 
LYS O    O  N N 209 
LYS CB   C  N N 210 
LYS CG   C  N N 211 
LYS CD   C  N N 212 
LYS CE   C  N N 213 
LYS NZ   N  N N 214 
LYS OXT  O  N N 215 
LYS H    H  N N 216 
LYS H2   H  N N 217 
LYS HA   H  N N 218 
LYS HB2  H  N N 219 
LYS HB3  H  N N 220 
LYS HG2  H  N N 221 
LYS HG3  H  N N 222 
LYS HD2  H  N N 223 
LYS HD3  H  N N 224 
LYS HE2  H  N N 225 
LYS HE3  H  N N 226 
LYS HZ1  H  N N 227 
LYS HZ2  H  N N 228 
LYS HZ3  H  N N 229 
LYS HXT  H  N N 230 
MET N    N  N N 231 
MET CA   C  N S 232 
MET C    C  N N 233 
MET O    O  N N 234 
MET CB   C  N N 235 
MET CG   C  N N 236 
MET SD   S  N N 237 
MET CE   C  N N 238 
MET OXT  O  N N 239 
MET H    H  N N 240 
MET H2   H  N N 241 
MET HA   H  N N 242 
MET HB2  H  N N 243 
MET HB3  H  N N 244 
MET HG2  H  N N 245 
MET HG3  H  N N 246 
MET HE1  H  N N 247 
MET HE2  H  N N 248 
MET HE3  H  N N 249 
MET HXT  H  N N 250 
PG4 O1   O  N N 251 
PG4 C1   C  N N 252 
PG4 C2   C  N N 253 
PG4 O2   O  N N 254 
PG4 C3   C  N N 255 
PG4 C4   C  N N 256 
PG4 O3   O  N N 257 
PG4 C5   C  N N 258 
PG4 C6   C  N N 259 
PG4 O4   O  N N 260 
PG4 C7   C  N N 261 
PG4 C8   C  N N 262 
PG4 O5   O  N N 263 
PG4 HO1  H  N N 264 
PG4 H11  H  N N 265 
PG4 H12  H  N N 266 
PG4 H21  H  N N 267 
PG4 H22  H  N N 268 
PG4 H31  H  N N 269 
PG4 H32  H  N N 270 
PG4 H41  H  N N 271 
PG4 H42  H  N N 272 
PG4 H51  H  N N 273 
PG4 H52  H  N N 274 
PG4 H61  H  N N 275 
PG4 H62  H  N N 276 
PG4 H71  H  N N 277 
PG4 H72  H  N N 278 
PG4 H81  H  N N 279 
PG4 H82  H  N N 280 
PG4 HO5  H  N N 281 
PHE N    N  N N 282 
PHE CA   C  N S 283 
PHE C    C  N N 284 
PHE O    O  N N 285 
PHE CB   C  N N 286 
PHE CG   C  Y N 287 
PHE CD1  C  Y N 288 
PHE CD2  C  Y N 289 
PHE CE1  C  Y N 290 
PHE CE2  C  Y N 291 
PHE CZ   C  Y N 292 
PHE OXT  O  N N 293 
PHE H    H  N N 294 
PHE H2   H  N N 295 
PHE HA   H  N N 296 
PHE HB2  H  N N 297 
PHE HB3  H  N N 298 
PHE HD1  H  N N 299 
PHE HD2  H  N N 300 
PHE HE1  H  N N 301 
PHE HE2  H  N N 302 
PHE HZ   H  N N 303 
PHE HXT  H  N N 304 
PRO N    N  N N 305 
PRO CA   C  N S 306 
PRO C    C  N N 307 
PRO O    O  N N 308 
PRO CB   C  N N 309 
PRO CG   C  N N 310 
PRO CD   C  N N 311 
PRO OXT  O  N N 312 
PRO H    H  N N 313 
PRO HA   H  N N 314 
PRO HB2  H  N N 315 
PRO HB3  H  N N 316 
PRO HG2  H  N N 317 
PRO HG3  H  N N 318 
PRO HD2  H  N N 319 
PRO HD3  H  N N 320 
PRO HXT  H  N N 321 
SER N    N  N N 322 
SER CA   C  N S 323 
SER C    C  N N 324 
SER O    O  N N 325 
SER CB   C  N N 326 
SER OG   O  N N 327 
SER OXT  O  N N 328 
SER H    H  N N 329 
SER H2   H  N N 330 
SER HA   H  N N 331 
SER HB2  H  N N 332 
SER HB3  H  N N 333 
SER HG   H  N N 334 
SER HXT  H  N N 335 
THR N    N  N N 336 
THR CA   C  N S 337 
THR C    C  N N 338 
THR O    O  N N 339 
THR CB   C  N R 340 
THR OG1  O  N N 341 
THR CG2  C  N N 342 
THR OXT  O  N N 343 
THR H    H  N N 344 
THR H2   H  N N 345 
THR HA   H  N N 346 
THR HB   H  N N 347 
THR HG1  H  N N 348 
THR HG21 H  N N 349 
THR HG22 H  N N 350 
THR HG23 H  N N 351 
THR HXT  H  N N 352 
TYR N    N  N N 353 
TYR CA   C  N S 354 
TYR C    C  N N 355 
TYR O    O  N N 356 
TYR CB   C  N N 357 
TYR CG   C  Y N 358 
TYR CD1  C  Y N 359 
TYR CD2  C  Y N 360 
TYR CE1  C  Y N 361 
TYR CE2  C  Y N 362 
TYR CZ   C  Y N 363 
TYR OH   O  N N 364 
TYR OXT  O  N N 365 
TYR H    H  N N 366 
TYR H2   H  N N 367 
TYR HA   H  N N 368 
TYR HB2  H  N N 369 
TYR HB3  H  N N 370 
TYR HD1  H  N N 371 
TYR HD2  H  N N 372 
TYR HE1  H  N N 373 
TYR HE2  H  N N 374 
TYR HH   H  N N 375 
TYR HXT  H  N N 376 
VAL N    N  N N 377 
VAL CA   C  N S 378 
VAL C    C  N N 379 
VAL O    O  N N 380 
VAL CB   C  N N 381 
VAL CG1  C  N N 382 
VAL CG2  C  N N 383 
VAL OXT  O  N N 384 
VAL H    H  N N 385 
VAL H2   H  N N 386 
VAL HA   H  N N 387 
VAL HB   H  N N 388 
VAL HG11 H  N N 389 
VAL HG12 H  N N 390 
VAL HG13 H  N N 391 
VAL HG21 H  N N 392 
VAL HG22 H  N N 393 
VAL HG23 H  N N 394 
VAL HXT  H  N N 395 
ZN  ZN   ZN N N 396 
# 
loop_
_chem_comp_bond.comp_id 
_chem_comp_bond.atom_id_1 
_chem_comp_bond.atom_id_2 
_chem_comp_bond.value_order 
_chem_comp_bond.pdbx_aromatic_flag 
_chem_comp_bond.pdbx_stereo_config 
_chem_comp_bond.pdbx_ordinal 
ALA N   CA   sing N N 1   
ALA N   H    sing N N 2   
ALA N   H2   sing N N 3   
ALA CA  C    sing N N 4   
ALA CA  CB   sing N N 5   
ALA CA  HA   sing N N 6   
ALA C   O    doub N N 7   
ALA C   OXT  sing N N 8   
ALA CB  HB1  sing N N 9   
ALA CB  HB2  sing N N 10  
ALA CB  HB3  sing N N 11  
ALA OXT HXT  sing N N 12  
ARG N   CA   sing N N 13  
ARG N   H    sing N N 14  
ARG N   H2   sing N N 15  
ARG CA  C    sing N N 16  
ARG CA  CB   sing N N 17  
ARG CA  HA   sing N N 18  
ARG C   O    doub N N 19  
ARG C   OXT  sing N N 20  
ARG CB  CG   sing N N 21  
ARG CB  HB2  sing N N 22  
ARG CB  HB3  sing N N 23  
ARG CG  CD   sing N N 24  
ARG CG  HG2  sing N N 25  
ARG CG  HG3  sing N N 26  
ARG CD  NE   sing N N 27  
ARG CD  HD2  sing N N 28  
ARG CD  HD3  sing N N 29  
ARG NE  CZ   sing N N 30  
ARG NE  HE   sing N N 31  
ARG CZ  NH1  sing N N 32  
ARG CZ  NH2  doub N N 33  
ARG NH1 HH11 sing N N 34  
ARG NH1 HH12 sing N N 35  
ARG NH2 HH21 sing N N 36  
ARG NH2 HH22 sing N N 37  
ARG OXT HXT  sing N N 38  
ASN N   CA   sing N N 39  
ASN N   H    sing N N 40  
ASN N   H2   sing N N 41  
ASN CA  C    sing N N 42  
ASN CA  CB   sing N N 43  
ASN CA  HA   sing N N 44  
ASN C   O    doub N N 45  
ASN C   OXT  sing N N 46  
ASN CB  CG   sing N N 47  
ASN CB  HB2  sing N N 48  
ASN CB  HB3  sing N N 49  
ASN CG  OD1  doub N N 50  
ASN CG  ND2  sing N N 51  
ASN ND2 HD21 sing N N 52  
ASN ND2 HD22 sing N N 53  
ASN OXT HXT  sing N N 54  
ASP N   CA   sing N N 55  
ASP N   H    sing N N 56  
ASP N   H2   sing N N 57  
ASP CA  C    sing N N 58  
ASP CA  CB   sing N N 59  
ASP CA  HA   sing N N 60  
ASP C   O    doub N N 61  
ASP C   OXT  sing N N 62  
ASP CB  CG   sing N N 63  
ASP CB  HB2  sing N N 64  
ASP CB  HB3  sing N N 65  
ASP CG  OD1  doub N N 66  
ASP CG  OD2  sing N N 67  
ASP OD2 HD2  sing N N 68  
ASP OXT HXT  sing N N 69  
GLN N   CA   sing N N 70  
GLN N   H    sing N N 71  
GLN N   H2   sing N N 72  
GLN CA  C    sing N N 73  
GLN CA  CB   sing N N 74  
GLN CA  HA   sing N N 75  
GLN C   O    doub N N 76  
GLN C   OXT  sing N N 77  
GLN CB  CG   sing N N 78  
GLN CB  HB2  sing N N 79  
GLN CB  HB3  sing N N 80  
GLN CG  CD   sing N N 81  
GLN CG  HG2  sing N N 82  
GLN CG  HG3  sing N N 83  
GLN CD  OE1  doub N N 84  
GLN CD  NE2  sing N N 85  
GLN NE2 HE21 sing N N 86  
GLN NE2 HE22 sing N N 87  
GLN OXT HXT  sing N N 88  
GLU N   CA   sing N N 89  
GLU N   H    sing N N 90  
GLU N   H2   sing N N 91  
GLU CA  C    sing N N 92  
GLU CA  CB   sing N N 93  
GLU CA  HA   sing N N 94  
GLU C   O    doub N N 95  
GLU C   OXT  sing N N 96  
GLU CB  CG   sing N N 97  
GLU CB  HB2  sing N N 98  
GLU CB  HB3  sing N N 99  
GLU CG  CD   sing N N 100 
GLU CG  HG2  sing N N 101 
GLU CG  HG3  sing N N 102 
GLU CD  OE1  doub N N 103 
GLU CD  OE2  sing N N 104 
GLU OE2 HE2  sing N N 105 
GLU OXT HXT  sing N N 106 
GLY N   CA   sing N N 107 
GLY N   H    sing N N 108 
GLY N   H2   sing N N 109 
GLY CA  C    sing N N 110 
GLY CA  HA2  sing N N 111 
GLY CA  HA3  sing N N 112 
GLY C   O    doub N N 113 
GLY C   OXT  sing N N 114 
GLY OXT HXT  sing N N 115 
GOL C1  O1   sing N N 116 
GOL C1  C2   sing N N 117 
GOL C1  H11  sing N N 118 
GOL C1  H12  sing N N 119 
GOL O1  HO1  sing N N 120 
GOL C2  O2   sing N N 121 
GOL C2  C3   sing N N 122 
GOL C2  H2   sing N N 123 
GOL O2  HO2  sing N N 124 
GOL C3  O3   sing N N 125 
GOL C3  H31  sing N N 126 
GOL C3  H32  sing N N 127 
GOL O3  HO3  sing N N 128 
HIS N   CA   sing N N 129 
HIS N   H    sing N N 130 
HIS N   H2   sing N N 131 
HIS CA  C    sing N N 132 
HIS CA  CB   sing N N 133 
HIS CA  HA   sing N N 134 
HIS C   O    doub N N 135 
HIS C   OXT  sing N N 136 
HIS CB  CG   sing N N 137 
HIS CB  HB2  sing N N 138 
HIS CB  HB3  sing N N 139 
HIS CG  ND1  sing Y N 140 
HIS CG  CD2  doub Y N 141 
HIS ND1 CE1  doub Y N 142 
HIS ND1 HD1  sing N N 143 
HIS CD2 NE2  sing Y N 144 
HIS CD2 HD2  sing N N 145 
HIS CE1 NE2  sing Y N 146 
HIS CE1 HE1  sing N N 147 
HIS NE2 HE2  sing N N 148 
HIS OXT HXT  sing N N 149 
HOH O   H1   sing N N 150 
HOH O   H2   sing N N 151 
ILE N   CA   sing N N 152 
ILE N   H    sing N N 153 
ILE N   H2   sing N N 154 
ILE CA  C    sing N N 155 
ILE CA  CB   sing N N 156 
ILE CA  HA   sing N N 157 
ILE C   O    doub N N 158 
ILE C   OXT  sing N N 159 
ILE CB  CG1  sing N N 160 
ILE CB  CG2  sing N N 161 
ILE CB  HB   sing N N 162 
ILE CG1 CD1  sing N N 163 
ILE CG1 HG12 sing N N 164 
ILE CG1 HG13 sing N N 165 
ILE CG2 HG21 sing N N 166 
ILE CG2 HG22 sing N N 167 
ILE CG2 HG23 sing N N 168 
ILE CD1 HD11 sing N N 169 
ILE CD1 HD12 sing N N 170 
ILE CD1 HD13 sing N N 171 
ILE OXT HXT  sing N N 172 
LEU N   CA   sing N N 173 
LEU N   H    sing N N 174 
LEU N   H2   sing N N 175 
LEU CA  C    sing N N 176 
LEU CA  CB   sing N N 177 
LEU CA  HA   sing N N 178 
LEU C   O    doub N N 179 
LEU C   OXT  sing N N 180 
LEU CB  CG   sing N N 181 
LEU CB  HB2  sing N N 182 
LEU CB  HB3  sing N N 183 
LEU CG  CD1  sing N N 184 
LEU CG  CD2  sing N N 185 
LEU CG  HG   sing N N 186 
LEU CD1 HD11 sing N N 187 
LEU CD1 HD12 sing N N 188 
LEU CD1 HD13 sing N N 189 
LEU CD2 HD21 sing N N 190 
LEU CD2 HD22 sing N N 191 
LEU CD2 HD23 sing N N 192 
LEU OXT HXT  sing N N 193 
LYS N   CA   sing N N 194 
LYS N   H    sing N N 195 
LYS N   H2   sing N N 196 
LYS CA  C    sing N N 197 
LYS CA  CB   sing N N 198 
LYS CA  HA   sing N N 199 
LYS C   O    doub N N 200 
LYS C   OXT  sing N N 201 
LYS CB  CG   sing N N 202 
LYS CB  HB2  sing N N 203 
LYS CB  HB3  sing N N 204 
LYS CG  CD   sing N N 205 
LYS CG  HG2  sing N N 206 
LYS CG  HG3  sing N N 207 
LYS CD  CE   sing N N 208 
LYS CD  HD2  sing N N 209 
LYS CD  HD3  sing N N 210 
LYS CE  NZ   sing N N 211 
LYS CE  HE2  sing N N 212 
LYS CE  HE3  sing N N 213 
LYS NZ  HZ1  sing N N 214 
LYS NZ  HZ2  sing N N 215 
LYS NZ  HZ3  sing N N 216 
LYS OXT HXT  sing N N 217 
MET N   CA   sing N N 218 
MET N   H    sing N N 219 
MET N   H2   sing N N 220 
MET CA  C    sing N N 221 
MET CA  CB   sing N N 222 
MET CA  HA   sing N N 223 
MET C   O    doub N N 224 
MET C   OXT  sing N N 225 
MET CB  CG   sing N N 226 
MET CB  HB2  sing N N 227 
MET CB  HB3  sing N N 228 
MET CG  SD   sing N N 229 
MET CG  HG2  sing N N 230 
MET CG  HG3  sing N N 231 
MET SD  CE   sing N N 232 
MET CE  HE1  sing N N 233 
MET CE  HE2  sing N N 234 
MET CE  HE3  sing N N 235 
MET OXT HXT  sing N N 236 
PG4 O1  C1   sing N N 237 
PG4 O1  HO1  sing N N 238 
PG4 C1  C2   sing N N 239 
PG4 C1  H11  sing N N 240 
PG4 C1  H12  sing N N 241 
PG4 C2  O2   sing N N 242 
PG4 C2  H21  sing N N 243 
PG4 C2  H22  sing N N 244 
PG4 O2  C3   sing N N 245 
PG4 C3  C4   sing N N 246 
PG4 C3  H31  sing N N 247 
PG4 C3  H32  sing N N 248 
PG4 C4  O3   sing N N 249 
PG4 C4  H41  sing N N 250 
PG4 C4  H42  sing N N 251 
PG4 O3  C5   sing N N 252 
PG4 C5  C6   sing N N 253 
PG4 C5  H51  sing N N 254 
PG4 C5  H52  sing N N 255 
PG4 C6  O4   sing N N 256 
PG4 C6  H61  sing N N 257 
PG4 C6  H62  sing N N 258 
PG4 O4  C7   sing N N 259 
PG4 C7  C8   sing N N 260 
PG4 C7  H71  sing N N 261 
PG4 C7  H72  sing N N 262 
PG4 C8  O5   sing N N 263 
PG4 C8  H81  sing N N 264 
PG4 C8  H82  sing N N 265 
PG4 O5  HO5  sing N N 266 
PHE N   CA   sing N N 267 
PHE N   H    sing N N 268 
PHE N   H2   sing N N 269 
PHE CA  C    sing N N 270 
PHE CA  CB   sing N N 271 
PHE CA  HA   sing N N 272 
PHE C   O    doub N N 273 
PHE C   OXT  sing N N 274 
PHE CB  CG   sing N N 275 
PHE CB  HB2  sing N N 276 
PHE CB  HB3  sing N N 277 
PHE CG  CD1  doub Y N 278 
PHE CG  CD2  sing Y N 279 
PHE CD1 CE1  sing Y N 280 
PHE CD1 HD1  sing N N 281 
PHE CD2 CE2  doub Y N 282 
PHE CD2 HD2  sing N N 283 
PHE CE1 CZ   doub Y N 284 
PHE CE1 HE1  sing N N 285 
PHE CE2 CZ   sing Y N 286 
PHE CE2 HE2  sing N N 287 
PHE CZ  HZ   sing N N 288 
PHE OXT HXT  sing N N 289 
PRO N   CA   sing N N 290 
PRO N   CD   sing N N 291 
PRO N   H    sing N N 292 
PRO CA  C    sing N N 293 
PRO CA  CB   sing N N 294 
PRO CA  HA   sing N N 295 
PRO C   O    doub N N 296 
PRO C   OXT  sing N N 297 
PRO CB  CG   sing N N 298 
PRO CB  HB2  sing N N 299 
PRO CB  HB3  sing N N 300 
PRO CG  CD   sing N N 301 
PRO CG  HG2  sing N N 302 
PRO CG  HG3  sing N N 303 
PRO CD  HD2  sing N N 304 
PRO CD  HD3  sing N N 305 
PRO OXT HXT  sing N N 306 
SER N   CA   sing N N 307 
SER N   H    sing N N 308 
SER N   H2   sing N N 309 
SER CA  C    sing N N 310 
SER CA  CB   sing N N 311 
SER CA  HA   sing N N 312 
SER C   O    doub N N 313 
SER C   OXT  sing N N 314 
SER CB  OG   sing N N 315 
SER CB  HB2  sing N N 316 
SER CB  HB3  sing N N 317 
SER OG  HG   sing N N 318 
SER OXT HXT  sing N N 319 
THR N   CA   sing N N 320 
THR N   H    sing N N 321 
THR N   H2   sing N N 322 
THR CA  C    sing N N 323 
THR CA  CB   sing N N 324 
THR CA  HA   sing N N 325 
THR C   O    doub N N 326 
THR C   OXT  sing N N 327 
THR CB  OG1  sing N N 328 
THR CB  CG2  sing N N 329 
THR CB  HB   sing N N 330 
THR OG1 HG1  sing N N 331 
THR CG2 HG21 sing N N 332 
THR CG2 HG22 sing N N 333 
THR CG2 HG23 sing N N 334 
THR OXT HXT  sing N N 335 
TYR N   CA   sing N N 336 
TYR N   H    sing N N 337 
TYR N   H2   sing N N 338 
TYR CA  C    sing N N 339 
TYR CA  CB   sing N N 340 
TYR CA  HA   sing N N 341 
TYR C   O    doub N N 342 
TYR C   OXT  sing N N 343 
TYR CB  CG   sing N N 344 
TYR CB  HB2  sing N N 345 
TYR CB  HB3  sing N N 346 
TYR CG  CD1  doub Y N 347 
TYR CG  CD2  sing Y N 348 
TYR CD1 CE1  sing Y N 349 
TYR CD1 HD1  sing N N 350 
TYR CD2 CE2  doub Y N 351 
TYR CD2 HD2  sing N N 352 
TYR CE1 CZ   doub Y N 353 
TYR CE1 HE1  sing N N 354 
TYR CE2 CZ   sing Y N 355 
TYR CE2 HE2  sing N N 356 
TYR CZ  OH   sing N N 357 
TYR OH  HH   sing N N 358 
TYR OXT HXT  sing N N 359 
VAL N   CA   sing N N 360 
VAL N   H    sing N N 361 
VAL N   H2   sing N N 362 
VAL CA  C    sing N N 363 
VAL CA  CB   sing N N 364 
VAL CA  HA   sing N N 365 
VAL C   O    doub N N 366 
VAL C   OXT  sing N N 367 
VAL CB  CG1  sing N N 368 
VAL CB  CG2  sing N N 369 
VAL CB  HB   sing N N 370 
VAL CG1 HG11 sing N N 371 
VAL CG1 HG12 sing N N 372 
VAL CG1 HG13 sing N N 373 
VAL CG2 HG21 sing N N 374 
VAL CG2 HG22 sing N N 375 
VAL CG2 HG23 sing N N 376 
VAL OXT HXT  sing N N 377 
# 
loop_
_pdbx_audit_support.funding_organization 
_pdbx_audit_support.country 
_pdbx_audit_support.grant_number 
_pdbx_audit_support.ordinal 
'National Institutes of Health/National Institute of General Medical Sciences (NIH/NIGMS)' 'United States' 'R35GM 118157' 1 
'Pew Charitable Trusts'                                                                    'United States' ?              2 
# 
_pdbx_entity_instance_feature.ordinal        1 
_pdbx_entity_instance_feature.comp_id        ZN 
_pdbx_entity_instance_feature.asym_id        ? 
_pdbx_entity_instance_feature.seq_num        ? 
_pdbx_entity_instance_feature.auth_comp_id   ZN 
_pdbx_entity_instance_feature.auth_asym_id   ? 
_pdbx_entity_instance_feature.auth_seq_num   ? 
_pdbx_entity_instance_feature.feature_type   'SUBJECT OF INVESTIGATION' 
_pdbx_entity_instance_feature.details        ? 
# 
loop_
_pdbx_entity_nonpoly.entity_id 
_pdbx_entity_nonpoly.name 
_pdbx_entity_nonpoly.comp_id 
2 'ZINC ION'             ZN  
3 'CHLORIDE ION'         CL  
4 'TETRAETHYLENE GLYCOL' PG4 
5 GLYCEROL               GOL 
6 water                  HOH 
# 
_pdbx_initial_refinement_model.id               1 
_pdbx_initial_refinement_model.entity_id_list   ? 
_pdbx_initial_refinement_model.type             'experimental model' 
_pdbx_initial_refinement_model.source_name      PDB 
_pdbx_initial_refinement_model.accession_code   1R1U 
_pdbx_initial_refinement_model.details          ? 
# 
_pdbx_struct_assembly_auth_evidence.id                     1 
_pdbx_struct_assembly_auth_evidence.assembly_id            1 
_pdbx_struct_assembly_auth_evidence.experimental_support   'gel filtration' 
_pdbx_struct_assembly_auth_evidence.details                NMR 
# 
